data_6P1J
#
_entry.id   6P1J
#
_cell.length_a   110.857
_cell.length_b   399.875
_cell.length_c   144.116
_cell.angle_alpha   90.00
_cell.angle_beta   90.00
_cell.angle_gamma   90.00
#
_symmetry.space_group_name_H-M   'C 2 2 21'
#
loop_
_entity.id
_entity.type
_entity.pdbx_description
1 polymer Txo2
2 non-polymer 'FORMIC ACID'
3 non-polymer 'CITRATE ANION'
4 non-polymer 'ACETATE ION'
5 non-polymer 'CHLORIDE ION'
6 non-polymer GLYCEROL
7 non-polymer 'SULFATE ION'
8 water water
#
_entity_poly.entity_id   1
_entity_poly.type   'polypeptide(L)'
_entity_poly.pdbx_seq_one_letter_code
;SNADRWPLSYAQQRLWFLAQMGQAASSAYHIAGGLTLRGHLDEGALQAALDRIVQRHEALRTRFELQDGQPVQRIDAPRP
FALFRQALGAGEAELAHWQQVEAQTPFDLGTGPLIRGRLLKRNEQEHVLLLTMHHIVSDGWSMGVLARELGALYRAYAEE
KIGPEIDPLPALPLQYADYAVWQRRWLNGELQQRQLAYWQQQMAGAPALVSLPTDRPRPALQDYRGEVVDIELDAALSAG
LKRLSQRHGTTLYMTVLAAWAALVARLAGQSEVVIGSPVANRQRAELEGLIGFFVNTLALRIDLGGDPSVAQLLAQVRER
VLAAQSHQDLPFEQVVEALKPERSLSHSPVFQLMLSWQSGPQPGLKLGGLGLDALPAGSRRSAQFDLSLELQDRGDGTIA
GSLTYASALYERETVQRHAGYLKALLAGMAADDTQPVQRIGILGEAERHRLLVEWNDTAREHPRTVCVHELFEQQVERSP
EAVALVYEGQQLSYRELDRQANRLARQLKALGVGPDERVAVCTERCLEMVVALLAVLKAGGAYVPLDPGYPAERLEYMLA
DSAPKVLLRQSGQTLEPGAGVAVLALDGEASQPWQAQPAQRLSRDDSGVQPHHLAYVIYTSGSTGRPKGVMVEHAGVVNR
LLWMQRAYGLQPQEAVLQKTPFGFDVSVWEFFWPLAVGARLVMARPQGQQDPAYLVETIVGQDIGTLHFVPSMLQAFVDS
EGVQRCRGVRRIVCSGEALPGALARRLRQQLPQVELHNLYGPTEATVDVTAWACDAAELPDNIPIGRPVDNTTMYVLDAH
GQPVPTGVAGEIHIGGVQVARGYLGRPELTRERFVPDPYAGRPGARLYKTGDLGRWLPDGTLEYLGRNDHQVKIRGLRIE
LGEIEAQLARQPGVREAVVLARQDRPGDPRLVAYLLAEPAAAPDAQVLRAALMQVLPEYMVPAAYVAMPAWPLTPNGKLD
RKAL
;
_entity_poly.pdbx_strand_id   A,B
#
# COMPACT_ATOMS: atom_id res chain seq x y z
N ALA A 3 -14.53 1.35 60.63
CA ALA A 3 -13.81 1.36 59.35
C ALA A 3 -13.01 0.08 59.17
N ASP A 4 -13.71 -1.01 58.89
CA ASP A 4 -13.08 -2.31 58.70
C ASP A 4 -12.64 -2.46 57.24
N ARG A 5 -11.35 -2.70 57.05
CA ARG A 5 -10.76 -2.88 55.73
C ARG A 5 -10.13 -4.27 55.65
N TRP A 6 -10.68 -5.13 54.80
CA TRP A 6 -10.19 -6.48 54.61
C TRP A 6 -9.36 -6.58 53.34
N PRO A 7 -8.45 -7.54 53.24
CA PRO A 7 -7.61 -7.66 52.04
C PRO A 7 -8.36 -8.31 50.89
N LEU A 8 -7.78 -8.15 49.69
CA LEU A 8 -8.31 -8.77 48.49
C LEU A 8 -7.70 -10.16 48.30
N SER A 9 -8.50 -11.06 47.73
CA SER A 9 -7.97 -12.34 47.29
C SER A 9 -7.07 -12.13 46.07
N TYR A 10 -6.34 -13.19 45.70
CA TYR A 10 -5.45 -13.09 44.55
C TYR A 10 -6.22 -12.82 43.27
N ALA A 11 -7.38 -13.46 43.10
CA ALA A 11 -8.18 -13.23 41.90
C ALA A 11 -8.76 -11.83 41.87
N GLN A 12 -9.05 -11.25 43.04
CA GLN A 12 -9.57 -9.89 43.08
C GLN A 12 -8.48 -8.86 42.80
N GLN A 13 -7.26 -9.08 43.29
CA GLN A 13 -6.17 -8.16 43.01
C GLN A 13 -5.82 -8.12 41.53
N ARG A 14 -6.01 -9.24 40.83
CA ARG A 14 -5.73 -9.26 39.40
C ARG A 14 -6.76 -8.45 38.62
N LEU A 15 -8.04 -8.55 39.00
CA LEU A 15 -9.07 -7.76 38.34
C LEU A 15 -8.92 -6.28 38.65
N TRP A 16 -8.53 -5.95 39.89
CA TRP A 16 -8.27 -4.55 40.24
C TRP A 16 -7.08 -4.01 39.45
N PHE A 17 -6.02 -4.81 39.32
CA PHE A 17 -4.86 -4.37 38.56
C PHE A 17 -5.20 -4.21 37.08
N LEU A 18 -6.06 -5.09 36.55
CA LEU A 18 -6.51 -4.95 35.17
C LEU A 18 -7.44 -3.76 35.00
N ALA A 19 -8.26 -3.47 36.02
CA ALA A 19 -9.20 -2.35 35.91
C ALA A 19 -8.46 -1.01 35.91
N GLN A 20 -7.38 -0.90 36.70
CA GLN A 20 -6.63 0.35 36.73
C GLN A 20 -5.93 0.61 35.40
N MET A 21 -5.56 -0.45 34.67
CA MET A 21 -4.98 -0.30 33.34
C MET A 21 -6.03 -0.09 32.25
N GLY A 22 -7.30 -0.31 32.56
CA GLY A 22 -8.33 -0.20 31.55
C GLY A 22 -8.52 -1.43 30.70
N GLN A 23 -8.29 -2.62 31.25
CA GLN A 23 -8.39 -3.86 30.50
C GLN A 23 -9.48 -4.80 31.04
N ALA A 24 -10.16 -4.44 32.11
CA ALA A 24 -11.29 -5.20 32.64
C ALA A 24 -12.63 -4.67 32.11
N ALA A 25 -12.64 -4.13 30.90
CA ALA A 25 -13.83 -3.55 30.31
C ALA A 25 -14.61 -4.53 29.43
N SER A 26 -14.17 -5.78 29.36
CA SER A 26 -14.82 -6.76 28.51
C SER A 26 -16.13 -7.26 29.15
N SER A 27 -16.95 -7.92 28.32
CA SER A 27 -18.16 -8.55 28.83
C SER A 27 -17.86 -9.80 29.64
N ALA A 28 -16.68 -10.39 29.48
CA ALA A 28 -16.32 -11.60 30.20
C ALA A 28 -16.08 -11.35 31.68
N TYR A 29 -15.94 -10.09 32.10
CA TYR A 29 -15.75 -9.75 33.50
C TYR A 29 -17.06 -9.38 34.18
N HIS A 30 -18.20 -9.68 33.56
N HIS A 30 -18.20 -9.68 33.56
CA HIS A 30 -19.52 -9.44 34.14
CA HIS A 30 -19.52 -9.44 34.14
C HIS A 30 -20.30 -10.74 34.16
C HIS A 30 -20.29 -10.75 34.16
N ILE A 31 -20.83 -11.09 35.32
CA ILE A 31 -21.58 -12.33 35.50
C ILE A 31 -23.06 -11.98 35.32
N ALA A 32 -23.61 -12.32 34.16
CA ALA A 32 -24.97 -11.94 33.79
C ALA A 32 -25.87 -13.17 33.80
N GLY A 33 -27.08 -12.99 34.35
CA GLY A 33 -28.08 -14.05 34.34
C GLY A 33 -29.45 -13.46 34.11
N GLY A 34 -30.44 -14.35 33.99
CA GLY A 34 -31.80 -13.92 33.73
C GLY A 34 -32.79 -15.01 34.09
N LEU A 35 -34.00 -14.59 34.44
CA LEU A 35 -35.08 -15.50 34.80
C LEU A 35 -36.38 -14.97 34.21
N THR A 36 -37.15 -15.88 33.59
CA THR A 36 -38.49 -15.56 33.12
C THR A 36 -39.50 -15.92 34.20
N LEU A 37 -40.40 -15.00 34.51
CA LEU A 37 -41.34 -15.14 35.62
C LEU A 37 -42.76 -15.21 35.05
N ARG A 38 -43.25 -16.43 34.85
CA ARG A 38 -44.60 -16.64 34.31
C ARG A 38 -45.57 -16.73 35.48
N GLY A 39 -46.49 -15.77 35.57
CA GLY A 39 -47.49 -15.73 36.61
C GLY A 39 -47.54 -14.39 37.28
N HIS A 40 -48.48 -14.26 38.21
CA HIS A 40 -48.62 -13.01 38.96
C HIS A 40 -47.41 -12.82 39.87
N LEU A 41 -46.99 -11.56 40.00
CA LEU A 41 -45.75 -11.21 40.67
C LEU A 41 -46.04 -10.35 41.89
N ASP A 42 -45.60 -10.81 43.06
CA ASP A 42 -45.67 -10.03 44.29
C ASP A 42 -44.43 -9.13 44.30
N GLU A 43 -44.57 -7.93 43.73
CA GLU A 43 -43.44 -7.03 43.61
C GLU A 43 -42.91 -6.58 44.95
N GLY A 44 -43.74 -6.59 45.99
CA GLY A 44 -43.25 -6.26 47.32
C GLY A 44 -42.41 -7.37 47.92
N ALA A 45 -42.77 -8.62 47.64
CA ALA A 45 -41.99 -9.74 48.15
C ALA A 45 -40.69 -9.92 47.37
N LEU A 46 -40.73 -9.66 46.06
CA LEU A 46 -39.51 -9.73 45.27
C LEU A 46 -38.50 -8.67 45.71
N GLN A 47 -38.99 -7.49 46.09
CA GLN A 47 -38.10 -6.47 46.63
C GLN A 47 -37.52 -6.90 47.97
N ALA A 48 -38.33 -7.57 48.80
CA ALA A 48 -37.83 -8.04 50.09
C ALA A 48 -36.84 -9.18 49.92
N ALA A 49 -36.97 -9.96 48.85
CA ALA A 49 -36.01 -11.04 48.60
C ALA A 49 -34.67 -10.47 48.13
N LEU A 50 -34.70 -9.51 47.21
CA LEU A 50 -33.47 -8.89 46.75
C LEU A 50 -32.80 -8.07 47.84
N ASP A 51 -33.59 -7.46 48.74
CA ASP A 51 -33.01 -6.72 49.84
C ASP A 51 -32.36 -7.65 50.86
N ARG A 52 -32.88 -8.87 51.01
CA ARG A 52 -32.30 -9.80 51.97
C ARG A 52 -31.02 -10.43 51.45
N ILE A 53 -30.88 -10.56 50.13
CA ILE A 53 -29.67 -11.15 49.56
C ILE A 53 -28.46 -10.25 49.79
N VAL A 54 -28.64 -8.94 49.56
CA VAL A 54 -27.54 -8.01 49.85
C VAL A 54 -27.34 -7.88 51.35
N GLN A 55 -28.39 -8.13 52.14
CA GLN A 55 -28.23 -8.14 53.60
C GLN A 55 -27.39 -9.34 54.05
N ARG A 56 -27.59 -10.49 53.41
CA ARG A 56 -26.87 -11.70 53.81
C ARG A 56 -25.42 -11.67 53.36
N HIS A 57 -25.19 -11.52 52.06
CA HIS A 57 -23.85 -11.59 51.48
C HIS A 57 -23.22 -10.21 51.51
N GLU A 58 -22.21 -10.03 52.38
CA GLU A 58 -21.52 -8.75 52.44
C GLU A 58 -20.58 -8.54 51.26
N ALA A 59 -20.43 -9.53 50.38
CA ALA A 59 -19.69 -9.30 49.15
C ALA A 59 -20.47 -8.40 48.21
N LEU A 60 -21.79 -8.50 48.20
CA LEU A 60 -22.63 -7.63 47.40
C LEU A 60 -22.74 -6.22 47.98
N ARG A 61 -22.13 -5.96 49.13
CA ARG A 61 -22.03 -4.62 49.71
C ARG A 61 -20.60 -4.11 49.70
N THR A 62 -19.75 -4.65 48.82
CA THR A 62 -18.31 -4.43 48.87
C THR A 62 -17.88 -3.36 47.87
N ARG A 63 -17.10 -2.40 48.33
CA ARG A 63 -16.41 -1.43 47.51
C ARG A 63 -14.92 -1.72 47.52
N PHE A 64 -14.19 -1.03 46.64
CA PHE A 64 -12.75 -1.21 46.51
C PHE A 64 -12.07 0.14 46.43
N GLU A 65 -11.06 0.34 47.28
CA GLU A 65 -10.33 1.60 47.33
C GLU A 65 -8.89 1.32 47.72
N LEU A 66 -8.08 2.38 47.71
CA LEU A 66 -6.67 2.29 48.04
C LEU A 66 -6.44 2.55 49.52
N GLN A 67 -5.33 2.00 50.03
CA GLN A 67 -4.92 2.25 51.41
C GLN A 67 -3.44 1.95 51.50
N ASP A 68 -2.64 3.00 51.77
CA ASP A 68 -1.17 2.90 51.80
C ASP A 68 -0.62 2.38 50.47
N GLY A 69 -1.29 2.70 49.37
CA GLY A 69 -0.85 2.27 48.05
C GLY A 69 -1.56 1.03 47.55
N GLN A 70 -1.77 0.04 48.43
CA GLN A 70 -2.38 -1.22 48.07
C GLN A 70 -3.90 -1.14 48.18
N PRO A 71 -4.62 -1.93 47.39
CA PRO A 71 -6.08 -1.91 47.46
C PRO A 71 -6.61 -2.69 48.66
N VAL A 72 -7.76 -2.25 49.15
CA VAL A 72 -8.43 -2.88 50.28
C VAL A 72 -9.89 -3.15 49.90
N GLN A 73 -10.55 -3.96 50.72
CA GLN A 73 -11.90 -4.43 50.46
C GLN A 73 -12.84 -3.83 51.51
N ARG A 74 -13.49 -2.72 51.14
CA ARG A 74 -14.38 -2.00 52.05
C ARG A 74 -15.79 -2.58 51.97
N ILE A 75 -16.47 -2.62 53.11
CA ILE A 75 -17.81 -3.18 53.22
C ILE A 75 -18.74 -2.13 53.81
N ASP A 76 -19.90 -1.95 53.18
CA ASP A 76 -20.88 -0.97 53.61
C ASP A 76 -21.97 -1.64 54.43
N ALA A 77 -22.91 -0.82 54.90
CA ALA A 77 -24.09 -1.30 55.60
C ALA A 77 -25.16 -1.72 54.60
N PRO A 78 -26.07 -2.60 55.00
CA PRO A 78 -27.13 -3.03 54.07
C PRO A 78 -27.96 -1.86 53.55
N ARG A 79 -28.54 -2.05 52.37
CA ARG A 79 -29.28 -1.01 51.69
C ARG A 79 -30.21 -1.68 50.68
N PRO A 80 -31.28 -0.99 50.27
CA PRO A 80 -32.22 -1.61 49.32
C PRO A 80 -31.57 -1.89 47.97
N PHE A 81 -32.11 -2.88 47.27
CA PHE A 81 -31.58 -3.30 45.98
C PHE A 81 -31.95 -2.30 44.89
N ALA A 82 -31.02 -2.08 43.97
CA ALA A 82 -31.23 -1.16 42.86
C ALA A 82 -31.88 -1.92 41.70
N LEU A 83 -33.20 -2.06 41.80
CA LEU A 83 -34.00 -2.76 40.79
C LEU A 83 -34.72 -1.74 39.93
N PHE A 84 -34.41 -1.74 38.63
CA PHE A 84 -34.99 -0.80 37.68
C PHE A 84 -36.17 -1.46 36.98
N ARG A 85 -37.34 -0.84 37.09
CA ARG A 85 -38.54 -1.32 36.40
C ARG A 85 -38.68 -0.63 35.06
N GLN A 86 -39.20 -1.38 34.08
CA GLN A 86 -39.42 -0.86 32.73
C GLN A 86 -40.30 -1.86 31.99
N ALA A 87 -40.73 -1.45 30.80
CA ALA A 87 -41.58 -2.28 29.97
C ALA A 87 -40.74 -3.12 29.00
N LEU A 88 -41.40 -4.04 28.31
CA LEU A 88 -40.73 -4.92 27.36
C LEU A 88 -41.74 -5.45 26.37
N GLY A 89 -41.53 -5.16 25.09
CA GLY A 89 -42.40 -5.70 24.05
C GLY A 89 -41.99 -7.10 23.64
N ALA A 90 -42.99 -7.88 23.24
CA ALA A 90 -42.74 -9.26 22.84
C ALA A 90 -41.87 -9.30 21.58
N GLY A 91 -40.83 -10.14 21.62
CA GLY A 91 -39.92 -10.26 20.50
C GLY A 91 -38.56 -10.76 20.93
N GLU A 92 -37.98 -11.67 20.15
CA GLU A 92 -36.68 -12.24 20.50
C GLU A 92 -35.57 -11.21 20.42
N ALA A 93 -35.72 -10.20 19.56
CA ALA A 93 -34.68 -9.17 19.43
C ALA A 93 -34.79 -8.11 20.50
N GLU A 94 -36.01 -7.79 20.95
CA GLU A 94 -36.17 -6.76 21.98
C GLU A 94 -35.61 -7.22 23.32
N LEU A 95 -35.76 -8.51 23.64
CA LEU A 95 -35.21 -9.02 24.89
C LEU A 95 -33.70 -9.15 24.82
N ALA A 96 -33.17 -9.59 23.67
CA ALA A 96 -31.73 -9.77 23.53
C ALA A 96 -30.97 -8.45 23.61
N HIS A 97 -31.64 -7.32 23.41
CA HIS A 97 -30.97 -6.03 23.50
C HIS A 97 -30.66 -5.68 24.95
N TRP A 98 -31.64 -5.86 25.85
CA TRP A 98 -31.48 -5.40 27.22
C TRP A 98 -30.52 -6.30 28.01
N GLN A 99 -30.46 -7.59 27.69
CA GLN A 99 -29.46 -8.44 28.31
C GLN A 99 -28.07 -8.23 27.72
N GLN A 100 -27.99 -7.66 26.51
CA GLN A 100 -26.71 -7.22 25.98
C GLN A 100 -26.24 -5.95 26.67
N VAL A 101 -27.18 -5.05 27.02
CA VAL A 101 -26.82 -3.84 27.76
C VAL A 101 -26.34 -4.20 29.16
N GLU A 102 -26.98 -5.19 29.79
CA GLU A 102 -26.56 -5.59 31.13
C GLU A 102 -25.16 -6.18 31.14
N ALA A 103 -24.78 -6.89 30.08
CA ALA A 103 -23.45 -7.49 30.01
C ALA A 103 -22.38 -6.50 29.55
N GLN A 104 -22.78 -5.42 28.88
CA GLN A 104 -21.85 -4.44 28.33
C GLN A 104 -21.55 -3.31 29.29
N THR A 105 -22.54 -2.86 30.04
CA THR A 105 -22.39 -1.67 30.88
C THR A 105 -21.38 -1.93 31.99
N PRO A 106 -20.39 -1.06 32.17
CA PRO A 106 -19.38 -1.28 33.20
C PRO A 106 -19.91 -0.92 34.59
N PHE A 107 -19.16 -1.35 35.60
CA PHE A 107 -19.45 -1.06 37.00
C PHE A 107 -18.46 -0.02 37.51
N ASP A 108 -18.79 0.55 38.68
CA ASP A 108 -17.92 1.48 39.39
C ASP A 108 -17.37 0.76 40.60
N LEU A 109 -16.11 0.33 40.53
CA LEU A 109 -15.49 -0.38 41.63
C LEU A 109 -15.20 0.52 42.83
N GLY A 110 -15.24 1.84 42.64
CA GLY A 110 -14.94 2.75 43.72
C GLY A 110 -16.13 3.05 44.62
N THR A 111 -17.31 3.21 44.02
CA THR A 111 -18.52 3.55 44.77
C THR A 111 -19.59 2.47 44.73
N GLY A 112 -19.62 1.63 43.70
CA GLY A 112 -20.64 0.63 43.56
C GLY A 112 -21.92 1.21 42.99
N PRO A 113 -23.01 0.43 43.01
CA PRO A 113 -23.04 -0.95 43.52
C PRO A 113 -22.53 -1.95 42.48
N LEU A 114 -22.04 -3.09 42.95
CA LEU A 114 -21.49 -4.11 42.07
C LEU A 114 -22.50 -5.21 41.75
N ILE A 115 -23.77 -4.99 42.03
CA ILE A 115 -24.85 -5.88 41.61
C ILE A 115 -26.05 -5.03 41.23
N ARG A 116 -26.67 -5.37 40.10
CA ARG A 116 -27.81 -4.62 39.60
C ARG A 116 -28.75 -5.56 38.88
N GLY A 117 -29.95 -5.07 38.57
CA GLY A 117 -30.95 -5.87 37.91
C GLY A 117 -31.94 -5.02 37.14
N ARG A 118 -32.76 -5.71 36.33
CA ARG A 118 -33.80 -5.07 35.55
C ARG A 118 -35.03 -5.98 35.54
N LEU A 119 -36.17 -5.45 35.96
CA LEU A 119 -37.43 -6.18 35.95
C LEU A 119 -38.22 -5.75 34.72
N LEU A 120 -38.06 -6.48 33.63
CA LEU A 120 -38.72 -6.18 32.37
C LEU A 120 -40.14 -6.73 32.40
N LYS A 121 -41.13 -5.85 32.42
CA LYS A 121 -42.53 -6.25 32.46
C LYS A 121 -43.05 -6.41 31.04
N ARG A 122 -43.56 -7.61 30.73
CA ARG A 122 -44.12 -7.91 29.42
C ARG A 122 -45.64 -7.85 29.44
N ASN A 123 -46.27 -8.63 30.31
CA ASN A 123 -47.71 -8.62 30.52
C ASN A 123 -47.99 -8.35 32.00
N GLU A 124 -49.26 -8.49 32.38
CA GLU A 124 -49.62 -8.40 33.78
C GLU A 124 -49.33 -9.68 34.54
N GLN A 125 -48.90 -10.74 33.85
CA GLN A 125 -48.54 -12.00 34.49
C GLN A 125 -47.33 -12.64 33.82
N GLU A 126 -46.38 -11.83 33.35
CA GLU A 126 -45.14 -12.35 32.78
C GLU A 126 -44.08 -11.26 32.87
N HIS A 127 -42.97 -11.57 33.54
CA HIS A 127 -41.86 -10.64 33.69
C HIS A 127 -40.56 -11.36 33.35
N VAL A 128 -39.53 -10.56 33.06
CA VAL A 128 -38.19 -11.07 32.79
C VAL A 128 -37.24 -10.33 33.71
N LEU A 129 -36.67 -11.05 34.68
CA LEU A 129 -35.76 -10.47 35.67
C LEU A 129 -34.33 -10.75 35.25
N LEU A 130 -33.62 -9.71 34.84
CA LEU A 130 -32.20 -9.82 34.56
C LEU A 130 -31.39 -9.45 35.80
N LEU A 131 -30.32 -10.20 36.04
CA LEU A 131 -29.44 -9.97 37.18
C LEU A 131 -28.00 -10.04 36.72
N THR A 132 -27.21 -9.02 37.08
CA THR A 132 -25.83 -8.91 36.65
C THR A 132 -24.99 -8.38 37.80
N MET A 133 -23.84 -9.01 38.03
CA MET A 133 -22.91 -8.57 39.07
C MET A 133 -21.49 -8.70 38.55
N HIS A 134 -20.62 -7.83 39.05
CA HIS A 134 -19.22 -7.82 38.62
C HIS A 134 -18.52 -9.10 39.04
N HIS A 135 -17.52 -9.51 38.24
CA HIS A 135 -16.80 -10.76 38.48
C HIS A 135 -15.85 -10.67 39.68
N ILE A 136 -15.47 -9.48 40.13
CA ILE A 136 -14.68 -9.34 41.35
C ILE A 136 -15.47 -9.68 42.60
N VAL A 137 -16.75 -10.03 42.48
CA VAL A 137 -17.64 -10.26 43.64
C VAL A 137 -18.38 -11.58 43.47
N SER A 138 -18.34 -12.15 42.26
CA SER A 138 -19.13 -13.32 41.93
C SER A 138 -18.37 -14.19 40.94
N ASP A 139 -18.98 -15.33 40.62
CA ASP A 139 -18.52 -16.25 39.59
C ASP A 139 -19.74 -17.01 39.06
N GLY A 140 -19.48 -18.04 38.26
CA GLY A 140 -20.58 -18.82 37.70
C GLY A 140 -21.38 -19.54 38.76
N TRP A 141 -20.70 -20.11 39.76
CA TRP A 141 -21.38 -20.76 40.87
C TRP A 141 -22.26 -19.77 41.63
N SER A 142 -21.85 -18.50 41.70
CA SER A 142 -22.61 -17.52 42.47
C SER A 142 -23.98 -17.24 41.86
N MET A 143 -24.09 -17.27 40.53
CA MET A 143 -25.39 -17.09 39.90
C MET A 143 -26.34 -18.21 40.27
N GLY A 144 -25.83 -19.45 40.38
CA GLY A 144 -26.66 -20.53 40.84
C GLY A 144 -27.08 -20.35 42.28
N VAL A 145 -26.20 -19.78 43.11
CA VAL A 145 -26.58 -19.46 44.48
C VAL A 145 -27.58 -18.33 44.51
N LEU A 146 -27.39 -17.32 43.64
CA LEU A 146 -28.30 -16.18 43.61
C LEU A 146 -29.71 -16.60 43.22
N ALA A 147 -29.83 -17.41 42.17
CA ALA A 147 -31.15 -17.83 41.71
C ALA A 147 -31.80 -18.79 42.70
N ARG A 148 -31.02 -19.69 43.28
CA ARG A 148 -31.57 -20.63 44.28
C ARG A 148 -31.99 -19.89 45.54
N GLU A 149 -31.18 -18.91 45.98
CA GLU A 149 -31.51 -18.16 47.18
C GLU A 149 -32.63 -17.16 46.94
N LEU A 150 -32.76 -16.65 45.70
CA LEU A 150 -33.83 -15.73 45.39
C LEU A 150 -35.18 -16.45 45.31
N GLY A 151 -35.19 -17.65 44.74
CA GLY A 151 -36.44 -18.39 44.62
C GLY A 151 -37.00 -18.85 45.96
N ALA A 152 -36.13 -19.15 46.92
CA ALA A 152 -36.60 -19.56 48.23
C ALA A 152 -37.04 -18.36 49.08
N LEU A 153 -36.40 -17.20 48.90
CA LEU A 153 -36.79 -16.02 49.64
C LEU A 153 -38.13 -15.47 49.16
N TYR A 154 -38.36 -15.47 47.84
CA TYR A 154 -39.63 -15.00 47.30
C TYR A 154 -40.76 -15.95 47.70
N ARG A 155 -40.54 -17.26 47.57
CA ARG A 155 -41.56 -18.23 47.93
C ARG A 155 -41.90 -18.19 49.41
N ALA A 156 -41.01 -17.64 50.24
CA ALA A 156 -41.29 -17.48 51.66
C ALA A 156 -41.97 -16.16 51.98
N TYR A 157 -41.54 -15.07 51.31
CA TYR A 157 -42.15 -13.77 51.57
C TYR A 157 -43.51 -13.63 50.90
N ALA A 158 -43.68 -14.20 49.71
CA ALA A 158 -44.91 -14.06 48.96
C ALA A 158 -45.95 -15.11 49.33
N GLU A 159 -45.58 -16.39 49.25
CA GLU A 159 -46.54 -17.47 49.45
C GLU A 159 -46.72 -17.84 50.92
N GLU A 160 -45.63 -17.87 51.70
CA GLU A 160 -45.72 -18.18 53.11
C GLU A 160 -46.08 -16.97 53.96
N LYS A 161 -46.00 -15.76 53.40
CA LYS A 161 -46.30 -14.51 54.11
C LYS A 161 -45.40 -14.33 55.33
N ILE A 162 -44.13 -14.68 55.17
CA ILE A 162 -43.14 -14.43 56.21
C ILE A 162 -42.77 -12.95 56.18
N GLY A 163 -42.62 -12.35 57.36
CA GLY A 163 -42.27 -10.96 57.46
C GLY A 163 -40.91 -10.66 56.88
N PRO A 164 -40.82 -9.59 56.08
CA PRO A 164 -39.51 -9.19 55.54
C PRO A 164 -38.52 -8.76 56.60
N GLU A 165 -38.96 -8.60 57.85
CA GLU A 165 -38.06 -8.25 58.94
C GLU A 165 -37.02 -9.34 59.19
N ILE A 166 -37.42 -10.60 59.09
CA ILE A 166 -36.59 -11.72 59.49
C ILE A 166 -36.06 -12.44 58.26
N ASP A 167 -34.96 -13.18 58.48
CA ASP A 167 -34.31 -13.93 57.42
C ASP A 167 -34.76 -15.38 57.47
N PRO A 168 -35.50 -15.87 56.49
CA PRO A 168 -36.01 -17.26 56.56
C PRO A 168 -35.00 -18.33 56.16
N LEU A 169 -33.83 -17.95 55.68
CA LEU A 169 -32.82 -18.91 55.24
C LEU A 169 -31.68 -19.01 56.26
N PRO A 170 -30.94 -20.12 56.27
CA PRO A 170 -29.86 -20.28 57.25
C PRO A 170 -28.79 -19.20 57.09
N ALA A 171 -28.21 -18.82 58.23
CA ALA A 171 -27.15 -17.82 58.22
C ALA A 171 -25.88 -18.38 57.60
N LEU A 172 -25.09 -17.49 57.00
CA LEU A 172 -23.85 -17.90 56.37
C LEU A 172 -22.79 -18.17 57.44
N PRO A 173 -22.06 -19.30 57.35
CA PRO A 173 -21.03 -19.57 58.36
C PRO A 173 -19.87 -18.59 58.31
N LEU A 174 -19.52 -18.09 57.14
CA LEU A 174 -18.49 -17.07 57.01
C LEU A 174 -18.80 -16.22 55.79
N GLN A 175 -17.97 -15.21 55.55
CA GLN A 175 -18.13 -14.32 54.41
C GLN A 175 -16.90 -14.41 53.52
N TYR A 176 -16.95 -13.70 52.39
CA TYR A 176 -15.84 -13.77 51.45
C TYR A 176 -14.59 -13.10 52.00
N ALA A 177 -14.74 -12.10 52.87
CA ALA A 177 -13.58 -11.46 53.47
C ALA A 177 -12.80 -12.45 54.34
N ASP A 178 -13.49 -13.40 54.97
CA ASP A 178 -12.80 -14.43 55.73
C ASP A 178 -11.99 -15.33 54.82
N TYR A 179 -12.53 -15.66 53.64
CA TYR A 179 -11.81 -16.49 52.69
C TYR A 179 -10.57 -15.79 52.13
N ALA A 180 -10.63 -14.46 51.99
CA ALA A 180 -9.48 -13.73 51.49
C ALA A 180 -8.36 -13.68 52.51
N VAL A 181 -8.70 -13.49 53.79
CA VAL A 181 -7.68 -13.50 54.84
C VAL A 181 -6.99 -14.85 54.91
N TRP A 182 -7.75 -15.92 54.75
CA TRP A 182 -7.16 -17.26 54.75
C TRP A 182 -6.25 -17.47 53.55
N GLN A 183 -6.63 -16.92 52.39
CA GLN A 183 -5.84 -17.12 51.19
C GLN A 183 -4.53 -16.35 51.24
N ARG A 184 -4.56 -15.12 51.76
CA ARG A 184 -3.32 -14.34 51.87
C ARG A 184 -2.31 -15.05 52.76
N ARG A 185 -2.79 -15.67 53.85
CA ARG A 185 -1.89 -16.44 54.70
C ARG A 185 -1.49 -17.75 54.05
N TRP A 186 -2.35 -18.29 53.18
CA TRP A 186 -2.03 -19.56 52.52
C TRP A 186 -0.98 -19.37 51.43
N LEU A 187 -1.04 -18.25 50.71
CA LEU A 187 -0.13 -18.02 49.59
C LEU A 187 1.31 -17.79 50.04
N ASN A 188 1.53 -17.49 51.32
CA ASN A 188 2.86 -17.28 51.85
C ASN A 188 3.43 -18.52 52.54
N GLY A 189 2.66 -19.59 52.65
CA GLY A 189 3.07 -20.78 53.37
C GLY A 189 3.66 -21.84 52.46
N GLU A 190 3.90 -23.01 53.06
CA GLU A 190 4.52 -24.11 52.32
C GLU A 190 3.50 -24.82 51.42
N LEU A 191 2.22 -24.76 51.74
CA LEU A 191 1.21 -25.42 50.92
C LEU A 191 1.15 -24.81 49.52
N GLN A 192 1.47 -23.51 49.40
CA GLN A 192 1.56 -22.90 48.08
C GLN A 192 2.82 -23.37 47.35
N GLN A 193 3.90 -23.63 48.09
CA GLN A 193 5.12 -24.16 47.48
C GLN A 193 4.92 -25.58 46.98
N ARG A 194 4.11 -26.38 47.69
CA ARG A 194 3.87 -27.76 47.27
C ARG A 194 3.11 -27.82 45.95
N GLN A 195 2.03 -27.04 45.85
CA GLN A 195 1.20 -27.08 44.64
C GLN A 195 1.93 -26.46 43.45
N LEU A 196 2.73 -25.41 43.68
CA LEU A 196 3.54 -24.86 42.62
C LEU A 196 4.59 -25.88 42.16
N ALA A 197 5.14 -26.65 43.10
CA ALA A 197 6.09 -27.69 42.75
C ALA A 197 5.43 -28.83 41.99
N TYR A 198 4.17 -29.13 42.30
CA TYR A 198 3.46 -30.19 41.60
C TYR A 198 3.19 -29.80 40.15
N TRP A 199 2.70 -28.59 39.92
CA TRP A 199 2.29 -28.19 38.58
C TRP A 199 3.48 -28.02 37.64
N GLN A 200 4.63 -27.59 38.17
CA GLN A 200 5.83 -27.54 37.35
C GLN A 200 6.23 -28.93 36.87
N GLN A 201 6.21 -29.90 37.78
CA GLN A 201 6.53 -31.27 37.41
C GLN A 201 5.47 -31.86 36.49
N GLN A 202 4.19 -31.55 36.75
CA GLN A 202 3.12 -32.16 35.96
C GLN A 202 3.09 -31.62 34.54
N MET A 203 3.39 -30.34 34.36
CA MET A 203 3.32 -29.70 33.04
C MET A 203 4.69 -29.57 32.37
N ALA A 204 5.73 -30.16 32.95
CA ALA A 204 7.06 -30.08 32.37
C ALA A 204 7.11 -30.86 31.07
N GLY A 205 7.50 -30.18 29.98
CA GLY A 205 7.56 -30.81 28.69
C GLY A 205 6.24 -30.94 27.96
N ALA A 206 5.18 -30.33 28.47
CA ALA A 206 3.89 -30.42 27.81
C ALA A 206 3.88 -29.55 26.55
N PRO A 207 3.08 -29.91 25.55
CA PRO A 207 3.00 -29.08 24.34
C PRO A 207 2.41 -27.72 24.65
N ALA A 208 3.15 -26.68 24.27
CA ALA A 208 2.73 -25.31 24.59
C ALA A 208 1.52 -24.90 23.76
N LEU A 209 1.53 -25.20 22.45
CA LEU A 209 0.46 -24.81 21.55
C LEU A 209 -0.09 -26.05 20.85
N VAL A 210 -1.43 -26.14 20.78
CA VAL A 210 -2.06 -27.23 20.05
C VAL A 210 -1.93 -26.99 18.56
N SER A 211 -1.81 -28.08 17.80
CA SER A 211 -1.65 -27.97 16.36
C SER A 211 -2.88 -28.48 15.63
N LEU A 212 -4.06 -28.06 16.06
CA LEU A 212 -5.29 -28.45 15.37
C LEU A 212 -5.32 -27.81 13.97
N PRO A 213 -5.67 -28.58 12.95
CA PRO A 213 -5.77 -27.99 11.59
C PRO A 213 -6.91 -27.01 11.50
N THR A 214 -6.59 -25.77 11.13
CA THR A 214 -7.56 -24.69 11.04
C THR A 214 -7.81 -24.34 9.58
N ASP A 215 -8.98 -23.72 9.34
CA ASP A 215 -9.31 -23.29 7.98
C ASP A 215 -8.47 -22.10 7.56
N ARG A 216 -7.99 -21.31 8.52
CA ARG A 216 -7.12 -20.17 8.27
C ARG A 216 -6.03 -20.14 9.31
N PRO A 217 -4.84 -19.66 8.97
CA PRO A 217 -3.76 -19.58 9.96
C PRO A 217 -4.11 -18.61 11.07
N ARG A 218 -3.54 -18.85 12.24
CA ARG A 218 -3.88 -17.98 13.36
C ARG A 218 -3.13 -16.66 13.25
N PRO A 219 -3.81 -15.54 13.53
CA PRO A 219 -3.16 -14.24 13.38
C PRO A 219 -2.16 -13.97 14.50
N ALA A 220 -1.33 -12.95 14.28
CA ALA A 220 -0.33 -12.58 15.27
C ALA A 220 -0.99 -12.09 16.55
N LEU A 221 -2.06 -11.31 16.43
CA LEU A 221 -2.85 -10.86 17.57
C LEU A 221 -4.14 -11.67 17.62
N GLN A 222 -4.44 -12.23 18.79
CA GLN A 222 -5.56 -13.14 18.92
C GLN A 222 -6.89 -12.43 18.69
N ASP A 223 -7.73 -13.02 17.85
CA ASP A 223 -9.06 -12.49 17.55
C ASP A 223 -10.04 -13.14 18.52
N TYR A 224 -10.55 -12.36 19.47
CA TYR A 224 -11.45 -12.86 20.49
C TYR A 224 -12.89 -13.00 20.03
N ARG A 225 -13.19 -12.62 18.78
CA ARG A 225 -14.53 -12.82 18.24
C ARG A 225 -14.79 -14.30 18.02
N GLY A 226 -16.00 -14.74 18.37
CA GLY A 226 -16.33 -16.15 18.26
C GLY A 226 -17.81 -16.37 18.02
N GLU A 227 -18.10 -17.53 17.45
CA GLU A 227 -19.47 -17.99 17.20
C GLU A 227 -19.65 -19.36 17.86
N VAL A 228 -20.86 -19.90 17.75
CA VAL A 228 -21.26 -21.05 18.54
C VAL A 228 -21.88 -22.11 17.64
N VAL A 229 -21.68 -23.38 18.00
CA VAL A 229 -22.30 -24.52 17.35
C VAL A 229 -22.95 -25.36 18.43
N ASP A 230 -24.27 -25.56 18.34
CA ASP A 230 -24.97 -26.38 19.31
C ASP A 230 -24.56 -27.84 19.18
N ILE A 231 -24.71 -28.57 20.28
CA ILE A 231 -24.34 -29.98 20.33
C ILE A 231 -25.21 -30.67 21.38
N GLU A 232 -25.77 -31.83 21.02
CA GLU A 232 -26.67 -32.56 21.90
C GLU A 232 -26.46 -34.06 21.70
N LEU A 233 -26.43 -34.79 22.81
CA LEU A 233 -26.31 -36.24 22.79
C LEU A 233 -27.67 -36.85 23.10
N ASP A 234 -28.13 -37.77 22.25
CA ASP A 234 -29.45 -38.33 22.42
C ASP A 234 -29.50 -39.24 23.64
N ALA A 235 -30.71 -39.73 23.94
CA ALA A 235 -30.94 -40.47 25.18
C ALA A 235 -30.13 -41.75 25.23
N ALA A 236 -30.03 -42.46 24.10
CA ALA A 236 -29.30 -43.72 24.09
C ALA A 236 -27.81 -43.51 24.35
N LEU A 237 -27.23 -42.47 23.75
CA LEU A 237 -25.81 -42.21 23.97
C LEU A 237 -25.55 -41.70 25.38
N SER A 238 -26.42 -40.82 25.90
CA SER A 238 -26.22 -40.29 27.24
C SER A 238 -26.31 -41.39 28.29
N ALA A 239 -27.26 -42.31 28.13
CA ALA A 239 -27.38 -43.42 29.07
C ALA A 239 -26.19 -44.36 28.95
N GLY A 240 -25.69 -44.56 27.73
CA GLY A 240 -24.50 -45.37 27.54
C GLY A 240 -23.25 -44.73 28.13
N LEU A 241 -23.19 -43.40 28.09
CA LEU A 241 -22.03 -42.72 28.67
C LEU A 241 -22.13 -42.70 30.20
N LYS A 242 -23.34 -42.59 30.73
CA LYS A 242 -23.52 -42.68 32.18
C LYS A 242 -23.22 -44.08 32.69
N ARG A 243 -23.56 -45.11 31.90
CA ARG A 243 -23.23 -46.48 32.30
C ARG A 243 -21.74 -46.75 32.17
N LEU A 244 -21.11 -46.21 31.13
CA LEU A 244 -19.66 -46.34 30.97
C LEU A 244 -18.93 -45.63 32.11
N SER A 245 -19.43 -44.47 32.52
CA SER A 245 -18.78 -43.71 33.58
C SER A 245 -18.95 -44.41 34.93
N GLN A 246 -20.12 -44.98 35.18
CA GLN A 246 -20.35 -45.70 36.43
C GLN A 246 -19.45 -46.92 36.55
N ARG A 247 -19.25 -47.62 35.43
CA ARG A 247 -18.44 -48.85 35.43
C ARG A 247 -16.95 -48.57 35.63
N HIS A 248 -16.46 -47.39 35.26
CA HIS A 248 -15.05 -47.06 35.36
C HIS A 248 -14.75 -46.02 36.44
N GLY A 249 -15.74 -45.67 37.25
CA GLY A 249 -15.50 -44.75 38.35
C GLY A 249 -15.15 -43.34 37.94
N THR A 250 -15.56 -42.91 36.76
CA THR A 250 -15.33 -41.55 36.29
C THR A 250 -16.66 -40.79 36.23
N THR A 251 -16.56 -39.47 36.24
CA THR A 251 -17.72 -38.62 36.03
C THR A 251 -17.94 -38.40 34.54
N LEU A 252 -19.14 -37.95 34.18
CA LEU A 252 -19.42 -37.60 32.80
C LEU A 252 -18.45 -36.55 32.28
N TYR A 253 -17.97 -35.67 33.16
CA TYR A 253 -16.95 -34.71 32.78
C TYR A 253 -15.65 -35.41 32.41
N MET A 254 -15.24 -36.39 33.22
CA MET A 254 -14.00 -37.11 32.92
C MET A 254 -14.12 -37.91 31.63
N THR A 255 -15.27 -38.54 31.41
CA THR A 255 -15.46 -39.35 30.21
C THR A 255 -15.42 -38.48 28.95
N VAL A 256 -16.09 -37.33 28.99
CA VAL A 256 -16.03 -36.41 27.85
C VAL A 256 -14.64 -35.84 27.68
N LEU A 257 -13.94 -35.59 28.81
CA LEU A 257 -12.57 -35.09 28.73
C LEU A 257 -11.65 -36.09 28.04
N ALA A 258 -11.77 -37.37 28.38
CA ALA A 258 -10.98 -38.39 27.70
C ALA A 258 -11.34 -38.48 26.23
N ALA A 259 -12.63 -38.28 25.90
CA ALA A 259 -13.06 -38.32 24.51
C ALA A 259 -12.44 -37.19 23.72
N TRP A 260 -12.56 -35.95 24.21
CA TRP A 260 -12.07 -34.80 23.47
C TRP A 260 -10.56 -34.84 23.34
N ALA A 261 -9.86 -35.22 24.42
CA ALA A 261 -8.40 -35.30 24.36
C ALA A 261 -7.94 -36.38 23.39
N ALA A 262 -8.71 -37.47 23.26
CA ALA A 262 -8.36 -38.50 22.30
C ALA A 262 -8.63 -38.05 20.86
N LEU A 263 -9.69 -37.27 20.66
CA LEU A 263 -10.01 -36.78 19.33
C LEU A 263 -9.01 -35.72 18.87
N VAL A 264 -8.69 -34.78 19.76
CA VAL A 264 -7.75 -33.71 19.42
C VAL A 264 -6.38 -34.30 19.10
N ALA A 265 -5.99 -35.38 19.79
CA ALA A 265 -4.72 -36.03 19.50
C ALA A 265 -4.67 -36.55 18.07
N ARG A 266 -5.77 -37.13 17.60
CA ARG A 266 -5.82 -37.63 16.23
C ARG A 266 -5.79 -36.48 15.22
N LEU A 267 -6.52 -35.41 15.50
CA LEU A 267 -6.65 -34.34 14.51
C LEU A 267 -5.39 -33.48 14.44
N ALA A 268 -4.78 -33.21 15.59
CA ALA A 268 -3.62 -32.32 15.65
C ALA A 268 -2.30 -33.03 15.41
N GLY A 269 -2.28 -34.36 15.36
CA GLY A 269 -1.02 -35.06 15.17
C GLY A 269 -0.08 -34.92 16.34
N GLN A 270 -0.62 -34.91 17.55
CA GLN A 270 0.17 -34.76 18.77
C GLN A 270 -0.20 -35.85 19.76
N SER A 271 0.79 -36.35 20.49
CA SER A 271 0.54 -37.44 21.43
C SER A 271 -0.11 -36.93 22.72
N GLU A 272 0.28 -35.75 23.18
CA GLU A 272 -0.28 -35.17 24.39
C GLU A 272 -1.17 -33.98 24.04
N VAL A 273 -2.29 -33.86 24.76
CA VAL A 273 -3.22 -32.76 24.59
C VAL A 273 -3.48 -32.15 25.97
N VAL A 274 -3.51 -30.82 26.02
CA VAL A 274 -3.76 -30.07 27.25
C VAL A 274 -5.12 -29.40 27.12
N ILE A 275 -6.06 -29.81 27.95
CA ILE A 275 -7.41 -29.25 27.96
C ILE A 275 -7.60 -28.47 29.25
N GLY A 276 -7.98 -27.21 29.13
CA GLY A 276 -8.28 -26.41 30.31
C GLY A 276 -9.70 -26.65 30.79
N SER A 277 -9.93 -26.29 32.06
CA SER A 277 -11.25 -26.48 32.65
C SER A 277 -11.40 -25.58 33.86
N PRO A 278 -12.54 -24.91 34.03
CA PRO A 278 -12.79 -24.19 35.27
C PRO A 278 -13.15 -25.16 36.39
N VAL A 279 -12.81 -24.76 37.61
CA VAL A 279 -13.13 -25.54 38.80
C VAL A 279 -13.63 -24.60 39.87
N ALA A 280 -14.65 -25.03 40.61
CA ALA A 280 -15.19 -24.24 41.70
C ALA A 280 -14.32 -24.46 42.93
N ASN A 281 -13.54 -23.44 43.30
CA ASN A 281 -12.64 -23.53 44.44
C ASN A 281 -13.42 -23.42 45.75
N ARG A 282 -14.36 -24.34 45.91
CA ARG A 282 -15.26 -24.41 47.06
C ARG A 282 -15.18 -25.79 47.70
N GLN A 283 -13.96 -26.21 48.05
CA GLN A 283 -13.77 -27.53 48.65
C GLN A 283 -14.33 -27.58 50.06
N ARG A 284 -14.08 -26.55 50.86
CA ARG A 284 -14.69 -26.45 52.18
C ARG A 284 -16.20 -26.35 52.02
N ALA A 285 -16.93 -27.26 52.70
CA ALA A 285 -18.38 -27.33 52.52
C ALA A 285 -19.06 -26.03 52.92
N GLU A 286 -18.44 -25.24 53.79
CA GLU A 286 -19.02 -23.97 54.21
C GLU A 286 -19.03 -22.93 53.09
N LEU A 287 -18.18 -23.11 52.08
CA LEU A 287 -18.05 -22.13 51.01
C LEU A 287 -19.05 -22.34 49.86
N GLU A 288 -19.78 -23.45 49.86
CA GLU A 288 -20.66 -23.77 48.73
C GLU A 288 -21.86 -22.84 48.67
N GLY A 289 -22.19 -22.12 49.74
CA GLY A 289 -23.32 -21.21 49.75
C GLY A 289 -22.99 -19.75 49.68
N LEU A 290 -21.74 -19.37 49.43
CA LEU A 290 -21.35 -17.96 49.38
C LEU A 290 -21.41 -17.43 47.95
N ILE A 291 -21.48 -16.11 47.85
CA ILE A 291 -21.44 -15.40 46.57
C ILE A 291 -20.11 -14.67 46.53
N GLY A 292 -19.15 -15.20 45.77
CA GLY A 292 -17.82 -14.61 45.73
C GLY A 292 -17.05 -15.08 44.53
N PHE A 293 -15.89 -14.45 44.34
CA PHE A 293 -14.95 -14.83 43.27
C PHE A 293 -14.14 -16.01 43.78
N PHE A 294 -14.56 -17.22 43.41
CA PHE A 294 -13.87 -18.44 43.82
C PHE A 294 -13.28 -19.23 42.66
N VAL A 295 -13.90 -19.19 41.47
CA VAL A 295 -13.56 -20.13 40.41
C VAL A 295 -12.09 -20.01 40.03
N ASN A 296 -11.49 -21.15 39.70
CA ASN A 296 -10.11 -21.25 39.25
C ASN A 296 -10.05 -22.10 38.00
N THR A 297 -8.91 -22.04 37.32
CA THR A 297 -8.70 -22.79 36.08
C THR A 297 -7.67 -23.89 36.32
N LEU A 298 -7.93 -25.06 35.73
CA LEU A 298 -7.04 -26.21 35.84
C LEU A 298 -6.64 -26.68 34.45
N ALA A 299 -5.35 -26.93 34.26
CA ALA A 299 -4.81 -27.47 33.02
C ALA A 299 -4.62 -28.96 33.17
N LEU A 300 -5.29 -29.74 32.31
CA LEU A 300 -5.28 -31.20 32.40
C LEU A 300 -4.54 -31.76 31.20
N ARG A 301 -3.44 -32.48 31.47
CA ARG A 301 -2.53 -32.98 30.46
C ARG A 301 -2.80 -34.45 30.23
N ILE A 302 -3.40 -34.78 29.08
CA ILE A 302 -3.75 -36.15 28.72
C ILE A 302 -2.71 -36.67 27.73
N ASP A 303 -2.34 -37.94 27.89
CA ASP A 303 -1.31 -38.56 27.08
C ASP A 303 -1.90 -39.77 26.36
N LEU A 304 -1.69 -39.83 25.04
CA LEU A 304 -2.15 -40.96 24.23
C LEU A 304 -1.01 -41.59 23.44
N GLY A 305 0.24 -41.39 23.88
CA GLY A 305 1.37 -41.98 23.19
C GLY A 305 1.48 -43.48 23.33
N GLY A 306 0.79 -44.06 24.32
CA GLY A 306 0.82 -45.48 24.52
C GLY A 306 -0.25 -46.26 23.78
N ASP A 307 -1.01 -45.60 22.92
CA ASP A 307 -2.12 -46.20 22.20
C ASP A 307 -3.05 -46.96 23.16
N PRO A 308 -3.68 -46.27 24.10
CA PRO A 308 -4.41 -46.96 25.16
C PRO A 308 -5.77 -47.45 24.69
N SER A 309 -6.34 -48.35 25.49
CA SER A 309 -7.73 -48.76 25.28
C SER A 309 -8.66 -47.73 25.92
N VAL A 310 -9.96 -47.97 25.80
CA VAL A 310 -10.94 -47.07 26.40
C VAL A 310 -10.82 -47.10 27.92
N ALA A 311 -10.71 -48.30 28.49
CA ALA A 311 -10.60 -48.42 29.94
C ALA A 311 -9.30 -47.82 30.47
N GLN A 312 -8.21 -47.92 29.69
CA GLN A 312 -6.94 -47.38 30.13
C GLN A 312 -6.88 -45.86 30.02
N LEU A 313 -7.59 -45.28 29.05
CA LEU A 313 -7.63 -43.83 28.93
C LEU A 313 -8.51 -43.22 30.02
N LEU A 314 -9.64 -43.87 30.33
CA LEU A 314 -10.49 -43.38 31.40
C LEU A 314 -9.79 -43.47 32.75
N ALA A 315 -9.02 -44.54 32.97
CA ALA A 315 -8.26 -44.66 34.21
C ALA A 315 -7.21 -43.57 34.33
N GLN A 316 -6.61 -43.18 33.21
CA GLN A 316 -5.64 -42.09 33.23
C GLN A 316 -6.30 -40.77 33.56
N VAL A 317 -7.37 -40.43 32.85
CA VAL A 317 -8.06 -39.16 33.08
C VAL A 317 -8.64 -39.10 34.48
N ARG A 318 -9.03 -40.25 35.04
CA ARG A 318 -9.55 -40.26 36.41
C ARG A 318 -8.51 -39.76 37.39
N GLU A 319 -7.30 -40.31 37.33
CA GLU A 319 -6.26 -39.93 38.29
C GLU A 319 -5.75 -38.52 38.03
N ARG A 320 -5.61 -38.13 36.77
CA ARG A 320 -5.05 -36.81 36.45
C ARG A 320 -6.01 -35.69 36.80
N VAL A 321 -7.32 -35.95 36.76
CA VAL A 321 -8.29 -34.96 37.20
C VAL A 321 -8.32 -34.87 38.72
N LEU A 322 -8.34 -36.02 39.39
CA LEU A 322 -8.33 -36.02 40.85
C LEU A 322 -7.04 -35.44 41.40
N ALA A 323 -5.92 -35.66 40.71
CA ALA A 323 -4.67 -35.05 41.15
C ALA A 323 -4.68 -33.55 40.90
N ALA A 324 -5.32 -33.11 39.80
CA ALA A 324 -5.43 -31.69 39.54
C ALA A 324 -6.39 -31.02 40.52
N GLN A 325 -7.48 -31.72 40.87
CA GLN A 325 -8.45 -31.15 41.79
C GLN A 325 -7.94 -31.12 43.23
N SER A 326 -6.90 -31.90 43.54
CA SER A 326 -6.28 -31.86 44.86
C SER A 326 -5.19 -30.80 44.96
N HIS A 327 -4.98 -30.01 43.90
CA HIS A 327 -4.03 -28.91 43.89
C HIS A 327 -4.67 -27.69 43.25
N GLN A 328 -5.97 -27.51 43.45
CA GLN A 328 -6.71 -26.43 42.82
C GLN A 328 -6.63 -25.12 43.58
N ASP A 329 -6.07 -25.12 44.79
CA ASP A 329 -5.96 -23.89 45.57
C ASP A 329 -5.01 -22.89 44.92
N LEU A 330 -3.98 -23.39 44.23
CA LEU A 330 -3.00 -22.51 43.61
C LEU A 330 -3.63 -21.78 42.43
N PRO A 331 -3.56 -20.45 42.39
CA PRO A 331 -4.13 -19.71 41.26
C PRO A 331 -3.48 -20.08 39.94
N PHE A 332 -4.29 -20.09 38.88
CA PHE A 332 -3.79 -20.49 37.57
C PHE A 332 -2.77 -19.50 37.02
N GLU A 333 -2.88 -18.22 37.40
CA GLU A 333 -1.91 -17.23 36.93
C GLU A 333 -0.52 -17.49 37.48
N GLN A 334 -0.42 -18.03 38.70
CA GLN A 334 0.89 -18.41 39.22
C GLN A 334 1.41 -19.66 38.54
N VAL A 335 0.51 -20.51 38.02
CA VAL A 335 0.94 -21.70 37.29
C VAL A 335 1.59 -21.31 35.97
N VAL A 336 0.93 -20.43 35.20
CA VAL A 336 1.48 -20.01 33.92
C VAL A 336 2.76 -19.21 34.12
N GLU A 337 2.90 -18.54 35.26
CA GLU A 337 4.14 -17.82 35.56
C GLU A 337 5.25 -18.76 35.96
N ALA A 338 4.92 -19.89 36.60
CA ALA A 338 5.91 -20.86 37.05
C ALA A 338 6.32 -21.84 35.97
N LEU A 339 5.69 -21.82 34.81
CA LEU A 339 6.00 -22.74 33.73
C LEU A 339 6.96 -22.09 32.72
N LYS A 340 7.60 -22.95 31.93
CA LYS A 340 8.58 -22.46 30.96
C LYS A 340 7.95 -21.68 29.80
N PRO A 341 6.90 -22.16 29.12
CA PRO A 341 6.48 -21.52 27.88
C PRO A 341 6.19 -20.04 28.03
N GLU A 342 6.55 -19.27 27.00
CA GLU A 342 6.38 -17.82 27.01
C GLU A 342 4.97 -17.47 26.56
N ARG A 343 4.39 -16.47 27.21
CA ARG A 343 3.04 -16.04 26.86
C ARG A 343 3.05 -15.32 25.52
N SER A 344 2.19 -15.76 24.60
CA SER A 344 2.12 -15.22 23.26
C SER A 344 0.85 -14.39 23.09
N LEU A 345 0.91 -13.42 22.18
CA LEU A 345 -0.25 -12.62 21.83
C LEU A 345 -1.18 -13.35 20.87
N SER A 346 -0.72 -14.44 20.26
CA SER A 346 -1.51 -15.17 19.27
C SER A 346 -2.48 -16.17 19.89
N HIS A 347 -2.16 -16.71 21.07
CA HIS A 347 -3.01 -17.72 21.69
C HIS A 347 -2.94 -17.57 23.21
N SER A 348 -3.71 -18.40 23.89
CA SER A 348 -3.76 -18.42 25.35
C SER A 348 -2.62 -19.29 25.89
N PRO A 349 -2.22 -19.06 27.15
CA PRO A 349 -1.13 -19.85 27.73
C PRO A 349 -1.55 -21.25 28.13
N VAL A 350 -0.58 -22.16 28.11
CA VAL A 350 -0.70 -23.53 28.61
C VAL A 350 -1.68 -24.35 27.77
N PHE A 351 -2.91 -23.87 27.62
CA PHE A 351 -3.92 -24.60 26.85
C PHE A 351 -4.65 -23.64 25.92
N GLN A 352 -5.23 -24.21 24.87
CA GLN A 352 -6.04 -23.47 23.92
C GLN A 352 -7.44 -24.05 23.78
N LEU A 353 -7.75 -25.13 24.50
CA LEU A 353 -9.07 -25.75 24.47
C LEU A 353 -9.59 -25.87 25.89
N MET A 354 -10.88 -25.59 26.09
CA MET A 354 -11.49 -25.61 27.41
C MET A 354 -12.74 -26.47 27.40
N LEU A 355 -12.87 -27.31 28.42
CA LEU A 355 -14.07 -28.11 28.66
C LEU A 355 -14.64 -27.74 30.01
N SER A 356 -15.94 -27.46 30.06
CA SER A 356 -16.62 -27.08 31.29
C SER A 356 -17.91 -27.86 31.43
N TRP A 357 -18.26 -28.17 32.67
CA TRP A 357 -19.48 -28.92 32.99
C TRP A 357 -20.23 -28.20 34.10
N GLN A 358 -21.54 -28.38 34.12
CA GLN A 358 -22.37 -27.77 35.17
C GLN A 358 -23.62 -28.61 35.38
N SER A 359 -24.24 -28.41 36.54
CA SER A 359 -25.42 -29.18 36.92
C SER A 359 -26.64 -28.68 36.16
N GLY A 360 -27.69 -29.50 36.19
CA GLY A 360 -28.90 -29.19 35.47
C GLY A 360 -29.75 -28.15 36.17
N PRO A 361 -30.87 -27.81 35.54
CA PRO A 361 -31.77 -26.81 36.13
C PRO A 361 -32.36 -27.30 37.45
N GLN A 362 -32.95 -26.35 38.19
CA GLN A 362 -33.50 -26.65 39.50
C GLN A 362 -34.79 -27.46 39.38
N PRO A 363 -34.84 -28.69 39.89
CA PRO A 363 -36.04 -29.52 39.83
C PRO A 363 -37.01 -29.23 40.97
N GLY A 368 -44.80 -24.95 41.58
CA GLY A 368 -45.05 -23.82 42.45
C GLY A 368 -46.04 -22.82 41.89
N GLY A 369 -46.28 -21.74 42.61
CA GLY A 369 -47.19 -20.71 42.17
C GLY A 369 -46.63 -19.90 41.02
N LEU A 370 -45.49 -19.24 41.24
CA LEU A 370 -44.81 -18.49 40.20
C LEU A 370 -43.75 -19.38 39.56
N GLY A 371 -43.77 -19.47 38.24
CA GLY A 371 -42.83 -20.30 37.52
C GLY A 371 -41.51 -19.62 37.22
N LEU A 372 -40.54 -19.77 38.11
CA LEU A 372 -39.21 -19.17 37.93
C LEU A 372 -38.41 -20.07 37.00
N ASP A 373 -38.62 -19.88 35.70
CA ASP A 373 -37.87 -20.60 34.69
C ASP A 373 -36.61 -19.83 34.30
N ALA A 374 -35.53 -20.55 34.06
CA ALA A 374 -34.27 -19.92 33.71
C ALA A 374 -34.32 -19.36 32.29
N LEU A 375 -33.36 -18.49 31.99
CA LEU A 375 -33.24 -17.85 30.70
C LEU A 375 -31.93 -18.24 30.04
N PRO A 376 -31.93 -18.62 28.77
CA PRO A 376 -30.68 -19.00 28.11
C PRO A 376 -29.79 -17.80 27.86
N ALA A 377 -28.50 -18.08 27.64
CA ALA A 377 -27.53 -17.02 27.41
C ALA A 377 -27.72 -16.41 26.03
N GLY A 378 -26.97 -15.33 25.78
CA GLY A 378 -27.11 -14.60 24.53
C GLY A 378 -26.44 -15.31 23.35
N SER A 379 -26.68 -14.74 22.16
CA SER A 379 -26.11 -15.31 20.95
C SER A 379 -24.60 -15.07 20.88
N ARG A 380 -24.16 -13.85 21.18
CA ARG A 380 -22.74 -13.54 21.14
C ARG A 380 -21.99 -14.30 22.23
N ARG A 381 -20.80 -14.79 21.88
CA ARG A 381 -19.90 -15.44 22.82
C ARG A 381 -18.49 -14.98 22.53
N SER A 382 -17.76 -14.60 23.58
CA SER A 382 -16.38 -14.17 23.43
C SER A 382 -15.47 -15.40 23.41
N ALA A 383 -14.87 -15.67 22.26
CA ALA A 383 -14.00 -16.83 22.09
C ALA A 383 -12.68 -16.56 22.78
N GLN A 384 -12.64 -16.84 24.09
CA GLN A 384 -11.42 -16.66 24.86
C GLN A 384 -10.35 -17.69 24.48
N PHE A 385 -10.76 -18.81 23.88
CA PHE A 385 -9.84 -19.85 23.44
C PHE A 385 -10.22 -20.28 22.03
N ASP A 386 -9.44 -21.22 21.49
CA ASP A 386 -9.73 -21.70 20.14
C ASP A 386 -11.05 -22.46 20.09
N LEU A 387 -11.24 -23.40 21.02
CA LEU A 387 -12.48 -24.15 21.14
C LEU A 387 -12.86 -24.21 22.61
N SER A 388 -14.16 -24.10 22.89
CA SER A 388 -14.67 -24.13 24.26
C SER A 388 -15.92 -24.99 24.29
N LEU A 389 -15.81 -26.16 24.93
CA LEU A 389 -16.92 -27.10 25.04
C LEU A 389 -17.55 -26.94 26.42
N GLU A 390 -18.83 -26.61 26.46
CA GLU A 390 -19.56 -26.34 27.70
C GLU A 390 -20.82 -27.21 27.70
N LEU A 391 -20.81 -28.29 28.48
CA LEU A 391 -21.90 -29.24 28.52
C LEU A 391 -22.62 -29.21 29.86
N GLN A 392 -23.84 -29.75 29.87
CA GLN A 392 -24.63 -29.85 31.08
C GLN A 392 -25.53 -31.08 30.98
N ASP A 393 -25.86 -31.63 32.15
CA ASP A 393 -26.77 -32.77 32.24
C ASP A 393 -28.19 -32.23 32.43
N ARG A 394 -29.02 -32.36 31.39
CA ARG A 394 -30.40 -31.92 31.47
C ARG A 394 -31.25 -33.00 32.15
N GLY A 395 -32.32 -32.55 32.80
CA GLY A 395 -33.18 -33.46 33.55
C GLY A 395 -34.02 -34.38 32.70
N ASP A 396 -34.15 -34.09 31.40
CA ASP A 396 -34.98 -34.91 30.54
C ASP A 396 -34.30 -36.20 30.10
N GLY A 397 -33.02 -36.40 30.45
CA GLY A 397 -32.30 -37.60 30.10
C GLY A 397 -31.26 -37.44 29.01
N THR A 398 -31.03 -36.22 28.52
CA THR A 398 -30.05 -35.96 27.48
C THR A 398 -28.93 -35.08 28.02
N ILE A 399 -27.85 -35.01 27.26
CA ILE A 399 -26.70 -34.16 27.57
C ILE A 399 -26.53 -33.20 26.40
N ALA A 400 -26.60 -31.90 26.68
CA ALA A 400 -26.54 -30.89 25.65
C ALA A 400 -25.64 -29.75 26.08
N GLY A 401 -25.12 -29.03 25.10
CA GLY A 401 -24.24 -27.91 25.38
C GLY A 401 -23.95 -27.12 24.13
N SER A 402 -22.86 -26.35 24.19
CA SER A 402 -22.46 -25.49 23.09
C SER A 402 -20.96 -25.57 22.89
N LEU A 403 -20.54 -25.62 21.62
CA LEU A 403 -19.13 -25.64 21.25
C LEU A 403 -18.80 -24.28 20.64
N THR A 404 -18.14 -23.43 21.42
CA THR A 404 -17.78 -22.09 20.99
C THR A 404 -16.42 -22.10 20.31
N TYR A 405 -16.37 -21.60 19.08
CA TYR A 405 -15.16 -21.62 18.28
C TYR A 405 -14.75 -20.21 17.89
N ALA A 406 -13.43 -19.98 17.83
CA ALA A 406 -12.91 -18.70 17.37
C ALA A 406 -13.12 -18.57 15.86
N SER A 407 -13.85 -17.53 15.45
CA SER A 407 -14.22 -17.39 14.04
C SER A 407 -13.01 -17.14 13.15
N ALA A 408 -11.93 -16.59 13.70
CA ALA A 408 -10.75 -16.31 12.89
C ALA A 408 -10.00 -17.57 12.50
N LEU A 409 -10.21 -18.68 13.22
CA LEU A 409 -9.49 -19.93 12.96
C LEU A 409 -10.31 -20.91 12.15
N TYR A 410 -11.57 -21.13 12.52
CA TYR A 410 -12.38 -22.20 11.95
C TYR A 410 -13.59 -21.63 11.22
N GLU A 411 -14.11 -22.43 10.30
CA GLU A 411 -15.39 -22.19 9.66
C GLU A 411 -16.48 -22.95 10.41
N ARG A 412 -17.73 -22.52 10.20
CA ARG A 412 -18.84 -23.19 10.87
C ARG A 412 -18.95 -24.65 10.45
N GLU A 413 -18.70 -24.94 9.17
CA GLU A 413 -18.79 -26.31 8.69
C GLU A 413 -17.73 -27.19 9.35
N THR A 414 -16.54 -26.65 9.58
CA THR A 414 -15.47 -27.44 10.18
C THR A 414 -15.80 -27.82 11.62
N VAL A 415 -16.40 -26.90 12.38
CA VAL A 415 -16.74 -27.19 13.77
C VAL A 415 -17.90 -28.18 13.85
N GLN A 416 -18.81 -28.15 12.87
CA GLN A 416 -19.90 -29.12 12.84
C GLN A 416 -19.38 -30.53 12.64
N ARG A 417 -18.32 -30.68 11.83
CA ARG A 417 -17.67 -31.98 11.69
C ARG A 417 -16.94 -32.37 12.98
N HIS A 418 -16.38 -31.40 13.69
CA HIS A 418 -15.66 -31.70 14.93
C HIS A 418 -16.60 -32.29 15.97
N ALA A 419 -17.78 -31.72 16.14
CA ALA A 419 -18.77 -32.29 17.05
C ALA A 419 -19.23 -33.65 16.58
N GLY A 420 -19.34 -33.85 15.27
CA GLY A 420 -19.72 -35.15 14.76
C GLY A 420 -18.69 -36.22 15.07
N TYR A 421 -17.40 -35.86 15.00
CA TYR A 421 -16.35 -36.79 15.40
C TYR A 421 -16.47 -37.14 16.88
N LEU A 422 -16.73 -36.14 17.72
CA LEU A 422 -16.80 -36.37 19.16
C LEU A 422 -18.01 -37.23 19.51
N LYS A 423 -19.15 -36.99 18.87
CA LYS A 423 -20.34 -37.79 19.14
C LYS A 423 -20.13 -39.24 18.71
N ALA A 424 -19.53 -39.45 17.54
CA ALA A 424 -19.27 -40.82 17.08
C ALA A 424 -18.20 -41.48 17.94
N LEU A 425 -17.21 -40.71 18.40
CA LEU A 425 -16.18 -41.27 19.27
C LEU A 425 -16.75 -41.67 20.62
N LEU A 426 -17.60 -40.82 21.20
CA LEU A 426 -18.25 -41.16 22.47
C LEU A 426 -19.10 -42.41 22.34
N ALA A 427 -19.75 -42.60 21.18
CA ALA A 427 -20.57 -43.79 20.97
C ALA A 427 -19.72 -45.06 20.96
N GLY A 428 -18.53 -44.99 20.36
CA GLY A 428 -17.66 -46.15 20.35
C GLY A 428 -17.12 -46.49 21.73
N MET A 429 -16.86 -45.47 22.54
CA MET A 429 -16.38 -45.71 23.90
C MET A 429 -17.45 -46.39 24.75
N ALA A 430 -18.72 -45.98 24.60
CA ALA A 430 -19.78 -46.60 25.36
C ALA A 430 -20.09 -48.00 24.87
N ALA A 431 -19.80 -48.29 23.60
CA ALA A 431 -20.14 -49.60 23.04
C ALA A 431 -19.14 -50.67 23.46
N ASP A 432 -17.85 -50.40 23.32
CA ASP A 432 -16.80 -51.38 23.61
C ASP A 432 -15.66 -50.67 24.31
N ASP A 433 -15.46 -50.96 25.60
CA ASP A 433 -14.42 -50.32 26.39
C ASP A 433 -13.09 -51.06 26.34
N THR A 434 -12.98 -52.12 25.55
CA THR A 434 -11.75 -52.89 25.44
C THR A 434 -10.91 -52.51 24.23
N GLN A 435 -11.52 -51.91 23.21
CA GLN A 435 -10.80 -51.56 22.00
C GLN A 435 -9.89 -50.34 22.24
N PRO A 436 -8.85 -50.19 21.42
CA PRO A 436 -8.05 -48.96 21.49
C PRO A 436 -8.88 -47.76 21.06
N VAL A 437 -8.76 -46.67 21.83
CA VAL A 437 -9.62 -45.51 21.62
C VAL A 437 -9.33 -44.81 20.30
N GLN A 438 -8.12 -44.96 19.76
CA GLN A 438 -7.77 -44.31 18.51
C GLN A 438 -8.11 -45.16 17.29
N ARG A 439 -8.63 -46.37 17.48
CA ARG A 439 -9.15 -47.18 16.39
C ARG A 439 -10.65 -46.97 16.17
N ILE A 440 -11.31 -46.23 17.07
CA ILE A 440 -12.75 -46.02 16.96
C ILE A 440 -13.04 -45.15 15.74
N GLY A 441 -14.04 -45.57 14.95
CA GLY A 441 -14.41 -44.80 13.78
C GLY A 441 -15.08 -43.49 14.16
N ILE A 442 -14.70 -42.42 13.45
CA ILE A 442 -15.26 -41.09 13.70
C ILE A 442 -15.85 -40.44 12.46
N LEU A 443 -15.48 -40.87 11.26
CA LEU A 443 -15.94 -40.20 10.05
C LEU A 443 -17.42 -40.49 9.79
N GLY A 444 -18.13 -39.47 9.33
CA GLY A 444 -19.49 -39.68 8.87
C GLY A 444 -19.53 -40.44 7.56
N GLU A 445 -20.72 -40.98 7.26
CA GLU A 445 -20.87 -41.77 6.04
C GLU A 445 -20.60 -40.95 4.79
N ALA A 446 -20.93 -39.66 4.82
CA ALA A 446 -20.70 -38.81 3.65
C ALA A 446 -19.21 -38.50 3.47
N GLU A 447 -18.54 -38.14 4.56
CA GLU A 447 -17.12 -37.80 4.45
C GLU A 447 -16.26 -39.02 4.18
N ARG A 448 -16.62 -40.18 4.73
CA ARG A 448 -15.86 -41.39 4.47
C ARG A 448 -16.01 -41.83 3.01
N HIS A 449 -17.22 -41.71 2.46
CA HIS A 449 -17.42 -42.06 1.05
C HIS A 449 -16.76 -41.05 0.13
N ARG A 450 -16.60 -39.80 0.59
CA ARG A 450 -15.95 -38.79 -0.23
C ARG A 450 -14.43 -38.94 -0.24
N LEU A 451 -13.84 -39.39 0.87
CA LEU A 451 -12.40 -39.57 0.95
C LEU A 451 -11.94 -40.85 0.27
N LEU A 452 -12.77 -41.89 0.27
CA LEU A 452 -12.35 -43.21 -0.21
C LEU A 452 -12.81 -43.52 -1.63
N VAL A 453 -13.95 -42.98 -2.06
CA VAL A 453 -14.56 -43.36 -3.34
C VAL A 453 -14.63 -42.19 -4.30
N GLU A 454 -15.18 -41.06 -3.85
CA GLU A 454 -15.39 -39.92 -4.76
C GLU A 454 -14.07 -39.36 -5.27
N TRP A 455 -13.11 -39.15 -4.36
CA TRP A 455 -11.81 -38.62 -4.75
C TRP A 455 -10.86 -39.69 -5.28
N ASN A 456 -11.33 -40.93 -5.41
CA ASN A 456 -10.59 -42.00 -6.08
C ASN A 456 -11.34 -42.53 -7.28
N ASP A 457 -12.24 -41.74 -7.86
CA ASP A 457 -13.01 -42.12 -9.04
C ASP A 457 -12.12 -41.94 -10.26
N THR A 458 -11.18 -42.88 -10.43
CA THR A 458 -10.15 -42.77 -11.46
C THR A 458 -10.09 -44.04 -12.31
N ALA A 459 -11.21 -44.74 -12.46
CA ALA A 459 -11.24 -45.96 -13.27
C ALA A 459 -11.33 -45.60 -14.75
N ARG A 460 -10.50 -46.25 -15.56
CA ARG A 460 -10.50 -46.05 -17.00
C ARG A 460 -10.29 -47.39 -17.69
N GLU A 461 -10.95 -47.57 -18.83
CA GLU A 461 -10.91 -48.84 -19.55
C GLU A 461 -9.79 -48.86 -20.61
N HIS A 462 -8.56 -48.75 -20.11
CA HIS A 462 -7.39 -48.89 -20.93
C HIS A 462 -7.17 -50.34 -21.31
N PRO A 463 -6.49 -50.60 -22.43
CA PRO A 463 -6.14 -51.99 -22.78
C PRO A 463 -5.16 -52.56 -21.75
N ARG A 464 -5.52 -53.71 -21.19
CA ARG A 464 -4.73 -54.34 -20.14
C ARG A 464 -3.95 -55.56 -20.62
N THR A 465 -4.00 -55.88 -21.91
CA THR A 465 -3.29 -57.02 -22.48
C THR A 465 -2.15 -56.58 -23.39
N VAL A 466 -1.58 -55.40 -23.14
CA VAL A 466 -0.56 -54.80 -23.99
C VAL A 466 0.65 -54.42 -23.14
N CYS A 467 1.83 -54.58 -23.72
CA CYS A 467 3.08 -54.20 -23.08
C CYS A 467 3.57 -52.85 -23.62
N VAL A 468 4.66 -52.36 -23.01
CA VAL A 468 5.18 -51.06 -23.40
C VAL A 468 5.80 -51.11 -24.79
N HIS A 469 6.53 -52.17 -25.11
CA HIS A 469 7.12 -52.30 -26.43
C HIS A 469 6.07 -52.48 -27.51
N GLU A 470 4.88 -52.98 -27.15
CA GLU A 470 3.79 -53.08 -28.12
C GLU A 470 3.13 -51.74 -28.39
N LEU A 471 3.16 -50.83 -27.41
CA LEU A 471 2.72 -49.46 -27.67
C LEU A 471 3.57 -48.81 -28.75
N PHE A 472 4.86 -49.16 -28.78
CA PHE A 472 5.76 -48.67 -29.82
C PHE A 472 5.54 -49.42 -31.14
N GLU A 473 5.33 -50.73 -31.06
CA GLU A 473 5.10 -51.52 -32.27
C GLU A 473 3.78 -51.14 -32.94
N GLN A 474 2.78 -50.73 -32.16
CA GLN A 474 1.53 -50.25 -32.76
C GLN A 474 1.69 -48.87 -33.37
N GLN A 475 2.67 -48.08 -32.91
CA GLN A 475 2.86 -46.74 -33.45
C GLN A 475 3.67 -46.75 -34.74
N VAL A 476 4.65 -47.66 -34.86
CA VAL A 476 5.46 -47.72 -36.07
C VAL A 476 4.63 -48.15 -37.27
N GLU A 477 3.52 -48.85 -37.06
CA GLU A 477 2.65 -49.22 -38.16
C GLU A 477 1.76 -48.06 -38.58
N ARG A 478 1.47 -47.14 -37.66
CA ARG A 478 0.68 -45.96 -38.01
C ARG A 478 1.54 -44.84 -38.57
N SER A 479 2.81 -44.75 -38.14
CA SER A 479 3.69 -43.66 -38.53
C SER A 479 5.11 -44.19 -38.72
N PRO A 480 5.35 -44.92 -39.81
CA PRO A 480 6.67 -45.54 -39.99
C PRO A 480 7.74 -44.56 -40.48
N GLU A 481 7.37 -43.66 -41.39
CA GLU A 481 8.33 -42.76 -42.02
C GLU A 481 8.61 -41.50 -41.21
N ALA A 482 7.98 -41.33 -40.05
CA ALA A 482 8.24 -40.17 -39.23
C ALA A 482 9.47 -40.37 -38.36
N VAL A 483 10.09 -39.26 -37.99
CA VAL A 483 11.31 -39.31 -37.19
C VAL A 483 10.95 -39.70 -35.75
N ALA A 484 11.78 -40.56 -35.16
CA ALA A 484 11.57 -41.04 -33.81
C ALA A 484 12.69 -40.63 -32.86
N LEU A 485 13.94 -40.80 -33.26
CA LEU A 485 15.09 -40.47 -32.43
C LEU A 485 15.96 -39.43 -33.12
N VAL A 486 16.50 -38.50 -32.32
CA VAL A 486 17.40 -37.46 -32.81
C VAL A 486 18.54 -37.36 -31.81
N TYR A 487 19.76 -37.70 -32.23
CA TYR A 487 20.95 -37.63 -31.38
C TYR A 487 22.08 -36.97 -32.17
N GLU A 488 22.28 -35.67 -31.94
CA GLU A 488 23.40 -34.91 -32.50
C GLU A 488 23.42 -35.01 -34.02
N GLY A 489 22.36 -34.50 -34.65
CA GLY A 489 22.23 -34.53 -36.09
C GLY A 489 21.72 -35.82 -36.71
N GLN A 490 22.21 -36.97 -36.23
CA GLN A 490 21.75 -38.26 -36.72
C GLN A 490 20.28 -38.46 -36.36
N GLN A 491 19.58 -39.22 -37.20
CA GLN A 491 18.16 -39.47 -37.01
C GLN A 491 17.86 -40.94 -37.24
N LEU A 492 16.67 -41.35 -36.80
CA LEU A 492 16.17 -42.70 -37.02
C LEU A 492 14.65 -42.64 -37.11
N SER A 493 14.11 -43.20 -38.18
CA SER A 493 12.66 -43.26 -38.32
C SER A 493 12.08 -44.32 -37.39
N TYR A 494 10.75 -44.30 -37.27
CA TYR A 494 10.08 -45.31 -36.44
C TYR A 494 10.35 -46.72 -36.97
N ARG A 495 10.43 -46.87 -38.29
CA ARG A 495 10.69 -48.18 -38.87
C ARG A 495 12.14 -48.60 -38.64
N GLU A 496 13.08 -47.68 -38.85
CA GLU A 496 14.49 -48.01 -38.67
C GLU A 496 14.81 -48.30 -37.21
N LEU A 497 14.15 -47.59 -36.28
CA LEU A 497 14.33 -47.87 -34.87
C LEU A 497 13.75 -49.24 -34.51
N ASP A 498 12.60 -49.59 -35.10
CA ASP A 498 12.01 -50.90 -34.84
C ASP A 498 12.88 -52.02 -35.40
N ARG A 499 13.54 -51.78 -36.53
CA ARG A 499 14.43 -52.78 -37.10
C ARG A 499 15.68 -52.97 -36.23
N GLN A 500 16.26 -51.87 -35.76
CA GLN A 500 17.44 -51.97 -34.90
C GLN A 500 17.10 -52.66 -33.58
N ALA A 501 15.90 -52.41 -33.05
CA ALA A 501 15.50 -53.06 -31.81
C ALA A 501 15.23 -54.54 -32.03
N ASN A 502 14.61 -54.89 -33.15
CA ASN A 502 14.36 -56.31 -33.44
C ASN A 502 15.65 -57.07 -33.71
N ARG A 503 16.64 -56.42 -34.33
CA ARG A 503 17.92 -57.08 -34.55
C ARG A 503 18.61 -57.40 -33.23
N LEU A 504 18.58 -56.47 -32.28
CA LEU A 504 19.20 -56.71 -30.99
C LEU A 504 18.37 -57.66 -30.14
N ALA A 505 17.05 -57.63 -30.30
CA ALA A 505 16.19 -58.52 -29.51
C ALA A 505 16.41 -59.97 -29.85
N ARG A 506 16.84 -60.28 -31.08
CA ARG A 506 17.08 -61.66 -31.46
C ARG A 506 18.36 -62.20 -30.82
N GLN A 507 19.39 -61.36 -30.73
CA GLN A 507 20.61 -61.78 -30.06
C GLN A 507 20.39 -61.95 -28.56
N LEU A 508 19.54 -61.11 -27.96
CA LEU A 508 19.15 -61.33 -26.57
C LEU A 508 18.34 -62.61 -26.43
N LYS A 509 17.39 -62.82 -27.34
CA LYS A 509 16.59 -64.05 -27.29
C LYS A 509 17.43 -65.27 -27.61
N ALA A 510 18.46 -65.13 -28.43
CA ALA A 510 19.39 -66.22 -28.65
C ALA A 510 20.10 -66.60 -27.35
N LEU A 511 20.36 -65.62 -26.49
CA LEU A 511 20.89 -65.88 -25.16
C LEU A 511 19.71 -66.20 -24.23
N GLY A 512 19.97 -66.26 -22.94
CA GLY A 512 18.95 -66.71 -21.99
C GLY A 512 17.95 -65.66 -21.56
N VAL A 513 17.69 -64.66 -22.40
CA VAL A 513 16.77 -63.58 -22.05
C VAL A 513 15.34 -64.04 -22.29
N GLY A 514 14.48 -63.86 -21.31
CA GLY A 514 13.09 -64.22 -21.42
C GLY A 514 12.22 -63.47 -20.43
N PRO A 515 11.07 -64.04 -20.08
CA PRO A 515 10.19 -63.38 -19.12
C PRO A 515 10.84 -63.26 -17.75
N ASP A 516 10.77 -62.06 -17.17
CA ASP A 516 11.28 -61.69 -15.86
C ASP A 516 12.80 -61.75 -15.76
N GLU A 517 13.51 -62.07 -16.85
CA GLU A 517 14.96 -62.03 -16.84
C GLU A 517 15.43 -60.58 -16.96
N ARG A 518 16.49 -60.26 -16.24
CA ARG A 518 17.04 -58.90 -16.24
C ARG A 518 18.12 -58.77 -17.32
N VAL A 519 18.25 -57.56 -17.85
CA VAL A 519 19.30 -57.22 -18.79
C VAL A 519 19.86 -55.86 -18.39
N ALA A 520 21.15 -55.82 -18.04
CA ALA A 520 21.78 -54.59 -17.62
C ALA A 520 22.19 -53.76 -18.83
N VAL A 521 21.87 -52.47 -18.79
CA VAL A 521 22.18 -51.55 -19.87
C VAL A 521 23.09 -50.46 -19.31
N CYS A 522 24.35 -50.47 -19.73
CA CYS A 522 25.34 -49.50 -19.27
C CYS A 522 25.82 -48.69 -20.46
N THR A 523 25.35 -47.44 -20.55
CA THR A 523 25.71 -46.57 -21.66
C THR A 523 25.30 -45.14 -21.30
N GLU A 524 25.98 -44.18 -21.92
CA GLU A 524 25.55 -42.79 -21.88
C GLU A 524 24.55 -42.56 -23.01
N ARG A 525 24.02 -41.33 -23.10
CA ARG A 525 22.96 -41.05 -24.04
C ARG A 525 23.46 -41.15 -25.48
N CYS A 526 22.71 -41.89 -26.30
CA CYS A 526 23.01 -42.09 -27.71
C CYS A 526 21.79 -42.75 -28.34
N LEU A 527 21.87 -43.00 -29.65
CA LEU A 527 20.81 -43.72 -30.33
C LEU A 527 20.70 -45.16 -29.82
N GLU A 528 21.83 -45.77 -29.44
CA GLU A 528 21.83 -47.16 -29.00
C GLU A 528 21.18 -47.34 -27.63
N MET A 529 21.05 -46.27 -26.85
CA MET A 529 20.39 -46.38 -25.55
C MET A 529 18.92 -46.75 -25.70
N VAL A 530 18.21 -46.09 -26.63
CA VAL A 530 16.81 -46.41 -26.86
C VAL A 530 16.67 -47.73 -27.59
N VAL A 531 17.62 -48.06 -28.47
CA VAL A 531 17.59 -49.35 -29.15
C VAL A 531 17.75 -50.48 -28.14
N ALA A 532 18.62 -50.29 -27.13
CA ALA A 532 18.83 -51.33 -26.12
C ALA A 532 17.58 -51.53 -25.28
N LEU A 533 16.90 -50.45 -24.89
CA LEU A 533 15.73 -50.57 -24.03
C LEU A 533 14.59 -51.27 -24.76
N LEU A 534 14.27 -50.84 -25.98
CA LEU A 534 13.20 -51.48 -26.73
C LEU A 534 13.51 -52.93 -27.04
N ALA A 535 14.79 -53.24 -27.29
CA ALA A 535 15.16 -54.62 -27.60
C ALA A 535 15.00 -55.52 -26.39
N VAL A 536 15.31 -55.02 -25.19
CA VAL A 536 15.10 -55.81 -23.98
C VAL A 536 13.62 -56.10 -23.78
N LEU A 537 12.78 -55.08 -23.98
CA LEU A 537 11.33 -55.28 -23.82
C LEU A 537 10.80 -56.21 -24.90
N LYS A 538 11.30 -56.08 -26.13
CA LYS A 538 10.88 -56.98 -27.20
C LYS A 538 11.32 -58.42 -26.93
N ALA A 539 12.52 -58.59 -26.35
CA ALA A 539 13.02 -59.92 -26.04
C ALA A 539 12.21 -60.59 -24.92
N GLY A 540 11.47 -59.80 -24.14
CA GLY A 540 10.66 -60.34 -23.05
C GLY A 540 11.20 -60.07 -21.67
N GLY A 541 12.34 -59.38 -21.54
CA GLY A 541 12.94 -59.12 -20.25
C GLY A 541 12.72 -57.70 -19.77
N ALA A 542 13.40 -57.38 -18.66
CA ALA A 542 13.35 -56.06 -18.05
C ALA A 542 14.74 -55.44 -18.06
N TYR A 543 14.80 -54.14 -18.32
CA TYR A 543 16.07 -53.44 -18.45
C TYR A 543 16.45 -52.80 -17.12
N VAL A 544 17.74 -52.89 -16.79
CA VAL A 544 18.29 -52.34 -15.56
C VAL A 544 19.30 -51.26 -15.93
N PRO A 545 18.94 -49.98 -15.80
CA PRO A 545 19.84 -48.91 -16.23
C PRO A 545 21.02 -48.76 -15.28
N LEU A 546 22.22 -48.72 -15.85
CA LEU A 546 23.47 -48.53 -15.12
C LEU A 546 24.13 -47.27 -15.66
N ASP A 547 23.85 -46.14 -15.02
CA ASP A 547 24.43 -44.87 -15.43
C ASP A 547 25.92 -44.88 -15.20
N PRO A 548 26.75 -44.75 -16.25
CA PRO A 548 28.21 -44.79 -16.05
C PRO A 548 28.76 -43.63 -15.24
N GLY A 549 27.96 -42.58 -14.98
CA GLY A 549 28.44 -41.48 -14.16
C GLY A 549 28.64 -41.85 -12.70
N TYR A 550 28.01 -42.92 -12.24
CA TYR A 550 28.18 -43.39 -10.88
C TYR A 550 29.50 -44.16 -10.74
N PRO A 551 30.03 -44.27 -9.52
CA PRO A 551 31.27 -45.01 -9.32
C PRO A 551 31.13 -46.47 -9.73
N ALA A 552 32.28 -47.08 -10.05
CA ALA A 552 32.28 -48.49 -10.43
C ALA A 552 31.83 -49.38 -9.29
N GLU A 553 32.02 -48.93 -8.04
CA GLU A 553 31.56 -49.70 -6.89
C GLU A 553 30.04 -49.87 -6.91
N ARG A 554 29.32 -48.80 -7.25
CA ARG A 554 27.87 -48.87 -7.30
C ARG A 554 27.39 -49.73 -8.47
N LEU A 555 28.02 -49.57 -9.63
CA LEU A 555 27.61 -50.34 -10.81
C LEU A 555 27.85 -51.82 -10.61
N GLU A 556 28.98 -52.20 -10.03
CA GLU A 556 29.27 -53.61 -9.78
C GLU A 556 28.34 -54.22 -8.74
N TYR A 557 27.77 -53.39 -7.85
CA TYR A 557 26.79 -53.91 -6.90
C TYR A 557 25.44 -54.13 -7.56
N MET A 558 24.94 -53.12 -8.27
CA MET A 558 23.66 -53.28 -8.96
C MET A 558 23.72 -54.37 -10.01
N LEU A 559 24.89 -54.57 -10.62
CA LEU A 559 25.04 -55.63 -11.62
C LEU A 559 24.95 -57.00 -10.97
N ALA A 560 25.53 -57.16 -9.78
CA ALA A 560 25.50 -58.45 -9.10
C ALA A 560 24.17 -58.70 -8.40
N ASP A 561 23.52 -57.65 -7.90
CA ASP A 561 22.26 -57.83 -7.19
C ASP A 561 21.13 -58.19 -8.15
N SER A 562 21.12 -57.59 -9.35
CA SER A 562 20.06 -57.86 -10.30
C SER A 562 20.16 -59.27 -10.88
N ALA A 563 21.39 -59.82 -10.95
CA ALA A 563 21.66 -61.13 -11.52
C ALA A 563 21.04 -61.25 -12.92
N PRO A 564 21.55 -60.50 -13.91
CA PRO A 564 20.92 -60.54 -15.23
C PRO A 564 21.35 -61.74 -16.04
N LYS A 565 20.93 -61.80 -17.30
CA LYS A 565 21.47 -62.77 -18.26
C LYS A 565 22.44 -62.14 -19.23
N VAL A 566 22.27 -60.86 -19.56
CA VAL A 566 23.09 -60.16 -20.54
C VAL A 566 23.40 -58.77 -20.02
N LEU A 567 24.61 -58.29 -20.29
CA LEU A 567 25.00 -56.90 -20.02
C LEU A 567 25.23 -56.22 -21.37
N LEU A 568 24.35 -55.27 -21.71
CA LEU A 568 24.52 -54.46 -22.91
C LEU A 568 25.44 -53.29 -22.55
N ARG A 569 26.64 -53.29 -23.11
CA ARG A 569 27.68 -52.34 -22.73
C ARG A 569 28.08 -51.49 -23.92
N GLN A 570 28.28 -50.20 -23.67
CA GLN A 570 28.76 -49.28 -24.70
C GLN A 570 30.23 -49.57 -24.98
N SER A 571 30.80 -48.85 -25.95
CA SER A 571 32.17 -49.08 -26.40
C SER A 571 33.17 -48.78 -25.29
N GLY A 572 33.40 -47.50 -25.00
CA GLY A 572 34.41 -47.11 -24.03
C GLY A 572 33.97 -47.22 -22.59
N GLN A 573 33.51 -48.41 -22.18
CA GLN A 573 33.08 -48.67 -20.82
C GLN A 573 33.85 -49.87 -20.28
N THR A 574 34.52 -49.67 -19.16
CA THR A 574 35.35 -50.70 -18.55
C THR A 574 34.58 -51.62 -17.60
N LEU A 575 33.27 -51.43 -17.47
CA LEU A 575 32.49 -52.25 -16.56
C LEU A 575 32.51 -53.71 -17.02
N GLU A 576 32.79 -54.62 -16.08
CA GLU A 576 32.88 -56.03 -16.39
C GLU A 576 31.99 -56.81 -15.42
N PRO A 577 31.17 -57.75 -15.90
CA PRO A 577 30.31 -58.50 -14.99
C PRO A 577 30.97 -59.79 -14.50
N GLY A 578 30.29 -60.52 -13.63
CA GLY A 578 30.78 -61.78 -13.14
C GLY A 578 30.55 -62.91 -14.13
N ALA A 579 30.98 -64.11 -13.73
CA ALA A 579 30.83 -65.28 -14.57
C ALA A 579 29.36 -65.69 -14.66
N GLY A 580 29.02 -66.37 -15.76
CA GLY A 580 27.66 -66.84 -15.97
C GLY A 580 26.85 -65.97 -16.89
N VAL A 581 27.05 -64.65 -16.80
CA VAL A 581 26.33 -63.69 -17.62
C VAL A 581 27.21 -63.30 -18.80
N ALA A 582 26.56 -63.03 -19.94
CA ALA A 582 27.26 -62.76 -21.19
C ALA A 582 27.25 -61.26 -21.47
N VAL A 583 28.42 -60.73 -21.83
CA VAL A 583 28.54 -59.33 -22.21
C VAL A 583 28.28 -59.20 -23.70
N LEU A 584 27.62 -58.12 -24.10
CA LEU A 584 27.26 -57.90 -25.50
C LEU A 584 27.44 -56.43 -25.82
N ALA A 585 28.19 -56.15 -26.89
CA ALA A 585 28.47 -54.77 -27.26
C ALA A 585 27.22 -54.08 -27.79
N LEU A 586 27.09 -52.80 -27.45
CA LEU A 586 25.96 -52.00 -27.91
C LEU A 586 26.28 -51.24 -29.20
N ASP A 587 27.49 -50.69 -29.30
CA ASP A 587 27.95 -50.02 -30.51
C ASP A 587 29.39 -50.43 -30.77
N GLY A 588 29.95 -49.94 -31.86
CA GLY A 588 31.31 -50.25 -32.22
C GLY A 588 31.43 -51.52 -33.05
N GLU A 589 32.70 -51.88 -33.31
CA GLU A 589 32.98 -53.04 -34.15
C GLU A 589 32.60 -54.34 -33.48
N ALA A 590 32.57 -54.38 -32.15
CA ALA A 590 32.22 -55.59 -31.42
C ALA A 590 30.72 -55.85 -31.40
N SER A 591 29.92 -55.04 -32.08
CA SER A 591 28.47 -55.18 -32.08
C SER A 591 27.92 -55.79 -33.37
N GLN A 592 28.80 -56.18 -34.30
CA GLN A 592 28.36 -56.76 -35.57
C GLN A 592 27.72 -58.14 -35.44
N PRO A 593 27.91 -58.90 -34.35
CA PRO A 593 27.09 -60.12 -34.18
C PRO A 593 25.59 -59.85 -34.21
N TRP A 594 25.10 -58.89 -33.44
CA TRP A 594 23.66 -58.64 -33.38
C TRP A 594 23.17 -57.70 -34.47
N GLN A 595 24.05 -56.86 -35.03
CA GLN A 595 23.63 -55.99 -36.12
C GLN A 595 23.43 -56.75 -37.43
N ALA A 596 23.94 -57.97 -37.53
CA ALA A 596 23.76 -58.81 -38.70
C ALA A 596 22.54 -59.72 -38.59
N GLN A 597 21.74 -59.57 -37.55
CA GLN A 597 20.54 -60.37 -37.38
C GLN A 597 19.46 -59.92 -38.36
N PRO A 598 18.51 -60.79 -38.67
CA PRO A 598 17.34 -60.37 -39.45
C PRO A 598 16.50 -59.37 -38.65
N ALA A 599 16.08 -58.31 -39.32
CA ALA A 599 15.31 -57.24 -38.68
C ALA A 599 13.84 -57.58 -38.53
N GLN A 600 13.42 -58.79 -38.88
CA GLN A 600 12.03 -59.18 -38.72
C GLN A 600 11.65 -59.23 -37.25
N ARG A 601 10.40 -58.85 -36.97
CA ARG A 601 9.93 -58.75 -35.60
C ARG A 601 9.76 -60.13 -34.98
N LEU A 602 10.06 -60.23 -33.69
CA LEU A 602 9.83 -61.46 -32.95
C LEU A 602 8.35 -61.70 -32.74
N SER A 603 7.92 -62.93 -32.97
CA SER A 603 6.52 -63.28 -32.75
C SER A 603 6.18 -63.19 -31.27
N ARG A 604 4.92 -62.85 -30.98
CA ARG A 604 4.50 -62.63 -29.61
C ARG A 604 4.63 -63.90 -28.78
N ASP A 605 4.34 -65.06 -29.39
CA ASP A 605 4.43 -66.32 -28.65
C ASP A 605 5.88 -66.78 -28.48
N ASP A 606 6.81 -66.26 -29.27
CA ASP A 606 8.22 -66.60 -29.08
C ASP A 606 8.75 -65.96 -27.81
N SER A 607 8.40 -64.70 -27.56
CA SER A 607 8.86 -64.01 -26.35
C SER A 607 8.13 -64.52 -25.11
N GLY A 608 6.82 -64.74 -25.23
CA GLY A 608 6.03 -65.25 -24.12
C GLY A 608 5.84 -64.19 -23.05
N VAL A 609 6.16 -62.95 -23.39
CA VAL A 609 6.05 -61.87 -22.42
C VAL A 609 4.57 -61.53 -22.19
N GLN A 610 4.27 -61.09 -20.98
CA GLN A 610 2.92 -60.76 -20.55
C GLN A 610 2.93 -59.43 -19.82
N PRO A 611 1.79 -58.75 -19.74
CA PRO A 611 1.73 -57.49 -18.98
C PRO A 611 2.08 -57.63 -17.52
N HIS A 612 1.94 -58.82 -16.94
CA HIS A 612 2.28 -59.04 -15.53
C HIS A 612 3.75 -59.38 -15.33
N HIS A 613 4.56 -59.38 -16.39
CA HIS A 613 5.98 -59.61 -16.26
C HIS A 613 6.72 -58.28 -16.12
N LEU A 614 8.00 -58.37 -15.74
CA LEU A 614 8.77 -57.18 -15.42
C LEU A 614 9.12 -56.38 -16.68
N ALA A 615 9.04 -55.07 -16.57
CA ALA A 615 9.44 -54.14 -17.62
C ALA A 615 10.80 -53.50 -17.36
N TYR A 616 11.08 -53.14 -16.11
CA TYR A 616 12.38 -52.62 -15.74
C TYR A 616 12.59 -52.82 -14.25
N VAL A 617 13.85 -52.73 -13.83
CA VAL A 617 14.25 -52.81 -12.43
C VAL A 617 15.19 -51.65 -12.16
N ILE A 618 14.65 -50.54 -11.65
CA ILE A 618 15.43 -49.34 -11.37
C ILE A 618 15.73 -49.30 -9.89
N TYR A 619 17.01 -49.08 -9.56
CA TYR A 619 17.46 -49.09 -8.18
C TYR A 619 17.28 -47.73 -7.53
N THR A 620 17.16 -47.74 -6.21
CA THR A 620 17.02 -46.51 -5.44
C THR A 620 18.39 -45.85 -5.24
N SER A 621 18.36 -44.62 -4.74
CA SER A 621 19.60 -43.87 -4.53
C SER A 621 20.43 -44.43 -3.38
N GLY A 622 19.81 -45.15 -2.45
CA GLY A 622 20.53 -45.69 -1.32
C GLY A 622 20.77 -44.69 -0.21
N SER A 623 19.77 -43.88 0.12
CA SER A 623 19.93 -42.86 1.14
C SER A 623 19.85 -43.43 2.56
N THR A 624 19.07 -44.49 2.75
CA THR A 624 18.87 -45.11 4.06
C THR A 624 19.20 -46.59 4.01
N GLY A 625 20.36 -46.91 3.46
CA GLY A 625 20.83 -48.27 3.30
C GLY A 625 21.36 -48.49 1.90
N ARG A 626 21.56 -49.76 1.56
CA ARG A 626 22.06 -50.08 0.24
C ARG A 626 20.93 -49.99 -0.80
N PRO A 627 21.27 -49.71 -2.06
CA PRO A 627 20.21 -49.54 -3.08
C PRO A 627 19.36 -50.80 -3.23
N LYS A 628 18.07 -50.59 -3.46
CA LYS A 628 17.10 -51.66 -3.61
C LYS A 628 16.54 -51.65 -5.02
N GLY A 629 16.41 -52.84 -5.61
CA GLY A 629 15.88 -52.97 -6.95
C GLY A 629 14.37 -52.99 -7.00
N VAL A 630 13.77 -51.91 -7.52
CA VAL A 630 12.32 -51.81 -7.60
C VAL A 630 11.86 -52.51 -8.87
N MET A 631 11.13 -53.62 -8.70
CA MET A 631 10.64 -54.42 -9.82
C MET A 631 9.28 -53.87 -10.26
N VAL A 632 9.23 -53.32 -11.47
CA VAL A 632 8.02 -52.73 -12.03
C VAL A 632 7.56 -53.57 -13.21
N GLU A 633 6.27 -53.86 -13.28
CA GLU A 633 5.71 -54.72 -14.31
C GLU A 633 5.30 -53.90 -15.53
N HIS A 634 4.96 -54.63 -16.61
CA HIS A 634 4.59 -53.99 -17.87
C HIS A 634 3.29 -53.22 -17.74
N ALA A 635 2.27 -53.83 -17.12
CA ALA A 635 0.94 -53.24 -17.10
C ALA A 635 0.92 -51.91 -16.34
N GLY A 636 1.80 -51.74 -15.36
CA GLY A 636 1.85 -50.48 -14.64
C GLY A 636 2.40 -49.34 -15.49
N VAL A 637 3.43 -49.62 -16.28
CA VAL A 637 4.02 -48.58 -17.12
C VAL A 637 3.08 -48.19 -18.25
N VAL A 638 2.33 -49.17 -18.77
CA VAL A 638 1.38 -48.87 -19.85
C VAL A 638 0.30 -47.91 -19.36
N ASN A 639 -0.24 -48.18 -18.17
CA ASN A 639 -1.27 -47.30 -17.61
C ASN A 639 -0.71 -45.92 -17.33
N ARG A 640 0.54 -45.85 -16.87
CA ARG A 640 1.17 -44.55 -16.62
C ARG A 640 1.39 -43.79 -17.92
N LEU A 641 1.78 -44.49 -18.99
CA LEU A 641 2.00 -43.82 -20.26
C LEU A 641 0.69 -43.42 -20.92
N LEU A 642 -0.32 -44.31 -20.89
CA LEU A 642 -1.59 -43.99 -21.53
C LEU A 642 -2.32 -42.85 -20.84
N TRP A 643 -2.14 -42.70 -19.53
CA TRP A 643 -2.75 -41.56 -18.84
C TRP A 643 -2.11 -40.24 -19.26
N MET A 644 -0.78 -40.23 -19.41
CA MET A 644 -0.08 -38.99 -19.73
C MET A 644 -0.51 -38.46 -21.10
N GLN A 645 -0.76 -39.36 -22.05
CA GLN A 645 -1.28 -38.93 -23.35
C GLN A 645 -2.74 -38.50 -23.24
N ARG A 646 -3.52 -39.19 -22.40
CA ARG A 646 -4.92 -38.84 -22.23
C ARG A 646 -5.09 -37.47 -21.58
N ALA A 647 -4.18 -37.11 -20.68
CA ALA A 647 -4.31 -35.86 -19.93
C ALA A 647 -3.63 -34.67 -20.62
N TYR A 648 -2.60 -34.93 -21.42
CA TYR A 648 -1.82 -33.85 -22.03
C TYR A 648 -1.87 -33.84 -23.55
N GLY A 649 -2.07 -34.99 -24.19
CA GLY A 649 -2.24 -35.04 -25.63
C GLY A 649 -1.02 -34.60 -26.42
N LEU A 650 -0.03 -35.47 -26.53
CA LEU A 650 1.16 -35.17 -27.31
C LEU A 650 0.87 -35.32 -28.80
N GLN A 651 1.35 -34.36 -29.59
CA GLN A 651 1.09 -34.42 -31.01
C GLN A 651 2.25 -35.07 -31.76
N PRO A 652 1.97 -35.73 -32.88
CA PRO A 652 3.06 -36.42 -33.61
C PRO A 652 4.16 -35.48 -34.09
N GLN A 653 3.87 -34.20 -34.31
CA GLN A 653 4.89 -33.29 -34.79
C GLN A 653 5.77 -32.73 -33.67
N GLU A 654 5.33 -32.86 -32.41
CA GLU A 654 6.08 -32.30 -31.30
C GLU A 654 7.34 -33.11 -31.02
N ALA A 655 8.20 -32.55 -30.17
CA ALA A 655 9.44 -33.19 -29.77
C ALA A 655 9.55 -33.20 -28.25
N VAL A 656 10.19 -34.24 -27.73
CA VAL A 656 10.45 -34.38 -26.30
C VAL A 656 11.94 -34.58 -26.11
N LEU A 657 12.51 -33.88 -25.14
CA LEU A 657 13.95 -33.91 -24.87
C LEU A 657 14.24 -34.93 -23.76
N GLN A 658 14.97 -35.98 -24.11
CA GLN A 658 15.50 -36.91 -23.12
C GLN A 658 16.67 -36.24 -22.40
N LYS A 659 16.39 -35.64 -21.25
CA LYS A 659 17.41 -34.94 -20.48
C LYS A 659 17.55 -35.45 -19.05
N THR A 660 16.66 -36.32 -18.60
CA THR A 660 16.78 -36.91 -17.28
C THR A 660 17.65 -38.16 -17.35
N PRO A 661 18.59 -38.34 -16.41
CA PRO A 661 19.38 -39.58 -16.40
C PRO A 661 18.49 -40.81 -16.38
N PHE A 662 18.79 -41.78 -17.23
CA PHE A 662 17.91 -42.94 -17.37
C PHE A 662 17.97 -43.89 -16.17
N GLY A 663 18.74 -43.56 -15.13
CA GLY A 663 18.66 -44.27 -13.88
C GLY A 663 17.56 -43.70 -13.01
N PHE A 664 17.12 -42.48 -13.34
CA PHE A 664 15.97 -41.86 -12.70
C PHE A 664 14.72 -42.30 -13.45
N ASP A 665 13.75 -42.85 -12.72
CA ASP A 665 12.56 -43.41 -13.36
C ASP A 665 11.70 -42.36 -14.05
N VAL A 666 12.00 -41.07 -13.88
CA VAL A 666 11.31 -40.04 -14.66
C VAL A 666 11.60 -40.22 -16.14
N SER A 667 12.80 -40.70 -16.48
CA SER A 667 13.15 -40.94 -17.87
C SER A 667 12.28 -41.98 -18.55
N VAL A 668 11.49 -42.75 -17.78
CA VAL A 668 10.66 -43.79 -18.38
C VAL A 668 9.65 -43.17 -19.34
N TRP A 669 8.90 -42.17 -18.89
CA TRP A 669 7.96 -41.52 -19.78
C TRP A 669 8.65 -40.61 -20.79
N GLU A 670 9.86 -40.14 -20.49
CA GLU A 670 10.62 -39.40 -21.49
C GLU A 670 10.96 -40.29 -22.68
N PHE A 671 11.12 -41.60 -22.45
CA PHE A 671 11.45 -42.53 -23.52
C PHE A 671 10.19 -42.96 -24.29
N PHE A 672 9.23 -43.53 -23.58
CA PHE A 672 8.16 -44.30 -24.22
C PHE A 672 6.88 -43.51 -24.48
N TRP A 673 6.68 -42.36 -23.83
CA TRP A 673 5.49 -41.58 -24.13
C TRP A 673 5.49 -41.05 -25.56
N PRO A 674 6.54 -40.36 -26.05
CA PRO A 674 6.51 -39.93 -27.44
C PRO A 674 6.61 -41.07 -28.43
N LEU A 675 7.25 -42.18 -28.05
CA LEU A 675 7.37 -43.33 -28.93
C LEU A 675 6.07 -44.11 -29.07
N ALA A 676 5.16 -43.99 -28.11
CA ALA A 676 3.86 -44.66 -28.17
C ALA A 676 2.78 -43.78 -28.77
N VAL A 677 3.09 -42.54 -29.13
CA VAL A 677 2.12 -41.59 -29.65
C VAL A 677 2.43 -41.17 -31.08
N GLY A 678 3.69 -40.91 -31.38
CA GLY A 678 4.07 -40.53 -32.73
C GLY A 678 5.02 -39.35 -32.79
N ALA A 679 5.42 -38.85 -31.63
CA ALA A 679 6.34 -37.71 -31.57
C ALA A 679 7.79 -38.19 -31.68
N ARG A 680 8.69 -37.23 -31.80
CA ARG A 680 10.11 -37.50 -31.90
C ARG A 680 10.79 -37.26 -30.56
N LEU A 681 11.80 -38.08 -30.28
CA LEU A 681 12.55 -38.02 -29.02
C LEU A 681 13.95 -37.50 -29.33
N VAL A 682 14.27 -36.32 -28.82
CA VAL A 682 15.59 -35.72 -29.00
C VAL A 682 16.47 -36.17 -27.84
N MET A 683 17.43 -37.04 -28.14
CA MET A 683 18.39 -37.47 -27.12
C MET A 683 19.39 -36.36 -26.86
N ALA A 684 19.39 -35.83 -25.64
CA ALA A 684 20.27 -34.73 -25.30
C ALA A 684 21.72 -35.20 -25.22
N ARG A 685 22.63 -34.24 -25.35
CA ARG A 685 24.05 -34.53 -25.22
C ARG A 685 24.33 -35.05 -23.81
N PRO A 686 25.28 -35.98 -23.65
CA PRO A 686 25.61 -36.48 -22.31
C PRO A 686 25.92 -35.34 -21.34
N GLN A 687 25.68 -35.61 -20.05
CA GLN A 687 25.74 -34.56 -19.05
C GLN A 687 27.11 -33.91 -18.98
N GLY A 688 28.18 -34.72 -19.00
CA GLY A 688 29.52 -34.22 -18.85
C GLY A 688 30.06 -33.44 -20.04
N GLN A 689 29.30 -33.33 -21.12
CA GLN A 689 29.74 -32.64 -22.33
C GLN A 689 28.85 -31.46 -22.68
N GLN A 690 28.21 -30.85 -21.67
CA GLN A 690 27.23 -29.81 -21.89
C GLN A 690 27.77 -28.45 -21.47
N ASP A 691 27.51 -27.45 -22.32
CA ASP A 691 27.76 -26.05 -22.01
C ASP A 691 26.60 -25.49 -21.19
N PRO A 692 26.87 -24.51 -20.32
CA PRO A 692 25.77 -23.88 -19.58
C PRO A 692 24.66 -23.34 -20.47
N ALA A 693 24.99 -22.93 -21.70
CA ALA A 693 24.00 -22.45 -22.65
C ALA A 693 23.55 -23.54 -23.63
N TYR A 694 23.88 -24.80 -23.35
CA TYR A 694 23.47 -25.88 -24.25
C TYR A 694 21.96 -26.10 -24.21
N LEU A 695 21.37 -26.05 -23.02
CA LEU A 695 19.94 -26.34 -22.89
C LEU A 695 19.10 -25.33 -23.65
N VAL A 696 19.43 -24.04 -23.52
CA VAL A 696 18.62 -23.01 -24.16
C VAL A 696 18.68 -23.13 -25.68
N GLU A 697 19.88 -23.35 -26.23
CA GLU A 697 20.01 -23.44 -27.68
C GLU A 697 19.51 -24.77 -28.23
N THR A 698 19.46 -25.83 -27.41
CA THR A 698 18.90 -27.09 -27.86
C THR A 698 17.38 -27.06 -27.91
N ILE A 699 16.76 -26.29 -27.01
CA ILE A 699 15.30 -26.15 -27.03
C ILE A 699 14.86 -25.45 -28.31
N VAL A 700 15.46 -24.31 -28.61
CA VAL A 700 15.06 -23.55 -29.80
C VAL A 700 15.60 -24.20 -31.07
N GLY A 701 16.71 -24.95 -30.97
CA GLY A 701 17.28 -25.57 -32.15
C GLY A 701 16.49 -26.78 -32.62
N GLN A 702 15.92 -27.54 -31.70
CA GLN A 702 15.14 -28.73 -32.03
C GLN A 702 13.64 -28.53 -31.85
N ASP A 703 13.21 -27.35 -31.38
CA ASP A 703 11.80 -27.04 -31.16
C ASP A 703 11.17 -28.05 -30.20
N ILE A 704 11.72 -28.10 -28.99
CA ILE A 704 11.26 -29.06 -27.99
C ILE A 704 9.90 -28.64 -27.46
N GLY A 705 8.95 -29.57 -27.45
CA GLY A 705 7.60 -29.28 -27.00
C GLY A 705 7.39 -29.55 -25.52
N THR A 706 7.78 -30.74 -25.07
CA THR A 706 7.59 -31.16 -23.68
C THR A 706 8.93 -31.26 -22.98
N LEU A 707 9.00 -30.73 -21.77
CA LEU A 707 10.21 -30.72 -20.96
C LEU A 707 9.90 -31.18 -19.55
N HIS A 708 10.92 -31.75 -18.90
CA HIS A 708 10.83 -32.11 -17.49
C HIS A 708 11.94 -31.43 -16.71
N PHE A 709 11.62 -30.99 -15.50
CA PHE A 709 12.60 -30.45 -14.57
C PHE A 709 12.27 -30.94 -13.17
N VAL A 710 13.30 -31.08 -12.35
CA VAL A 710 13.10 -31.14 -10.90
C VAL A 710 13.09 -29.70 -10.44
N PRO A 711 12.39 -29.37 -9.34
CA PRO A 711 12.26 -27.94 -8.97
C PRO A 711 13.57 -27.18 -8.86
N SER A 712 14.62 -27.80 -8.33
CA SER A 712 15.90 -27.10 -8.21
C SER A 712 16.55 -26.90 -9.58
N MET A 713 16.28 -27.78 -10.53
CA MET A 713 16.79 -27.58 -11.89
C MET A 713 15.94 -26.58 -12.67
N LEU A 714 14.64 -26.53 -12.41
CA LEU A 714 13.80 -25.52 -13.04
C LEU A 714 14.22 -24.12 -12.63
N GLN A 715 14.72 -23.96 -11.40
CA GLN A 715 15.20 -22.65 -10.95
C GLN A 715 16.40 -22.20 -11.76
N ALA A 716 17.34 -23.10 -12.03
CA ALA A 716 18.50 -22.75 -12.84
C ALA A 716 18.11 -22.47 -14.28
N PHE A 717 17.05 -23.13 -14.77
CA PHE A 717 16.59 -22.87 -16.13
C PHE A 717 15.95 -21.48 -16.24
N VAL A 718 15.21 -21.07 -15.22
CA VAL A 718 14.60 -19.74 -15.25
C VAL A 718 15.67 -18.66 -15.17
N ASP A 719 16.70 -18.88 -14.36
CA ASP A 719 17.77 -17.90 -14.18
C ASP A 719 18.84 -17.99 -15.25
N SER A 720 18.73 -18.92 -16.20
CA SER A 720 19.75 -19.07 -17.22
C SER A 720 19.64 -17.94 -18.25
N GLU A 721 20.69 -17.82 -19.07
CA GLU A 721 20.77 -16.77 -20.07
C GLU A 721 19.87 -17.11 -21.26
N GLY A 722 18.93 -16.22 -21.57
CA GLY A 722 18.08 -16.40 -22.72
C GLY A 722 16.94 -17.37 -22.52
N VAL A 723 16.37 -17.45 -21.31
CA VAL A 723 15.28 -18.38 -21.06
C VAL A 723 14.02 -17.96 -21.83
N GLN A 724 13.84 -16.66 -22.06
CA GLN A 724 12.65 -16.18 -22.77
C GLN A 724 12.66 -16.54 -24.25
N ARG A 725 13.78 -17.03 -24.78
CA ARG A 725 13.82 -17.50 -26.16
C ARG A 725 13.04 -18.79 -26.35
N CYS A 726 12.81 -19.55 -25.28
CA CYS A 726 12.11 -20.84 -25.36
C CYS A 726 10.60 -20.60 -25.42
N ARG A 727 10.18 -19.99 -26.52
CA ARG A 727 8.77 -19.69 -26.75
C ARG A 727 8.01 -20.86 -27.37
N GLY A 728 8.72 -21.83 -27.95
CA GLY A 728 8.09 -22.99 -28.56
C GLY A 728 7.74 -24.10 -27.60
N VAL A 729 8.02 -23.94 -26.31
CA VAL A 729 7.72 -24.97 -25.33
C VAL A 729 6.24 -24.94 -25.01
N ARG A 730 5.61 -26.11 -24.97
CA ARG A 730 4.20 -26.23 -24.63
C ARG A 730 3.96 -26.68 -23.19
N ARG A 731 4.74 -27.63 -22.69
CA ARG A 731 4.52 -28.21 -21.38
C ARG A 731 5.83 -28.31 -20.61
N ILE A 732 5.73 -28.15 -19.30
CA ILE A 732 6.84 -28.39 -18.37
C ILE A 732 6.31 -29.19 -17.20
N VAL A 733 6.95 -30.32 -16.91
CA VAL A 733 6.53 -31.25 -15.87
C VAL A 733 7.56 -31.23 -14.75
N CYS A 734 7.08 -31.20 -13.50
CA CYS A 734 7.94 -31.19 -12.33
C CYS A 734 7.68 -32.42 -11.48
N SER A 735 8.76 -33.11 -11.10
CA SER A 735 8.68 -34.27 -10.23
C SER A 735 9.92 -34.28 -9.33
N GLY A 736 9.91 -35.18 -8.37
CA GLY A 736 11.04 -35.30 -7.45
C GLY A 736 10.89 -34.50 -6.18
N GLU A 737 11.33 -33.25 -6.20
CA GLU A 737 11.24 -32.38 -5.04
C GLU A 737 9.85 -31.77 -4.93
N ALA A 738 9.68 -30.91 -3.93
CA ALA A 738 8.49 -30.08 -3.81
C ALA A 738 8.71 -28.78 -4.57
N LEU A 739 7.65 -28.28 -5.20
CA LEU A 739 7.76 -27.09 -6.04
C LEU A 739 7.28 -25.87 -5.25
N PRO A 740 8.14 -24.88 -5.01
CA PRO A 740 7.68 -23.65 -4.37
C PRO A 740 6.80 -22.84 -5.31
N GLY A 741 5.84 -22.13 -4.71
CA GLY A 741 4.96 -21.29 -5.50
C GLY A 741 5.64 -20.10 -6.12
N ALA A 742 6.70 -19.60 -5.48
CA ALA A 742 7.43 -18.46 -6.02
C ALA A 742 8.13 -18.84 -7.32
N LEU A 743 8.62 -20.07 -7.43
CA LEU A 743 9.26 -20.52 -8.66
C LEU A 743 8.23 -20.70 -9.77
N ALA A 744 7.04 -21.20 -9.43
CA ALA A 744 5.99 -21.37 -10.43
C ALA A 744 5.52 -20.04 -10.97
N ARG A 745 5.38 -19.03 -10.10
CA ARG A 745 4.96 -17.71 -10.55
C ARG A 745 6.02 -17.00 -11.37
N ARG A 746 7.29 -17.36 -11.19
CA ARG A 746 8.34 -16.77 -12.02
C ARG A 746 8.39 -17.42 -13.40
N LEU A 747 8.12 -18.72 -13.49
CA LEU A 747 7.96 -19.36 -14.79
C LEU A 747 6.74 -18.81 -15.53
N ARG A 748 5.73 -18.37 -14.78
CA ARG A 748 4.53 -17.79 -15.40
C ARG A 748 4.85 -16.50 -16.13
N GLN A 749 5.81 -15.72 -15.63
CA GLN A 749 6.16 -14.46 -16.26
C GLN A 749 7.16 -14.66 -17.39
N GLN A 750 8.16 -15.52 -17.19
CA GLN A 750 9.20 -15.72 -18.19
C GLN A 750 8.64 -16.35 -19.46
N LEU A 751 7.84 -17.42 -19.31
CA LEU A 751 7.26 -18.13 -20.44
C LEU A 751 5.75 -18.25 -20.21
N PRO A 752 4.97 -17.26 -20.63
CA PRO A 752 3.53 -17.30 -20.35
C PRO A 752 2.77 -18.37 -21.10
N GLN A 753 3.29 -18.87 -22.22
CA GLN A 753 2.54 -19.83 -23.03
C GLN A 753 2.70 -21.27 -22.56
N VAL A 754 3.64 -21.55 -21.68
CA VAL A 754 3.87 -22.93 -21.24
C VAL A 754 2.87 -23.29 -20.15
N GLU A 755 2.48 -24.57 -20.13
CA GLU A 755 1.56 -25.10 -19.13
C GLU A 755 2.35 -25.93 -18.15
N LEU A 756 2.46 -25.44 -16.92
CA LEU A 756 3.22 -26.12 -15.88
C LEU A 756 2.34 -27.13 -15.14
N HIS A 757 2.89 -28.31 -14.91
CA HIS A 757 2.18 -29.38 -14.21
C HIS A 757 3.06 -29.96 -13.12
N ASN A 758 2.45 -30.25 -11.97
CA ASN A 758 3.15 -30.80 -10.81
C ASN A 758 2.75 -32.25 -10.63
N LEU A 759 3.76 -33.13 -10.58
CA LEU A 759 3.52 -34.56 -10.46
C LEU A 759 4.25 -35.12 -9.24
N TYR A 760 3.64 -36.14 -8.64
CA TYR A 760 4.16 -36.80 -7.46
C TYR A 760 4.06 -38.31 -7.64
N GLY A 761 5.07 -39.03 -7.15
CA GLY A 761 5.09 -40.47 -7.25
C GLY A 761 6.46 -41.06 -6.99
N PRO A 762 6.51 -42.07 -6.13
CA PRO A 762 7.78 -42.77 -5.87
C PRO A 762 8.07 -43.81 -6.94
N THR A 763 9.30 -44.33 -6.89
CA THR A 763 9.71 -45.35 -7.86
C THR A 763 8.90 -46.63 -7.69
N GLU A 764 8.41 -46.90 -6.48
CA GLU A 764 7.61 -48.09 -6.22
C GLU A 764 6.18 -47.96 -6.73
N ALA A 765 5.77 -46.77 -7.16
CA ALA A 765 4.47 -46.57 -7.78
C ALA A 765 4.63 -46.28 -9.26
N THR A 766 5.31 -47.19 -9.96
CA THR A 766 5.74 -47.00 -11.35
C THR A 766 6.55 -45.71 -11.49
N VAL A 767 5.90 -44.63 -11.91
CA VAL A 767 6.61 -43.37 -12.12
C VAL A 767 5.94 -42.25 -11.33
N ASP A 768 4.67 -41.99 -11.63
CA ASP A 768 3.91 -40.96 -10.95
C ASP A 768 2.48 -41.44 -10.74
N VAL A 769 1.85 -40.94 -9.68
CA VAL A 769 0.48 -41.34 -9.36
C VAL A 769 -0.47 -40.17 -9.19
N THR A 770 0.02 -38.94 -9.00
CA THR A 770 -0.83 -37.77 -8.87
C THR A 770 -0.30 -36.65 -9.75
N ALA A 771 -1.21 -35.74 -10.13
CA ALA A 771 -0.86 -34.62 -10.98
C ALA A 771 -1.72 -33.43 -10.61
N TRP A 772 -1.15 -32.23 -10.75
CA TRP A 772 -1.87 -30.99 -10.48
C TRP A 772 -1.42 -29.94 -11.50
N ALA A 773 -2.38 -29.36 -12.20
CA ALA A 773 -2.08 -28.32 -13.18
C ALA A 773 -1.99 -26.97 -12.48
N CYS A 774 -0.95 -26.21 -12.80
CA CYS A 774 -0.77 -24.86 -12.25
C CYS A 774 -1.53 -23.84 -13.10
N ASP A 775 -2.84 -24.06 -13.21
CA ASP A 775 -3.70 -23.25 -14.06
C ASP A 775 -4.42 -22.14 -13.31
N ALA A 776 -4.36 -22.13 -11.99
CA ALA A 776 -5.07 -21.11 -11.21
C ALA A 776 -4.41 -19.75 -11.40
N ALA A 777 -5.25 -18.70 -11.39
CA ALA A 777 -4.71 -17.34 -11.47
C ALA A 777 -3.93 -16.98 -10.22
N GLU A 778 -4.33 -17.51 -9.07
CA GLU A 778 -3.64 -17.28 -7.80
C GLU A 778 -2.93 -18.57 -7.40
N LEU A 779 -1.61 -18.51 -7.30
CA LEU A 779 -0.92 -19.73 -6.92
C LEU A 779 -0.50 -19.70 -5.46
N PRO A 780 -0.67 -20.80 -4.73
CA PRO A 780 -0.24 -20.85 -3.34
C PRO A 780 1.25 -21.12 -3.22
N ASP A 781 1.77 -20.82 -2.03
CA ASP A 781 3.18 -21.09 -1.77
C ASP A 781 3.47 -22.59 -1.75
N ASN A 782 2.53 -23.38 -1.24
CA ASN A 782 2.65 -24.84 -1.23
C ASN A 782 1.85 -25.36 -2.42
N ILE A 783 2.55 -25.72 -3.49
CA ILE A 783 1.91 -26.25 -4.69
C ILE A 783 1.42 -27.66 -4.39
N PRO A 784 0.12 -27.93 -4.53
CA PRO A 784 -0.39 -29.27 -4.23
C PRO A 784 0.14 -30.31 -5.21
N ILE A 785 0.21 -31.56 -4.74
CA ILE A 785 0.58 -32.66 -5.62
C ILE A 785 -0.60 -33.15 -6.46
N GLY A 786 -1.81 -32.72 -6.12
CA GLY A 786 -2.96 -32.92 -6.98
C GLY A 786 -3.78 -34.15 -6.64
N ARG A 787 -4.58 -34.57 -7.63
CA ARG A 787 -5.52 -35.67 -7.69
C ARG A 787 -4.87 -36.90 -8.32
N PRO A 788 -5.30 -38.09 -7.93
CA PRO A 788 -4.69 -39.32 -8.48
C PRO A 788 -4.93 -39.46 -9.97
N VAL A 789 -4.09 -40.28 -10.60
CA VAL A 789 -4.18 -40.52 -12.03
C VAL A 789 -5.05 -41.75 -12.28
N ASP A 790 -5.10 -42.21 -13.53
CA ASP A 790 -6.02 -43.27 -13.91
C ASP A 790 -5.68 -44.58 -13.21
N ASN A 791 -6.72 -45.25 -12.71
CA ASN A 791 -6.64 -46.60 -12.15
C ASN A 791 -5.69 -46.68 -10.96
N THR A 792 -5.53 -45.58 -10.23
CA THR A 792 -4.71 -45.57 -9.02
C THR A 792 -5.45 -44.81 -7.93
N THR A 793 -5.47 -45.39 -6.73
CA THR A 793 -6.14 -44.80 -5.58
C THR A 793 -5.11 -44.24 -4.60
N MET A 794 -5.53 -43.25 -3.83
CA MET A 794 -4.69 -42.61 -2.83
C MET A 794 -5.42 -42.58 -1.50
N TYR A 795 -4.68 -42.86 -0.41
CA TYR A 795 -5.27 -42.89 0.92
C TYR A 795 -4.30 -42.24 1.90
N VAL A 796 -4.85 -41.49 2.84
CA VAL A 796 -4.08 -40.87 3.93
C VAL A 796 -4.52 -41.56 5.21
N LEU A 797 -3.67 -42.45 5.73
CA LEU A 797 -4.03 -43.32 6.83
C LEU A 797 -3.29 -42.91 8.10
N ASP A 798 -3.84 -43.35 9.24
CA ASP A 798 -3.25 -43.07 10.54
C ASP A 798 -2.37 -44.25 10.97
N ALA A 799 -2.12 -44.36 12.28
CA ALA A 799 -1.28 -45.45 12.78
C ALA A 799 -1.97 -46.80 12.65
N HIS A 800 -3.30 -46.83 12.70
CA HIS A 800 -4.07 -48.05 12.55
C HIS A 800 -4.48 -48.32 11.12
N GLY A 801 -3.84 -47.66 10.15
CA GLY A 801 -4.17 -47.86 8.75
C GLY A 801 -5.56 -47.42 8.35
N GLN A 802 -6.16 -46.49 9.09
CA GLN A 802 -7.51 -46.02 8.84
C GLN A 802 -7.50 -44.60 8.28
N PRO A 803 -8.45 -44.27 7.40
CA PRO A 803 -8.45 -42.93 6.78
C PRO A 803 -8.69 -41.84 7.83
N VAL A 804 -7.85 -40.80 7.79
CA VAL A 804 -7.95 -39.68 8.70
C VAL A 804 -8.96 -38.68 8.13
N PRO A 805 -9.52 -37.79 8.95
CA PRO A 805 -10.45 -36.78 8.42
C PRO A 805 -9.74 -35.82 7.47
N THR A 806 -10.55 -35.01 6.80
CA THR A 806 -10.02 -34.04 5.84
C THR A 806 -9.20 -32.97 6.56
N GLY A 807 -8.02 -32.67 6.02
CA GLY A 807 -7.12 -31.71 6.62
C GLY A 807 -6.18 -32.28 7.66
N VAL A 808 -6.38 -33.53 8.06
CA VAL A 808 -5.53 -34.19 9.05
C VAL A 808 -4.36 -34.86 8.34
N ALA A 809 -3.17 -34.76 8.93
CA ALA A 809 -1.98 -35.34 8.35
C ALA A 809 -1.87 -36.83 8.67
N GLY A 810 -1.37 -37.58 7.70
CA GLY A 810 -1.18 -39.01 7.86
C GLY A 810 -0.23 -39.53 6.81
N GLU A 811 -0.04 -40.86 6.80
CA GLU A 811 0.86 -41.49 5.86
C GLU A 811 0.16 -41.73 4.53
N ILE A 812 0.80 -41.33 3.44
CA ILE A 812 0.23 -41.48 2.11
C ILE A 812 0.40 -42.93 1.65
N HIS A 813 -0.71 -43.55 1.27
CA HIS A 813 -0.71 -44.92 0.76
C HIS A 813 -1.20 -44.91 -0.68
N ILE A 814 -0.52 -45.66 -1.53
CA ILE A 814 -0.82 -45.72 -2.96
C ILE A 814 -1.34 -47.10 -3.30
N GLY A 815 -2.43 -47.15 -4.07
CA GLY A 815 -2.97 -48.41 -4.53
C GLY A 815 -3.44 -48.29 -5.97
N GLY A 816 -3.55 -49.44 -6.62
CA GLY A 816 -3.98 -49.52 -7.99
C GLY A 816 -3.06 -50.41 -8.79
N VAL A 817 -3.05 -50.19 -10.12
CA VAL A 817 -2.27 -51.03 -11.02
C VAL A 817 -0.82 -50.59 -11.14
N GLN A 818 -0.47 -49.43 -10.59
CA GLN A 818 0.88 -48.89 -10.73
C GLN A 818 1.79 -49.27 -9.58
N VAL A 819 1.30 -49.98 -8.57
CA VAL A 819 2.16 -50.42 -7.49
C VAL A 819 3.13 -51.48 -8.00
N ALA A 820 4.40 -51.34 -7.63
CA ALA A 820 5.43 -52.25 -8.11
C ALA A 820 5.26 -53.64 -7.50
N ARG A 821 5.93 -54.61 -8.11
CA ARG A 821 5.88 -55.98 -7.61
C ARG A 821 6.56 -56.09 -6.25
N GLY A 822 7.57 -55.27 -5.99
CA GLY A 822 8.27 -55.27 -4.73
C GLY A 822 9.72 -54.91 -4.93
N TYR A 823 10.55 -55.32 -3.97
CA TYR A 823 11.99 -55.11 -4.03
C TYR A 823 12.68 -56.41 -4.41
N LEU A 824 13.62 -56.33 -5.34
CA LEU A 824 14.27 -57.53 -5.86
C LEU A 824 15.17 -58.16 -4.81
N GLY A 825 14.91 -59.43 -4.49
CA GLY A 825 15.76 -60.17 -3.58
C GLY A 825 15.61 -59.81 -2.11
N ARG A 826 14.64 -58.97 -1.75
CA ARG A 826 14.41 -58.55 -0.37
C ARG A 826 12.93 -58.66 -0.08
N PRO A 827 12.44 -59.87 0.25
CA PRO A 827 11.00 -60.06 0.44
C PRO A 827 10.45 -59.52 1.74
N GLU A 828 11.24 -59.56 2.81
CA GLU A 828 10.73 -59.10 4.11
C GLU A 828 10.44 -57.61 4.09
N LEU A 829 11.29 -56.82 3.43
CA LEU A 829 11.01 -55.40 3.29
C LEU A 829 9.82 -55.15 2.38
N THR A 830 9.57 -56.05 1.42
CA THR A 830 8.40 -55.93 0.57
C THR A 830 7.12 -56.20 1.34
N ARG A 831 7.11 -57.26 2.15
CA ARG A 831 5.94 -57.57 2.97
C ARG A 831 5.63 -56.44 3.95
N GLU A 832 6.63 -55.66 4.33
CA GLU A 832 6.42 -54.59 5.30
C GLU A 832 5.85 -53.33 4.66
N ARG A 833 6.21 -53.05 3.40
CA ARG A 833 5.80 -51.82 2.75
C ARG A 833 4.93 -52.03 1.51
N PHE A 834 4.57 -53.27 1.20
CA PHE A 834 3.59 -53.59 0.16
C PHE A 834 2.50 -54.44 0.82
N VAL A 835 1.59 -53.77 1.52
CA VAL A 835 0.60 -54.41 2.38
C VAL A 835 -0.67 -54.69 1.59
N PRO A 836 -1.55 -55.58 2.06
CA PRO A 836 -2.81 -55.80 1.35
C PRO A 836 -3.68 -54.54 1.33
N ASP A 837 -4.50 -54.44 0.29
CA ASP A 837 -5.39 -53.29 0.10
C ASP A 837 -6.80 -53.68 0.48
N PRO A 838 -7.33 -53.21 1.62
CA PRO A 838 -8.71 -53.57 2.00
C PRO A 838 -9.78 -52.71 1.33
N TYR A 839 -9.41 -51.59 0.71
CA TYR A 839 -10.37 -50.66 0.14
C TYR A 839 -10.65 -50.92 -1.34
N ALA A 840 -9.99 -51.91 -1.95
CA ALA A 840 -10.17 -52.19 -3.37
C ALA A 840 -11.32 -53.15 -3.65
N GLY A 841 -11.56 -54.13 -2.79
CA GLY A 841 -12.55 -55.14 -3.09
C GLY A 841 -12.14 -56.11 -4.17
N ARG A 842 -10.85 -56.28 -4.40
CA ARG A 842 -10.28 -57.16 -5.40
C ARG A 842 -9.60 -58.34 -4.74
N PRO A 843 -9.18 -59.37 -5.53
CA PRO A 843 -8.57 -60.55 -4.91
C PRO A 843 -7.34 -60.24 -4.07
N GLY A 844 -6.20 -59.98 -4.73
CA GLY A 844 -4.96 -59.74 -4.00
C GLY A 844 -4.37 -58.37 -4.26
N ALA A 845 -5.22 -57.34 -4.29
CA ALA A 845 -4.74 -55.98 -4.47
C ALA A 845 -3.86 -55.55 -3.30
N ARG A 846 -2.79 -54.83 -3.61
CA ARG A 846 -1.81 -54.42 -2.62
C ARG A 846 -1.77 -52.91 -2.51
N LEU A 847 -1.14 -52.43 -1.44
CA LEU A 847 -1.06 -51.01 -1.11
C LEU A 847 0.36 -50.69 -0.69
N TYR A 848 0.93 -49.64 -1.25
CA TYR A 848 2.32 -49.27 -0.99
C TYR A 848 2.38 -48.19 0.09
N LYS A 849 3.18 -48.43 1.12
CA LYS A 849 3.44 -47.44 2.17
C LYS A 849 4.59 -46.55 1.73
N THR A 850 4.28 -45.28 1.44
CA THR A 850 5.29 -44.37 0.91
C THR A 850 6.22 -43.83 1.99
N GLY A 851 5.74 -43.73 3.22
CA GLY A 851 6.47 -43.04 4.25
C GLY A 851 6.45 -41.53 4.13
N ASP A 852 5.60 -40.99 3.26
CA ASP A 852 5.46 -39.55 3.08
C ASP A 852 4.24 -39.05 3.84
N LEU A 853 4.39 -37.89 4.46
CA LEU A 853 3.29 -37.28 5.20
C LEU A 853 2.48 -36.38 4.27
N GLY A 854 1.16 -36.46 4.39
CA GLY A 854 0.30 -35.67 3.53
C GLY A 854 -1.08 -35.54 4.14
N ARG A 855 -1.93 -34.76 3.46
CA ARG A 855 -3.27 -34.52 3.94
C ARG A 855 -4.16 -34.15 2.76
N TRP A 856 -5.44 -34.51 2.87
CA TRP A 856 -6.43 -34.12 1.88
C TRP A 856 -6.86 -32.67 2.10
N LEU A 857 -6.90 -31.90 1.03
CA LEU A 857 -7.43 -30.55 1.11
C LEU A 857 -8.93 -30.56 0.83
N PRO A 858 -9.65 -29.53 1.29
CA PRO A 858 -11.11 -29.53 1.07
C PRO A 858 -11.52 -29.60 -0.39
N ASP A 859 -10.68 -29.14 -1.31
CA ASP A 859 -11.00 -29.17 -2.74
C ASP A 859 -10.72 -30.53 -3.38
N GLY A 860 -10.42 -31.55 -2.59
CA GLY A 860 -10.17 -32.86 -3.15
C GLY A 860 -8.79 -33.07 -3.71
N THR A 861 -7.80 -32.34 -3.21
CA THR A 861 -6.41 -32.48 -3.64
C THR A 861 -5.53 -32.82 -2.46
N LEU A 862 -4.39 -33.42 -2.76
CA LEU A 862 -3.42 -33.84 -1.76
C LEU A 862 -2.31 -32.81 -1.62
N GLU A 863 -1.77 -32.68 -0.41
CA GLU A 863 -0.73 -31.73 -0.09
C GLU A 863 0.45 -32.47 0.52
N TYR A 864 1.63 -32.26 -0.04
CA TYR A 864 2.84 -32.93 0.45
C TYR A 864 3.34 -32.25 1.71
N LEU A 865 3.65 -33.05 2.73
CA LEU A 865 4.09 -32.52 4.02
C LEU A 865 5.46 -33.06 4.44
N GLY A 866 6.17 -33.74 3.54
CA GLY A 866 7.49 -34.26 3.83
C GLY A 866 7.45 -35.71 4.27
N ARG A 867 8.64 -36.22 4.58
CA ARG A 867 8.79 -37.59 5.07
C ARG A 867 8.45 -37.66 6.55
N ASN A 868 8.28 -38.88 7.05
CA ASN A 868 8.03 -39.08 8.47
C ASN A 868 9.30 -38.93 9.30
N ASP A 869 10.45 -39.33 8.75
CA ASP A 869 11.71 -39.22 9.46
C ASP A 869 12.34 -37.83 9.36
N HIS A 870 11.80 -36.95 8.52
CA HIS A 870 12.33 -35.60 8.34
C HIS A 870 11.40 -34.55 8.95
N GLN A 871 10.67 -34.92 9.99
CA GLN A 871 9.72 -34.02 10.64
C GLN A 871 10.44 -33.21 11.71
N VAL A 872 10.21 -31.89 11.71
CA VAL A 872 10.79 -30.97 12.68
C VAL A 872 9.70 -30.53 13.64
N LYS A 873 10.03 -30.51 14.94
CA LYS A 873 9.07 -30.13 15.97
C LYS A 873 9.72 -29.23 17.00
N ILE A 874 9.09 -28.09 17.26
CA ILE A 874 9.49 -27.17 18.32
C ILE A 874 8.33 -27.01 19.28
N ARG A 875 8.62 -27.01 20.57
CA ARG A 875 7.60 -26.94 21.62
C ARG A 875 6.60 -28.09 21.51
N GLY A 876 7.03 -29.21 20.93
CA GLY A 876 6.10 -30.28 20.63
C GLY A 876 5.08 -29.92 19.58
N LEU A 877 5.50 -29.18 18.54
CA LEU A 877 4.61 -28.66 17.53
C LEU A 877 5.29 -28.74 16.17
N ARG A 878 4.61 -29.34 15.20
CA ARG A 878 5.20 -29.55 13.89
C ARG A 878 5.45 -28.22 13.18
N ILE A 879 6.60 -28.12 12.52
CA ILE A 879 7.02 -26.90 11.83
C ILE A 879 7.17 -27.20 10.35
N GLU A 880 6.53 -26.38 9.52
CA GLU A 880 6.69 -26.44 8.08
C GLU A 880 7.85 -25.53 7.68
N LEU A 881 8.99 -26.13 7.36
CA LEU A 881 10.18 -25.35 7.01
C LEU A 881 10.00 -24.55 5.73
N GLY A 882 9.08 -24.97 4.85
CA GLY A 882 8.84 -24.21 3.63
C GLY A 882 8.26 -22.84 3.88
N GLU A 883 7.50 -22.68 4.97
CA GLU A 883 6.94 -21.37 5.30
C GLU A 883 8.03 -20.41 5.76
N ILE A 884 9.14 -20.93 6.29
CA ILE A 884 10.25 -20.08 6.69
C ILE A 884 11.10 -19.72 5.48
N GLU A 885 11.34 -20.69 4.59
CA GLU A 885 12.12 -20.42 3.38
C GLU A 885 11.40 -19.42 2.47
N ALA A 886 10.07 -19.51 2.39
CA ALA A 886 9.32 -18.59 1.54
C ALA A 886 9.36 -17.17 2.08
N GLN A 887 9.40 -17.01 3.41
CA GLN A 887 9.44 -15.66 3.97
C GLN A 887 10.82 -15.05 3.85
N LEU A 888 11.86 -15.88 3.77
CA LEU A 888 13.22 -15.37 3.57
C LEU A 888 13.39 -14.85 2.14
N ALA A 889 12.80 -15.54 1.16
CA ALA A 889 12.95 -15.13 -0.23
C ALA A 889 12.27 -13.79 -0.51
N ARG A 890 11.24 -13.45 0.26
CA ARG A 890 10.59 -12.15 0.09
C ARG A 890 11.44 -11.00 0.60
N GLN A 891 12.38 -11.27 1.50
CA GLN A 891 13.21 -10.22 2.05
C GLN A 891 14.14 -9.67 0.96
N PRO A 892 14.37 -8.36 0.93
CA PRO A 892 15.26 -7.79 -0.10
C PRO A 892 16.70 -8.21 0.13
N GLY A 893 17.42 -8.38 -0.97
CA GLY A 893 18.78 -8.87 -0.93
C GLY A 893 18.92 -10.37 -0.91
N VAL A 894 17.82 -11.11 -0.94
CA VAL A 894 17.82 -12.56 -0.92
C VAL A 894 17.15 -13.07 -2.20
N ARG A 895 17.80 -14.02 -2.86
CA ARG A 895 17.26 -14.62 -4.09
C ARG A 895 16.62 -15.98 -3.83
N GLU A 896 17.30 -16.86 -3.10
CA GLU A 896 16.76 -18.16 -2.71
C GLU A 896 17.16 -18.43 -1.27
N ALA A 897 16.49 -19.41 -0.66
CA ALA A 897 16.74 -19.71 0.75
C ALA A 897 16.40 -21.16 1.04
N VAL A 898 17.14 -21.74 1.99
CA VAL A 898 16.91 -23.09 2.49
C VAL A 898 17.12 -23.08 4.00
N VAL A 899 16.18 -23.66 4.74
CA VAL A 899 16.24 -23.72 6.20
C VAL A 899 16.29 -25.18 6.62
N LEU A 900 17.24 -25.50 7.49
CA LEU A 900 17.42 -26.85 8.01
C LEU A 900 17.35 -26.85 9.53
N ALA A 901 17.15 -28.03 10.10
CA ALA A 901 17.04 -28.22 11.55
C ALA A 901 18.25 -29.04 12.00
N ARG A 902 19.28 -28.34 12.48
CA ARG A 902 20.48 -28.99 13.00
C ARG A 902 20.22 -29.41 14.44
N GLN A 903 20.01 -30.72 14.63
CA GLN A 903 19.74 -31.27 15.96
C GLN A 903 21.06 -31.36 16.72
N ASP A 904 21.29 -30.41 17.61
CA ASP A 904 22.47 -30.40 18.46
C ASP A 904 22.22 -31.28 19.67
N ARG A 905 22.93 -31.05 20.77
CA ARG A 905 22.81 -31.81 22.01
C ARG A 905 21.46 -31.60 22.69
N PRO A 906 20.93 -30.38 22.76
CA PRO A 906 19.58 -30.20 23.32
C PRO A 906 18.53 -30.90 22.47
N GLY A 907 17.41 -31.21 23.11
CA GLY A 907 16.28 -31.80 22.44
C GLY A 907 15.39 -30.75 21.79
N ASP A 908 16.03 -29.71 21.26
CA ASP A 908 15.32 -28.60 20.62
C ASP A 908 16.21 -28.10 19.50
N PRO A 909 15.91 -28.47 18.26
CA PRO A 909 16.88 -28.25 17.17
C PRO A 909 17.13 -26.78 16.88
N ARG A 910 18.33 -26.51 16.39
CA ARG A 910 18.76 -25.16 16.03
C ARG A 910 18.45 -24.90 14.56
N LEU A 911 17.76 -23.80 14.29
CA LEU A 911 17.33 -23.46 12.93
C LEU A 911 18.41 -22.65 12.25
N VAL A 912 19.00 -23.21 11.20
CA VAL A 912 20.05 -22.56 10.42
C VAL A 912 19.52 -22.29 9.02
N ALA A 913 19.66 -21.06 8.56
CA ALA A 913 19.17 -20.63 7.25
C ALA A 913 20.33 -20.48 6.27
N TYR A 914 20.10 -20.92 5.04
CA TYR A 914 21.10 -20.87 3.97
C TYR A 914 20.55 -20.01 2.84
N LEU A 915 21.35 -19.05 2.37
CA LEU A 915 20.89 -18.03 1.46
C LEU A 915 21.70 -18.02 0.17
N LEU A 916 21.01 -17.69 -0.92
CA LEU A 916 21.64 -17.32 -2.18
C LEU A 916 21.38 -15.83 -2.40
N ALA A 917 22.45 -15.03 -2.41
CA ALA A 917 22.30 -13.59 -2.44
C ALA A 917 22.09 -13.07 -3.85
N GLU A 918 21.40 -11.93 -3.94
CA GLU A 918 21.24 -11.18 -5.18
C GLU A 918 22.54 -10.46 -5.52
N PRO A 919 22.82 -10.25 -6.81
CA PRO A 919 24.08 -9.57 -7.20
C PRO A 919 24.29 -8.21 -6.56
N ALA A 920 23.22 -7.57 -6.08
CA ALA A 920 23.34 -6.22 -5.52
C ALA A 920 24.29 -6.20 -4.32
N ALA A 921 23.95 -6.93 -3.26
CA ALA A 921 24.76 -6.95 -2.06
C ALA A 921 24.46 -8.23 -1.29
N ALA A 922 25.33 -8.51 -0.32
CA ALA A 922 25.13 -9.66 0.56
C ALA A 922 24.20 -9.27 1.71
N PRO A 923 23.33 -10.19 2.15
CA PRO A 923 22.38 -9.85 3.20
C PRO A 923 23.03 -9.77 4.58
N ASP A 924 22.41 -8.97 5.44
CA ASP A 924 22.86 -8.80 6.81
C ASP A 924 21.99 -9.63 7.75
N ALA A 925 22.61 -10.14 8.82
CA ALA A 925 21.90 -11.01 9.74
C ALA A 925 20.86 -10.26 10.56
N GLN A 926 21.23 -9.09 11.08
CA GLN A 926 20.30 -8.31 11.89
C GLN A 926 19.11 -7.82 11.08
N VAL A 927 19.32 -7.49 9.80
CA VAL A 927 18.20 -7.05 8.96
C VAL A 927 17.22 -8.19 8.73
N LEU A 928 17.74 -9.40 8.47
CA LEU A 928 16.88 -10.55 8.31
C LEU A 928 16.25 -10.98 9.63
N ARG A 929 16.98 -10.81 10.74
CA ARG A 929 16.46 -11.24 12.04
C ARG A 929 15.28 -10.39 12.47
N ALA A 930 15.40 -9.06 12.39
CA ALA A 930 14.36 -8.17 12.90
C ALA A 930 13.13 -8.19 11.99
N ALA A 931 13.35 -8.11 10.67
CA ALA A 931 12.22 -8.07 9.75
C ALA A 931 11.42 -9.37 9.76
N LEU A 932 12.09 -10.51 9.96
CA LEU A 932 11.41 -11.79 10.04
C LEU A 932 10.79 -12.03 11.42
N MET A 933 11.32 -11.41 12.47
CA MET A 933 10.76 -11.54 13.81
C MET A 933 9.32 -11.03 13.88
N GLN A 934 8.94 -10.11 13.00
CA GLN A 934 7.58 -9.57 12.99
C GLN A 934 6.60 -10.41 12.20
N VAL A 935 7.07 -11.10 11.16
CA VAL A 935 6.15 -11.87 10.32
C VAL A 935 5.93 -13.27 10.89
N LEU A 936 6.94 -13.86 11.51
CA LEU A 936 6.90 -15.21 12.03
C LEU A 936 7.03 -15.21 13.55
N PRO A 937 6.57 -16.27 14.21
CA PRO A 937 6.77 -16.37 15.66
C PRO A 937 8.24 -16.54 16.02
N GLU A 938 8.52 -16.46 17.32
CA GLU A 938 9.90 -16.47 17.79
C GLU A 938 10.57 -17.83 17.56
N TYR A 939 9.80 -18.91 17.57
CA TYR A 939 10.38 -20.25 17.44
C TYR A 939 10.57 -20.68 15.99
N MET A 940 10.20 -19.83 15.02
CA MET A 940 10.38 -20.14 13.60
C MET A 940 11.41 -19.22 12.96
N VAL A 941 12.08 -18.37 13.74
CA VAL A 941 13.13 -17.50 13.22
C VAL A 941 14.46 -18.23 13.35
N PRO A 942 15.22 -18.38 12.27
CA PRO A 942 16.50 -19.09 12.37
C PRO A 942 17.48 -18.37 13.26
N ALA A 943 18.41 -19.15 13.82
CA ALA A 943 19.42 -18.59 14.72
C ALA A 943 20.61 -18.04 13.96
N ALA A 944 20.96 -18.63 12.81
CA ALA A 944 22.11 -18.20 12.03
C ALA A 944 21.75 -18.20 10.56
N TYR A 945 22.35 -17.27 9.83
CA TYR A 945 22.12 -17.11 8.39
C TYR A 945 23.47 -17.09 7.69
N VAL A 946 23.64 -17.99 6.73
CA VAL A 946 24.89 -18.10 5.97
C VAL A 946 24.57 -17.99 4.49
N ALA A 947 25.47 -17.35 3.75
CA ALA A 947 25.31 -17.12 2.32
C ALA A 947 26.17 -18.07 1.52
N MET A 948 25.65 -18.49 0.37
CA MET A 948 26.33 -19.42 -0.53
C MET A 948 26.22 -18.91 -1.96
N PRO A 949 27.17 -19.29 -2.83
CA PRO A 949 27.08 -18.86 -4.23
C PRO A 949 26.05 -19.65 -5.02
N ALA A 950 25.94 -20.96 -4.75
CA ALA A 950 24.98 -21.80 -5.46
C ALA A 950 24.69 -23.03 -4.61
N TRP A 951 23.57 -23.69 -4.94
CA TRP A 951 23.17 -24.89 -4.20
C TRP A 951 23.96 -26.10 -4.67
N PRO A 952 24.35 -26.98 -3.76
CA PRO A 952 24.88 -28.29 -4.17
C PRO A 952 23.75 -29.21 -4.61
N LEU A 953 24.00 -29.99 -5.66
CA LEU A 953 22.97 -30.79 -6.29
C LEU A 953 23.32 -32.27 -6.27
N THR A 954 22.29 -33.09 -6.34
CA THR A 954 22.41 -34.53 -6.47
C THR A 954 22.56 -34.91 -7.93
N PRO A 955 22.96 -36.16 -8.23
CA PRO A 955 23.04 -36.58 -9.64
C PRO A 955 21.76 -36.38 -10.42
N ASN A 956 20.59 -36.52 -9.78
CA ASN A 956 19.32 -36.29 -10.46
C ASN A 956 18.93 -34.82 -10.50
N GLY A 957 19.79 -33.92 -10.02
CA GLY A 957 19.50 -32.50 -10.05
C GLY A 957 18.78 -31.96 -8.84
N LYS A 958 18.41 -32.81 -7.89
CA LYS A 958 17.70 -32.35 -6.70
C LYS A 958 18.65 -31.61 -5.75
N LEU A 959 18.06 -30.91 -4.80
CA LEU A 959 18.83 -30.16 -3.81
C LEU A 959 19.42 -31.12 -2.79
N ASP A 960 20.75 -31.13 -2.68
CA ASP A 960 21.45 -32.02 -1.76
C ASP A 960 21.54 -31.31 -0.40
N ARG A 961 20.52 -31.53 0.43
CA ARG A 961 20.49 -30.91 1.75
C ARG A 961 21.56 -31.46 2.68
N LYS A 962 22.05 -32.68 2.43
CA LYS A 962 23.11 -33.23 3.27
C LYS A 962 24.46 -32.57 2.98
N ALA A 963 24.62 -31.95 1.82
CA ALA A 963 25.87 -31.24 1.50
C ALA A 963 25.92 -29.84 2.12
N LEU A 964 24.80 -29.36 2.68
CA LEU A 964 24.78 -28.06 3.32
C LEU A 964 25.38 -28.13 4.72
N ALA B 3 -41.41 0.63 19.61
CA ALA B 3 -42.32 0.52 18.46
C ALA B 3 -42.22 1.76 17.58
N ASP B 4 -41.70 2.85 18.13
CA ASP B 4 -41.59 4.11 17.41
C ASP B 4 -40.29 4.13 16.60
N ARG B 5 -40.42 4.26 15.29
CA ARG B 5 -39.28 4.33 14.38
C ARG B 5 -39.35 5.65 13.64
N TRP B 6 -38.39 6.54 13.92
CA TRP B 6 -38.30 7.85 13.30
C TRP B 6 -37.30 7.81 12.14
N PRO B 7 -37.45 8.71 11.17
CA PRO B 7 -36.53 8.72 10.02
C PRO B 7 -35.20 9.38 10.38
N LEU B 8 -34.24 9.22 9.47
CA LEU B 8 -32.93 9.84 9.60
C LEU B 8 -32.89 11.17 8.86
N SER B 9 -32.17 12.13 9.44
CA SER B 9 -31.91 13.37 8.72
C SER B 9 -30.97 13.10 7.55
N TYR B 10 -30.88 14.09 6.65
CA TYR B 10 -30.03 13.92 5.47
C TYR B 10 -28.58 13.71 5.87
N ALA B 11 -28.11 14.42 6.89
CA ALA B 11 -26.73 14.24 7.35
C ALA B 11 -26.51 12.87 7.97
N GLN B 12 -27.55 12.29 8.59
CA GLN B 12 -27.42 10.97 9.18
C GLN B 12 -27.44 9.87 8.13
N GLN B 13 -28.26 10.03 7.09
CA GLN B 13 -28.35 9.00 6.07
C GLN B 13 -27.05 8.83 5.29
N ARG B 14 -26.30 9.91 5.10
CA ARG B 14 -25.02 9.80 4.40
C ARG B 14 -23.96 9.13 5.27
N LEU B 15 -24.00 9.37 6.58
CA LEU B 15 -23.08 8.68 7.48
C LEU B 15 -23.42 7.21 7.62
N TRP B 16 -24.70 6.85 7.52
CA TRP B 16 -25.09 5.45 7.60
C TRP B 16 -24.60 4.67 6.38
N PHE B 17 -24.90 5.18 5.17
CA PHE B 17 -24.42 4.52 3.96
C PHE B 17 -22.91 4.60 3.82
N LEU B 18 -22.26 5.53 4.52
CA LEU B 18 -20.79 5.52 4.57
C LEU B 18 -20.28 4.39 5.45
N ALA B 19 -20.82 4.28 6.67
CA ALA B 19 -20.32 3.29 7.62
C ALA B 19 -20.57 1.87 7.15
N GLN B 20 -21.62 1.65 6.37
CA GLN B 20 -21.91 0.31 5.88
C GLN B 20 -20.91 -0.16 4.83
N MET B 21 -20.23 0.76 4.15
CA MET B 21 -19.15 0.41 3.24
C MET B 21 -17.79 0.47 3.91
N GLY B 22 -17.73 0.70 5.22
CA GLY B 22 -16.46 0.80 5.91
C GLY B 22 -15.68 2.07 5.63
N GLN B 23 -16.36 3.15 5.28
CA GLN B 23 -15.70 4.42 5.01
C GLN B 23 -15.79 5.41 6.15
N ALA B 24 -16.69 5.19 7.11
CA ALA B 24 -16.82 6.06 8.28
C ALA B 24 -15.99 5.59 9.46
N ALA B 25 -14.85 4.95 9.20
CA ALA B 25 -13.97 4.44 10.25
C ALA B 25 -12.89 5.43 10.65
N SER B 26 -12.89 6.63 10.08
CA SER B 26 -11.87 7.62 10.40
C SER B 26 -12.14 8.23 11.77
N SER B 27 -11.15 8.96 12.27
CA SER B 27 -11.31 9.66 13.54
C SER B 27 -12.16 10.91 13.40
N ALA B 28 -12.35 11.40 12.17
CA ALA B 28 -13.15 12.62 11.96
C ALA B 28 -14.63 12.39 12.24
N TYR B 29 -15.09 11.14 12.23
CA TYR B 29 -16.48 10.82 12.49
C TYR B 29 -16.76 10.51 13.95
N HIS B 30 -15.85 10.91 14.85
CA HIS B 30 -16.05 10.81 16.29
C HIS B 30 -15.83 12.19 16.89
N ILE B 31 -16.80 12.67 17.66
CA ILE B 31 -16.70 13.96 18.34
C ILE B 31 -16.11 13.70 19.71
N ALA B 32 -14.81 13.96 19.86
CA ALA B 32 -14.07 13.67 21.07
C ALA B 32 -13.75 14.94 21.84
N GLY B 33 -13.79 14.85 23.16
CA GLY B 33 -13.50 15.96 24.05
C GLY B 33 -12.90 15.43 25.34
N GLY B 34 -12.42 16.35 26.16
CA GLY B 34 -11.81 15.98 27.43
C GLY B 34 -11.95 17.09 28.45
N LEU B 35 -11.94 16.71 29.72
CA LEU B 35 -12.04 17.66 30.82
C LEU B 35 -11.08 17.27 31.92
N THR B 36 -10.34 18.25 32.44
CA THR B 36 -9.46 18.04 33.59
C THR B 36 -10.18 18.52 34.84
N LEU B 37 -10.27 17.65 35.84
CA LEU B 37 -11.02 17.92 37.07
C LEU B 37 -10.04 18.07 38.22
N ARG B 38 -9.76 19.31 38.61
CA ARG B 38 -8.87 19.61 39.73
C ARG B 38 -9.69 19.81 40.99
N GLY B 39 -9.51 18.91 41.97
CA GLY B 39 -10.21 18.97 43.22
C GLY B 39 -10.87 17.65 43.55
N HIS B 40 -11.54 17.63 44.71
CA HIS B 40 -12.25 16.43 45.13
C HIS B 40 -13.45 16.17 44.24
N LEU B 41 -13.70 14.89 43.97
CA LEU B 41 -14.71 14.47 43.00
C LEU B 41 -15.79 13.68 43.69
N ASP B 42 -17.05 14.11 43.52
CA ASP B 42 -18.21 13.36 43.99
C ASP B 42 -18.58 12.39 42.87
N GLU B 43 -18.00 11.19 42.93
CA GLU B 43 -18.20 10.22 41.85
C GLU B 43 -19.65 9.78 41.75
N GLY B 44 -20.39 9.82 42.85
CA GLY B 44 -21.81 9.51 42.79
C GLY B 44 -22.60 10.59 42.07
N ALA B 45 -22.22 11.85 42.27
CA ALA B 45 -22.90 12.96 41.59
C ALA B 45 -22.49 13.07 40.13
N LEU B 46 -21.24 12.75 39.80
CA LEU B 46 -20.82 12.75 38.41
C LEU B 46 -21.56 11.67 37.62
N GLN B 47 -21.79 10.52 38.23
CA GLN B 47 -22.57 9.47 37.58
C GLN B 47 -24.02 9.90 37.40
N ALA B 48 -24.57 10.60 38.40
CA ALA B 48 -25.94 11.09 38.28
C ALA B 48 -26.07 12.17 37.22
N ALA B 49 -25.02 12.96 37.01
CA ALA B 49 -25.05 13.97 35.95
C ALA B 49 -24.99 13.32 34.58
N LEU B 50 -24.10 12.35 34.40
CA LEU B 50 -23.99 11.65 33.12
C LEU B 50 -25.23 10.80 32.84
N ASP B 51 -25.84 10.24 33.90
CA ASP B 51 -27.07 9.48 33.69
C ASP B 51 -28.22 10.39 33.28
N ARG B 52 -28.26 11.61 33.81
CA ARG B 52 -29.35 12.52 33.48
C ARG B 52 -29.23 13.03 32.05
N ILE B 53 -28.00 13.24 31.57
CA ILE B 53 -27.80 13.73 30.21
C ILE B 53 -28.36 12.72 29.21
N VAL B 54 -28.11 11.43 29.41
CA VAL B 54 -28.68 10.41 28.56
C VAL B 54 -30.20 10.38 28.70
N GLN B 55 -30.69 10.61 29.92
CA GLN B 55 -32.14 10.63 30.16
C GLN B 55 -32.81 11.77 29.37
N ARG B 56 -32.13 12.91 29.27
CA ARG B 56 -32.74 14.07 28.64
C ARG B 56 -32.73 13.98 27.12
N HIS B 57 -31.56 13.68 26.54
CA HIS B 57 -31.39 13.73 25.09
C HIS B 57 -31.66 12.34 24.50
N GLU B 58 -32.71 12.24 23.69
CA GLU B 58 -33.04 10.99 23.02
C GLU B 58 -31.96 10.59 22.00
N ALA B 59 -31.17 11.54 21.52
CA ALA B 59 -30.13 11.21 20.55
C ALA B 59 -29.05 10.32 21.16
N LEU B 60 -28.78 10.47 22.46
CA LEU B 60 -27.81 9.63 23.13
C LEU B 60 -28.37 8.26 23.51
N ARG B 61 -29.67 8.04 23.29
CA ARG B 61 -30.29 6.73 23.48
C ARG B 61 -30.71 6.12 22.15
N THR B 62 -30.08 6.51 21.06
CA THR B 62 -30.53 6.19 19.71
C THR B 62 -29.70 5.04 19.13
N ARG B 63 -30.38 4.07 18.54
CA ARG B 63 -29.77 3.04 17.72
C ARG B 63 -30.25 3.20 16.28
N PHE B 64 -29.62 2.45 15.38
CA PHE B 64 -29.92 2.53 13.96
C PHE B 64 -30.04 1.11 13.39
N GLU B 65 -31.14 0.86 12.69
CA GLU B 65 -31.39 -0.44 12.08
C GLU B 65 -32.16 -0.24 10.79
N LEU B 66 -32.42 -1.35 10.09
CA LEU B 66 -33.09 -1.31 8.80
C LEU B 66 -34.60 -1.51 8.98
N GLN B 67 -35.35 -1.00 8.01
CA GLN B 67 -36.81 -1.19 7.99
C GLN B 67 -37.28 -1.04 6.55
N ASP B 68 -37.80 -2.12 5.98
CA ASP B 68 -38.24 -2.14 4.58
C ASP B 68 -37.11 -1.73 3.63
N GLY B 69 -35.87 -2.02 4.03
CA GLY B 69 -34.72 -1.67 3.22
C GLY B 69 -34.03 -0.41 3.69
N GLN B 70 -34.80 0.64 3.97
CA GLN B 70 -34.24 1.92 4.38
C GLN B 70 -33.94 1.93 5.88
N PRO B 71 -32.97 2.74 6.30
CA PRO B 71 -32.65 2.82 7.73
C PRO B 71 -33.65 3.66 8.50
N VAL B 72 -33.80 3.33 9.78
CA VAL B 72 -34.68 4.06 10.69
C VAL B 72 -33.90 4.40 11.96
N GLN B 73 -34.49 5.26 12.78
CA GLN B 73 -33.86 5.81 13.97
C GLN B 73 -34.62 5.32 15.20
N ARG B 74 -34.13 4.24 15.79
CA ARG B 74 -34.77 3.66 16.97
C ARG B 74 -34.30 4.36 18.23
N ILE B 75 -35.19 4.44 19.21
CA ILE B 75 -34.94 5.12 20.48
C ILE B 75 -35.22 4.15 21.62
N ASP B 76 -34.24 3.98 22.49
CA ASP B 76 -34.34 3.09 23.64
C ASP B 76 -34.80 3.87 24.87
N ALA B 77 -34.92 3.16 25.99
CA ALA B 77 -35.27 3.71 27.28
C ALA B 77 -34.04 4.28 27.96
N PRO B 78 -34.22 5.22 28.92
CA PRO B 78 -33.06 5.78 29.62
C PRO B 78 -32.13 4.75 30.24
N ARG B 79 -31.09 4.37 29.49
CA ARG B 79 -30.04 3.47 29.90
C ARG B 79 -28.96 4.22 30.65
N PRO B 80 -28.16 3.53 31.47
CA PRO B 80 -27.10 4.21 32.21
C PRO B 80 -25.96 4.64 31.29
N PHE B 81 -25.04 5.40 31.86
CA PHE B 81 -23.88 5.89 31.13
C PHE B 81 -22.72 4.90 31.24
N ALA B 82 -22.05 4.69 30.11
CA ALA B 82 -20.91 3.77 30.07
C ALA B 82 -19.63 4.55 30.37
N LEU B 83 -19.36 4.71 31.66
CA LEU B 83 -18.18 5.41 32.14
C LEU B 83 -17.18 4.38 32.66
N PHE B 84 -16.00 4.34 32.06
CA PHE B 84 -14.96 3.40 32.43
C PHE B 84 -13.95 4.09 33.34
N ARG B 85 -13.73 3.52 34.52
CA ARG B 85 -12.76 4.05 35.48
C ARG B 85 -11.44 3.32 35.33
N GLN B 86 -10.34 4.06 35.48
CA GLN B 86 -9.00 3.50 35.39
C GLN B 86 -8.02 4.54 35.91
N ALA B 87 -6.78 4.11 36.09
CA ALA B 87 -5.73 4.98 36.59
C ALA B 87 -5.02 5.70 35.44
N LEU B 88 -4.18 6.67 35.80
CA LEU B 88 -3.44 7.45 34.82
C LEU B 88 -2.22 8.05 35.50
N GLY B 89 -1.03 7.68 35.02
CA GLY B 89 0.18 8.26 35.55
C GLY B 89 0.47 9.62 34.93
N ALA B 90 1.21 10.44 35.67
CA ALA B 90 1.57 11.76 35.20
C ALA B 90 2.53 11.66 34.03
N GLY B 91 2.21 12.34 32.93
CA GLY B 91 3.03 12.30 31.73
C GLY B 91 2.30 12.79 30.50
N GLU B 92 3.01 13.51 29.63
CA GLU B 92 2.38 14.04 28.43
C GLU B 92 2.04 12.93 27.43
N ALA B 93 2.90 11.92 27.32
CA ALA B 93 2.67 10.86 26.36
C ALA B 93 1.60 9.86 26.83
N GLU B 94 1.48 9.67 28.15
CA GLU B 94 0.52 8.69 28.65
C GLU B 94 -0.91 9.21 28.50
N LEU B 95 -1.11 10.52 28.66
CA LEU B 95 -2.45 11.08 28.47
C LEU B 95 -2.85 11.05 27.00
N ALA B 96 -1.92 11.45 26.11
CA ALA B 96 -2.22 11.49 24.68
C ALA B 96 -2.52 10.11 24.11
N HIS B 97 -2.15 9.04 24.83
CA HIS B 97 -2.47 7.70 24.35
C HIS B 97 -3.94 7.38 24.51
N TRP B 98 -4.53 7.71 25.66
CA TRP B 98 -5.90 7.31 25.93
C TRP B 98 -6.92 8.19 25.21
N GLN B 99 -6.62 9.47 24.99
CA GLN B 99 -7.48 10.27 24.13
C GLN B 99 -7.29 9.93 22.66
N GLN B 100 -6.23 9.20 22.31
CA GLN B 100 -6.08 8.70 20.95
C GLN B 100 -6.94 7.46 20.72
N VAL B 101 -6.99 6.55 21.71
CA VAL B 101 -7.83 5.38 21.57
C VAL B 101 -9.30 5.72 21.72
N GLU B 102 -9.62 6.85 22.35
CA GLU B 102 -11.01 7.30 22.42
C GLU B 102 -11.51 7.82 21.09
N ALA B 103 -10.62 8.41 20.29
CA ALA B 103 -10.98 8.93 18.97
C ALA B 103 -10.90 7.87 17.88
N GLN B 104 -10.10 6.82 18.06
CA GLN B 104 -9.92 5.80 17.05
C GLN B 104 -10.86 4.61 17.21
N THR B 105 -11.27 4.31 18.43
CA THR B 105 -12.13 3.15 18.67
C THR B 105 -13.50 3.37 18.02
N PRO B 106 -13.97 2.47 17.19
CA PRO B 106 -15.26 2.66 16.52
C PRO B 106 -16.43 2.37 17.45
N PHE B 107 -17.59 2.86 17.05
CA PHE B 107 -18.85 2.59 17.73
C PHE B 107 -19.63 1.50 17.00
N ASP B 108 -20.65 0.98 17.67
CA ASP B 108 -21.57 0.01 17.09
C ASP B 108 -22.89 0.72 16.84
N LEU B 109 -23.13 1.08 15.58
CA LEU B 109 -24.35 1.80 15.21
C LEU B 109 -25.61 0.95 15.34
N GLY B 110 -25.47 -0.36 15.51
CA GLY B 110 -26.62 -1.23 15.62
C GLY B 110 -27.12 -1.43 17.03
N THR B 111 -26.19 -1.66 17.97
CA THR B 111 -26.54 -1.93 19.36
C THR B 111 -26.22 -0.79 20.31
N GLY B 112 -25.32 0.11 19.96
CA GLY B 112 -24.91 1.16 20.84
C GLY B 112 -23.97 0.66 21.91
N PRO B 113 -23.60 1.54 22.87
CA PRO B 113 -24.03 2.94 22.93
C PRO B 113 -23.23 3.83 21.99
N LEU B 114 -23.78 5.01 21.65
CA LEU B 114 -23.10 5.97 20.81
C LEU B 114 -22.52 7.13 21.60
N ILE B 115 -22.40 6.97 22.91
CA ILE B 115 -21.69 7.93 23.76
C ILE B 115 -21.00 7.16 24.87
N ARG B 116 -19.75 7.54 25.16
CA ARG B 116 -18.94 6.82 26.12
C ARG B 116 -18.01 7.81 26.81
N GLY B 117 -17.37 7.34 27.89
CA GLY B 117 -16.47 8.19 28.65
C GLY B 117 -15.35 7.38 29.28
N ARG B 118 -14.39 8.10 29.85
CA ARG B 118 -13.28 7.49 30.56
C ARG B 118 -12.85 8.45 31.67
N LEU B 119 -13.04 8.04 32.92
CA LEU B 119 -12.62 8.84 34.07
C LEU B 119 -11.21 8.38 34.47
N LEU B 120 -10.20 9.10 33.98
CA LEU B 120 -8.81 8.78 34.25
C LEU B 120 -8.40 9.42 35.58
N LYS B 121 -8.12 8.60 36.58
CA LYS B 121 -7.74 9.09 37.89
C LYS B 121 -6.22 9.21 37.98
N ARG B 122 -5.73 10.40 38.31
CA ARG B 122 -4.31 10.65 38.49
C ARG B 122 -3.90 10.58 39.95
N ASN B 123 -4.56 11.35 40.83
CA ASN B 123 -4.38 11.24 42.26
C ASN B 123 -5.76 11.38 42.91
N GLU B 124 -5.78 11.55 44.23
CA GLU B 124 -7.05 11.66 44.94
C GLU B 124 -7.76 12.98 44.70
N GLN B 125 -7.12 13.95 44.04
CA GLN B 125 -7.74 15.24 43.81
C GLN B 125 -7.48 15.76 42.40
N GLU B 126 -7.31 14.85 41.44
CA GLU B 126 -7.14 15.25 40.04
C GLU B 126 -7.59 14.11 39.14
N HIS B 127 -8.56 14.39 38.28
CA HIS B 127 -9.07 13.42 37.32
C HIS B 127 -9.11 14.05 35.94
N VAL B 128 -9.08 13.19 34.92
CA VAL B 128 -9.21 13.61 33.53
C VAL B 128 -10.38 12.85 32.93
N LEU B 129 -11.47 13.56 32.64
CA LEU B 129 -12.69 12.96 32.09
C LEU B 129 -12.68 13.13 30.58
N LEU B 130 -12.58 12.03 29.85
CA LEU B 130 -12.69 12.02 28.40
C LEU B 130 -14.11 11.65 27.99
N LEU B 131 -14.64 12.35 27.01
CA LEU B 131 -15.99 12.12 26.50
C LEU B 131 -15.95 12.07 24.98
N THR B 132 -16.61 11.06 24.42
CA THR B 132 -16.59 10.85 22.97
C THR B 132 -17.94 10.29 22.53
N MET B 133 -18.50 10.88 21.48
CA MET B 133 -19.76 10.42 20.92
C MET B 133 -19.66 10.41 19.41
N HIS B 134 -20.43 9.52 18.78
CA HIS B 134 -20.39 9.40 17.33
C HIS B 134 -21.01 10.62 16.67
N HIS B 135 -20.49 10.97 15.49
CA HIS B 135 -20.94 12.15 14.78
C HIS B 135 -22.36 12.03 14.25
N ILE B 136 -22.92 10.82 14.20
CA ILE B 136 -24.30 10.64 13.75
C ILE B 136 -25.32 11.13 14.76
N VAL B 137 -24.89 11.47 15.98
CA VAL B 137 -25.80 11.93 17.02
C VAL B 137 -25.21 13.13 17.74
N SER B 138 -24.29 13.84 17.10
CA SER B 138 -23.62 14.98 17.73
C SER B 138 -22.91 15.79 16.67
N ASP B 139 -22.30 16.90 17.10
CA ASP B 139 -21.45 17.74 16.28
C ASP B 139 -20.58 18.58 17.21
N GLY B 140 -19.91 19.59 16.66
CA GLY B 140 -19.04 20.43 17.47
C GLY B 140 -19.82 21.24 18.49
N TRP B 141 -21.00 21.73 18.11
CA TRP B 141 -21.84 22.47 19.05
C TRP B 141 -22.32 21.58 20.17
N SER B 142 -22.51 20.28 19.90
CA SER B 142 -23.05 19.37 20.92
C SER B 142 -22.07 19.18 22.08
N MET B 143 -20.77 19.16 21.79
CA MET B 143 -19.79 19.03 22.87
C MET B 143 -19.83 20.23 23.81
N GLY B 144 -20.07 21.42 23.25
CA GLY B 144 -20.26 22.59 24.11
C GLY B 144 -21.51 22.48 24.96
N VAL B 145 -22.56 21.87 24.41
CA VAL B 145 -23.75 21.60 25.21
C VAL B 145 -23.46 20.55 26.28
N LEU B 146 -22.72 19.50 25.91
CA LEU B 146 -22.43 18.43 26.86
C LEU B 146 -21.59 18.95 28.03
N ALA B 147 -20.61 19.79 27.75
CA ALA B 147 -19.75 20.30 28.82
C ALA B 147 -20.51 21.26 29.73
N ARG B 148 -21.30 22.17 29.15
CA ARG B 148 -22.07 23.10 29.98
C ARG B 148 -23.17 22.38 30.74
N GLU B 149 -23.83 21.41 30.12
CA GLU B 149 -24.90 20.68 30.78
C GLU B 149 -24.34 19.74 31.86
N LEU B 150 -23.12 19.24 31.66
CA LEU B 150 -22.51 18.39 32.68
C LEU B 150 -22.05 19.21 33.88
N GLY B 151 -21.47 20.39 33.62
CA GLY B 151 -21.00 21.22 34.71
C GLY B 151 -22.10 21.75 35.61
N ALA B 152 -23.29 21.99 35.03
CA ALA B 152 -24.41 22.46 35.83
C ALA B 152 -25.08 21.32 36.58
N LEU B 153 -25.16 20.14 35.97
CA LEU B 153 -25.77 18.99 36.65
C LEU B 153 -24.91 18.52 37.81
N TYR B 154 -23.58 18.57 37.65
CA TYR B 154 -22.71 18.16 38.75
C TYR B 154 -22.77 19.15 39.90
N ARG B 155 -22.76 20.45 39.61
CA ARG B 155 -22.87 21.44 40.68
C ARG B 155 -24.17 21.31 41.44
N ALA B 156 -25.24 20.88 40.76
CA ALA B 156 -26.52 20.71 41.43
C ALA B 156 -26.55 19.43 42.26
N TYR B 157 -25.99 18.34 41.73
CA TYR B 157 -26.03 17.07 42.44
C TYR B 157 -24.99 16.97 43.54
N ALA B 158 -23.83 17.62 43.38
CA ALA B 158 -22.74 17.51 44.34
C ALA B 158 -22.71 18.67 45.34
N GLU B 159 -22.83 19.90 44.86
CA GLU B 159 -22.71 21.07 45.74
C GLU B 159 -24.05 21.48 46.34
N GLU B 160 -25.11 21.53 45.52
CA GLU B 160 -26.45 21.78 46.05
C GLU B 160 -27.06 20.53 46.65
N LYS B 161 -26.52 19.36 46.33
CA LYS B 161 -26.99 18.07 46.86
C LYS B 161 -28.45 17.83 46.51
N ILE B 162 -28.85 18.23 45.31
CA ILE B 162 -30.18 17.90 44.81
C ILE B 162 -30.26 16.41 44.54
N GLY B 163 -31.42 15.82 44.79
CA GLY B 163 -31.63 14.42 44.57
C GLY B 163 -31.51 14.05 43.10
N PRO B 164 -30.77 12.97 42.81
CA PRO B 164 -30.68 12.49 41.42
C PRO B 164 -32.02 12.02 40.86
N GLU B 165 -33.05 11.94 41.69
CA GLU B 165 -34.37 11.54 41.21
C GLU B 165 -34.97 12.55 40.25
N ILE B 166 -34.61 13.82 40.38
CA ILE B 166 -35.28 14.91 39.67
C ILE B 166 -34.30 15.59 38.73
N ASP B 167 -34.83 16.22 37.69
CA ASP B 167 -34.01 16.91 36.69
C ASP B 167 -33.92 18.38 37.06
N PRO B 168 -32.75 18.92 37.41
CA PRO B 168 -32.66 20.31 37.86
C PRO B 168 -32.54 21.33 36.73
N LEU B 169 -32.43 20.90 35.49
CA LEU B 169 -32.25 21.78 34.35
C LEU B 169 -33.53 21.82 33.50
N PRO B 170 -33.71 22.87 32.70
CA PRO B 170 -34.94 22.96 31.88
C PRO B 170 -35.06 21.80 30.91
N ALA B 171 -36.30 21.40 30.66
CA ALA B 171 -36.57 20.34 29.73
C ALA B 171 -36.33 20.81 28.30
N LEU B 172 -36.15 19.84 27.40
CA LEU B 172 -35.90 20.16 26.00
C LEU B 172 -37.22 20.39 25.27
N PRO B 173 -37.37 21.49 24.53
CA PRO B 173 -38.64 21.74 23.83
C PRO B 173 -38.93 20.71 22.75
N LEU B 174 -37.91 20.10 22.16
CA LEU B 174 -38.11 19.03 21.20
C LEU B 174 -36.84 18.18 21.17
N GLN B 175 -36.92 17.07 20.46
CA GLN B 175 -35.80 16.14 20.30
C GLN B 175 -35.31 16.15 18.86
N TYR B 176 -34.21 15.44 18.62
CA TYR B 176 -33.64 15.40 17.28
C TYR B 176 -34.57 14.68 16.30
N ALA B 177 -35.37 13.74 16.79
CA ALA B 177 -36.33 13.07 15.92
C ALA B 177 -37.34 14.04 15.35
N ASP B 178 -37.71 15.07 16.11
CA ASP B 178 -38.60 16.10 15.59
C ASP B 178 -37.93 16.91 14.50
N TYR B 179 -36.63 17.19 14.66
CA TYR B 179 -35.89 17.89 13.61
C TYR B 179 -35.76 17.04 12.36
N ALA B 180 -35.75 15.71 12.51
CA ALA B 180 -35.60 14.84 11.35
C ALA B 180 -36.88 14.80 10.52
N VAL B 181 -38.02 14.63 11.18
CA VAL B 181 -39.29 14.57 10.44
C VAL B 181 -39.60 15.92 9.80
N TRP B 182 -39.10 17.01 10.38
CA TRP B 182 -39.28 18.32 9.76
C TRP B 182 -38.40 18.47 8.53
N GLN B 183 -37.17 17.96 8.59
CA GLN B 183 -36.25 18.09 7.45
C GLN B 183 -36.71 17.23 6.28
N ARG B 184 -37.22 16.02 6.56
CA ARG B 184 -37.70 15.17 5.48
C ARG B 184 -38.85 15.83 4.73
N ARG B 185 -39.76 16.48 5.46
CA ARG B 185 -40.84 17.21 4.82
C ARG B 185 -40.32 18.47 4.13
N TRP B 186 -39.27 19.07 4.68
CA TRP B 186 -38.72 20.30 4.10
C TRP B 186 -37.99 20.03 2.80
N LEU B 187 -37.26 18.90 2.72
CA LEU B 187 -36.47 18.60 1.54
C LEU B 187 -37.32 18.29 0.31
N ASN B 188 -38.61 18.01 0.49
CA ASN B 188 -39.51 17.74 -0.61
C ASN B 188 -40.41 18.92 -0.95
N GLY B 189 -40.27 20.05 -0.25
N GLY B 189 -40.27 20.05 -0.25
CA GLY B 189 -41.11 21.21 -0.47
CA GLY B 189 -41.11 21.20 -0.47
C GLY B 189 -40.46 22.23 -1.38
C GLY B 189 -40.49 22.21 -1.42
N GLU B 190 -41.11 23.39 -1.47
CA GLU B 190 -40.64 24.47 -2.32
C GLU B 190 -39.49 25.24 -1.72
N LEU B 191 -39.35 25.22 -0.38
CA LEU B 191 -38.26 25.94 0.26
C LEU B 191 -36.90 25.33 -0.07
N GLN B 192 -36.87 24.02 -0.34
CA GLN B 192 -35.63 23.39 -0.78
C GLN B 192 -35.29 23.80 -2.22
N GLN B 193 -36.30 24.01 -3.06
CA GLN B 193 -36.06 24.46 -4.41
C GLN B 193 -35.53 25.90 -4.45
N ARG B 194 -35.99 26.74 -3.52
CA ARG B 194 -35.53 28.13 -3.47
C ARG B 194 -34.04 28.19 -3.13
N GLN B 195 -33.62 27.49 -2.07
CA GLN B 195 -32.22 27.53 -1.67
C GLN B 195 -31.32 26.86 -2.69
N LEU B 196 -31.80 25.79 -3.33
CA LEU B 196 -31.03 25.17 -4.40
C LEU B 196 -30.89 26.10 -5.59
N ALA B 197 -31.96 26.85 -5.90
CA ALA B 197 -31.88 27.83 -6.99
C ALA B 197 -30.98 29.00 -6.61
N TYR B 198 -30.90 29.34 -5.33
CA TYR B 198 -30.04 30.43 -4.90
C TYR B 198 -28.57 30.07 -5.06
N TRP B 199 -28.18 28.88 -4.59
CA TRP B 199 -26.77 28.51 -4.61
C TRP B 199 -26.27 28.25 -6.02
N GLN B 200 -27.12 27.75 -6.91
CA GLN B 200 -26.72 27.62 -8.31
C GLN B 200 -26.43 29.00 -8.91
N GLN B 201 -27.29 29.98 -8.63
CA GLN B 201 -27.08 31.33 -9.14
C GLN B 201 -25.89 31.99 -8.46
N GLN B 202 -25.71 31.76 -7.15
CA GLN B 202 -24.65 32.44 -6.42
C GLN B 202 -23.27 31.91 -6.80
N MET B 203 -23.16 30.60 -7.07
CA MET B 203 -21.88 29.97 -7.35
C MET B 203 -21.65 29.72 -8.84
N ALA B 204 -22.54 30.21 -9.71
CA ALA B 204 -22.37 30.02 -11.14
C ALA B 204 -21.15 30.80 -11.63
N GLY B 205 -20.22 30.10 -12.27
CA GLY B 205 -19.01 30.71 -12.77
C GLY B 205 -17.92 30.91 -11.74
N ALA B 206 -18.07 30.37 -10.54
CA ALA B 206 -17.04 30.51 -9.53
C ALA B 206 -15.83 29.64 -9.87
N PRO B 207 -14.65 30.04 -9.42
CA PRO B 207 -13.46 29.21 -9.67
C PRO B 207 -13.56 27.88 -8.96
N ALA B 208 -13.36 26.80 -9.71
CA ALA B 208 -13.55 25.45 -9.16
C ALA B 208 -12.39 25.04 -8.26
N LEU B 209 -11.17 25.45 -8.59
CA LEU B 209 -9.99 25.06 -7.83
C LEU B 209 -9.12 26.29 -7.60
N VAL B 210 -8.74 26.51 -6.34
CA VAL B 210 -7.87 27.63 -5.99
C VAL B 210 -6.48 27.37 -6.53
N SER B 211 -5.81 28.41 -7.00
CA SER B 211 -4.49 28.27 -7.58
C SER B 211 -3.43 28.87 -6.66
N LEU B 212 -3.44 28.49 -5.39
CA LEU B 212 -2.42 28.96 -4.47
C LEU B 212 -1.07 28.32 -4.82
N PRO B 213 0.01 29.11 -4.84
CA PRO B 213 1.33 28.54 -5.14
C PRO B 213 1.77 27.58 -4.05
N THR B 214 2.00 26.34 -4.42
CA THR B 214 2.40 25.29 -3.48
C THR B 214 3.87 24.93 -3.69
N ASP B 215 4.48 24.43 -2.62
CA ASP B 215 5.88 24.00 -2.71
C ASP B 215 6.03 22.77 -3.58
N ARG B 216 4.99 21.95 -3.68
CA ARG B 216 4.97 20.75 -4.51
C ARG B 216 3.64 20.67 -5.23
N PRO B 217 3.61 20.07 -6.41
CA PRO B 217 2.33 19.93 -7.13
C PRO B 217 1.38 19.00 -6.39
N ARG B 218 0.09 19.24 -6.57
CA ARG B 218 -0.86 18.41 -5.86
C ARG B 218 -0.99 17.04 -6.53
N PRO B 219 -1.00 15.96 -5.75
CA PRO B 219 -1.05 14.62 -6.33
C PRO B 219 -2.42 14.31 -6.91
N ALA B 220 -2.47 13.23 -7.70
CA ALA B 220 -3.72 12.81 -8.31
C ALA B 220 -4.74 12.40 -7.25
N LEU B 221 -4.30 11.67 -6.23
CA LEU B 221 -5.15 11.29 -5.11
C LEU B 221 -4.82 12.18 -3.92
N GLN B 222 -5.86 12.74 -3.31
CA GLN B 222 -5.67 13.72 -2.25
C GLN B 222 -4.99 13.10 -1.03
N ASP B 223 -3.91 13.73 -0.57
CA ASP B 223 -3.20 13.28 0.62
C ASP B 223 -3.76 14.03 1.82
N TYR B 224 -4.47 13.29 2.68
CA TYR B 224 -5.15 13.90 3.82
C TYR B 224 -4.24 14.11 5.02
N ARG B 225 -2.95 13.83 4.91
CA ARG B 225 -2.02 14.10 5.99
C ARG B 225 -1.83 15.60 6.16
N GLY B 226 -1.84 16.07 7.41
CA GLY B 226 -1.75 17.49 7.68
C GLY B 226 -1.00 17.79 8.95
N GLU B 227 -0.42 18.99 9.00
CA GLU B 227 0.26 19.51 10.17
C GLU B 227 -0.26 20.91 10.46
N VAL B 228 0.17 21.48 11.59
CA VAL B 228 -0.46 22.66 12.15
C VAL B 228 0.58 23.75 12.36
N VAL B 229 0.19 25.00 12.12
CA VAL B 229 0.96 26.18 12.45
C VAL B 229 0.12 27.05 13.36
N ASP B 230 0.61 27.31 14.57
CA ASP B 230 -0.11 28.16 15.51
C ASP B 230 -0.14 29.60 15.01
N ILE B 231 -1.20 30.32 15.37
CA ILE B 231 -1.37 31.71 14.97
C ILE B 231 -2.06 32.46 16.10
N GLU B 232 -1.57 33.66 16.39
CA GLU B 232 -2.08 34.47 17.49
C GLU B 232 -1.98 35.94 17.14
N LEU B 233 -3.04 36.69 17.45
CA LEU B 233 -3.06 38.14 17.27
C LEU B 233 -2.96 38.81 18.63
N ASP B 234 -2.04 39.76 18.76
CA ASP B 234 -1.81 40.40 20.05
C ASP B 234 -2.99 41.32 20.40
N ALA B 235 -2.91 41.90 21.60
CA ALA B 235 -4.04 42.66 22.13
C ALA B 235 -4.32 43.91 21.29
N ALA B 236 -3.27 44.59 20.83
CA ALA B 236 -3.48 45.80 20.05
C ALA B 236 -4.16 45.51 18.72
N LEU B 237 -3.81 44.39 18.08
CA LEU B 237 -4.44 44.04 16.81
C LEU B 237 -5.88 43.58 17.01
N SER B 238 -6.13 42.76 18.04
CA SER B 238 -7.48 42.28 18.29
C SER B 238 -8.42 43.42 18.63
N ALA B 239 -7.95 44.40 19.42
CA ALA B 239 -8.78 45.54 19.75
C ALA B 239 -9.08 46.39 18.53
N GLY B 240 -8.10 46.55 17.64
CA GLY B 240 -8.33 47.28 16.41
C GLY B 240 -9.29 46.56 15.47
N LEU B 241 -9.24 45.23 15.46
CA LEU B 241 -10.17 44.46 14.63
C LEU B 241 -11.57 44.49 15.20
N LYS B 242 -11.70 44.41 16.54
CA LYS B 242 -13.02 44.53 17.16
C LYS B 242 -13.62 45.90 16.92
N ARG B 243 -12.80 46.96 16.95
CA ARG B 243 -13.30 48.29 16.67
C ARG B 243 -13.60 48.46 15.20
N LEU B 244 -12.81 47.84 14.33
CA LEU B 244 -13.11 47.87 12.90
C LEU B 244 -14.40 47.14 12.60
N SER B 245 -14.65 46.03 13.29
CA SER B 245 -15.88 45.27 13.06
C SER B 245 -17.10 46.05 13.55
N GLN B 246 -16.99 46.70 14.71
CA GLN B 246 -18.10 47.50 15.22
C GLN B 246 -18.45 48.64 14.25
N ARG B 247 -17.43 49.21 13.60
CA ARG B 247 -17.67 50.36 12.74
C ARG B 247 -18.42 49.98 11.47
N HIS B 248 -18.09 48.84 10.88
CA HIS B 248 -18.67 48.42 9.62
C HIS B 248 -19.76 47.37 9.77
N GLY B 249 -20.20 47.11 10.99
CA GLY B 249 -21.31 46.18 11.20
C GLY B 249 -21.02 44.75 10.83
N THR B 250 -19.76 44.33 10.92
CA THR B 250 -19.38 42.95 10.64
C THR B 250 -18.95 42.26 11.93
N THR B 251 -18.94 40.93 11.88
CA THR B 251 -18.40 40.15 12.97
C THR B 251 -16.90 39.96 12.74
N LEU B 252 -16.20 39.57 13.82
CA LEU B 252 -14.79 39.23 13.68
C LEU B 252 -14.58 38.12 12.67
N TYR B 253 -15.56 37.24 12.52
CA TYR B 253 -15.49 36.20 11.50
C TYR B 253 -15.55 36.81 10.09
N MET B 254 -16.46 37.76 9.87
CA MET B 254 -16.55 38.41 8.57
C MET B 254 -15.29 39.19 8.25
N THR B 255 -14.71 39.86 9.26
CA THR B 255 -13.51 40.65 9.02
C THR B 255 -12.32 39.77 8.66
N VAL B 256 -12.16 38.64 9.35
CA VAL B 256 -11.10 37.71 9.01
C VAL B 256 -11.37 37.06 7.66
N LEU B 257 -12.63 36.75 7.37
CA LEU B 257 -12.98 36.19 6.07
C LEU B 257 -12.64 37.15 4.94
N ALA B 258 -12.87 38.44 5.15
CA ALA B 258 -12.53 39.43 4.13
C ALA B 258 -11.02 39.50 3.93
N ALA B 259 -10.25 39.41 5.02
CA ALA B 259 -8.80 39.53 4.91
C ALA B 259 -8.20 38.29 4.24
N TRP B 260 -8.63 37.10 4.65
CA TRP B 260 -8.08 35.89 4.08
C TRP B 260 -8.43 35.76 2.60
N ALA B 261 -9.67 36.11 2.23
CA ALA B 261 -10.05 36.08 0.82
C ALA B 261 -9.28 37.09 0.01
N ALA B 262 -9.00 38.26 0.59
CA ALA B 262 -8.17 39.25 -0.10
C ALA B 262 -6.72 38.79 -0.22
N LEU B 263 -6.21 38.07 0.78
CA LEU B 263 -4.84 37.60 0.72
C LEU B 263 -4.68 36.48 -0.30
N VAL B 264 -5.58 35.50 -0.27
CA VAL B 264 -5.53 34.40 -1.24
C VAL B 264 -5.67 34.92 -2.66
N ALA B 265 -6.46 35.99 -2.84
CA ALA B 265 -6.61 36.57 -4.18
C ALA B 265 -5.26 37.07 -4.71
N ARG B 266 -4.44 37.68 -3.84
CA ARG B 266 -3.13 38.15 -4.27
C ARG B 266 -2.20 36.98 -4.58
N LEU B 267 -2.16 35.99 -3.70
CA LEU B 267 -1.19 34.91 -3.84
C LEU B 267 -1.54 33.99 -5.01
N ALA B 268 -2.83 33.72 -5.21
CA ALA B 268 -3.23 32.74 -6.23
C ALA B 268 -3.36 33.35 -7.62
N GLY B 269 -3.39 34.68 -7.73
CA GLY B 269 -3.57 35.31 -9.02
C GLY B 269 -4.97 35.15 -9.57
N GLN B 270 -5.98 35.21 -8.69
CA GLN B 270 -7.37 35.06 -9.08
C GLN B 270 -8.19 36.18 -8.45
N SER B 271 -9.22 36.63 -9.19
CA SER B 271 -10.04 37.73 -8.69
C SER B 271 -11.07 37.26 -7.67
N GLU B 272 -11.60 36.05 -7.83
CA GLU B 272 -12.59 35.49 -6.92
C GLU B 272 -11.98 34.35 -6.12
N VAL B 273 -12.32 34.28 -4.84
CA VAL B 273 -11.87 33.22 -3.94
C VAL B 273 -13.10 32.66 -3.22
N VAL B 274 -13.15 31.33 -3.11
CA VAL B 274 -14.24 30.64 -2.43
C VAL B 274 -13.69 30.05 -1.14
N ILE B 275 -14.22 30.51 -0.02
CA ILE B 275 -13.81 30.03 1.31
C ILE B 275 -14.97 29.26 1.91
N GLY B 276 -14.71 28.00 2.28
CA GLY B 276 -15.72 27.22 2.97
C GLY B 276 -15.77 27.54 4.45
N SER B 277 -16.92 27.23 5.07
CA SER B 277 -17.08 27.52 6.48
C SER B 277 -18.16 26.63 7.06
N PRO B 278 -17.93 26.04 8.23
CA PRO B 278 -19.02 25.35 8.92
C PRO B 278 -19.97 26.36 9.54
N VAL B 279 -21.25 25.98 9.62
CA VAL B 279 -22.27 26.80 10.24
C VAL B 279 -23.15 25.91 11.09
N ALA B 280 -23.56 26.42 12.25
CA ALA B 280 -24.47 25.71 13.13
C ALA B 280 -25.88 25.84 12.58
N ASN B 281 -26.46 24.72 12.15
CA ASN B 281 -27.80 24.72 11.59
C ASN B 281 -28.84 24.80 12.70
N ARG B 282 -28.67 25.76 13.61
CA ARG B 282 -29.54 25.91 14.77
C ARG B 282 -30.17 27.30 14.79
N GLN B 283 -30.83 27.67 13.70
CA GLN B 283 -31.46 28.99 13.63
C GLN B 283 -32.65 29.08 14.56
N ARG B 284 -33.49 28.04 14.59
CA ARG B 284 -34.59 27.98 15.55
C ARG B 284 -34.02 27.97 16.97
N ALA B 285 -34.43 28.94 17.78
CA ALA B 285 -33.87 29.10 19.11
C ALA B 285 -34.04 27.85 19.97
N GLU B 286 -35.03 27.02 19.68
CA GLU B 286 -35.24 25.79 20.45
C GLU B 286 -34.16 24.74 20.20
N LEU B 287 -33.42 24.86 19.09
CA LEU B 287 -32.41 23.87 18.73
C LEU B 287 -31.04 24.14 19.35
N GLU B 288 -30.83 25.32 19.94
CA GLU B 288 -29.51 25.69 20.44
C GLU B 288 -29.06 24.83 21.61
N GLY B 289 -29.99 24.18 22.31
CA GLY B 289 -29.67 23.37 23.46
C GLY B 289 -29.70 21.87 23.23
N LEU B 290 -29.88 21.42 22.00
CA LEU B 290 -29.97 19.99 21.71
C LEU B 290 -28.60 19.40 21.40
N ILE B 291 -28.51 18.08 21.48
CA ILE B 291 -27.32 17.33 21.13
C ILE B 291 -27.67 16.47 19.92
N GLY B 292 -27.07 16.77 18.77
CA GLY B 292 -27.36 16.02 17.57
C GLY B 292 -26.55 16.54 16.40
N PHE B 293 -26.75 15.88 15.25
CA PHE B 293 -26.04 16.20 14.02
C PHE B 293 -26.76 17.34 13.32
N PHE B 294 -26.26 18.56 13.49
CA PHE B 294 -26.85 19.74 12.87
C PHE B 294 -25.91 20.45 11.91
N VAL B 295 -24.60 20.49 12.22
CA VAL B 295 -23.68 21.37 11.53
C VAL B 295 -23.72 21.15 10.03
N ASN B 296 -23.61 22.24 9.27
CA ASN B 296 -23.60 22.23 7.82
C ASN B 296 -22.43 23.08 7.33
N THR B 297 -22.15 22.99 6.04
CA THR B 297 -21.05 23.72 5.42
C THR B 297 -21.58 24.74 4.44
N LEU B 298 -20.97 25.92 4.43
CA LEU B 298 -21.34 27.01 3.52
C LEU B 298 -20.14 27.41 2.66
N ALA B 299 -20.40 27.66 1.39
CA ALA B 299 -19.39 28.16 0.46
C ALA B 299 -19.58 29.65 0.28
N LEU B 300 -18.54 30.43 0.56
CA LEU B 300 -18.60 31.88 0.51
C LEU B 300 -17.70 32.39 -0.61
N ARG B 301 -18.32 33.03 -1.59
CA ARG B 301 -17.65 33.47 -2.81
C ARG B 301 -17.36 34.96 -2.69
N ILE B 302 -16.08 35.29 -2.53
CA ILE B 302 -15.65 36.68 -2.35
C ILE B 302 -15.00 37.16 -3.65
N ASP B 303 -15.37 38.36 -4.08
CA ASP B 303 -14.89 38.92 -5.33
C ASP B 303 -14.03 40.15 -5.04
N LEU B 304 -12.85 40.20 -5.65
CA LEU B 304 -11.96 41.34 -5.52
C LEU B 304 -11.58 41.94 -6.87
N GLY B 305 -12.40 41.72 -7.90
CA GLY B 305 -12.06 42.22 -9.22
C GLY B 305 -12.19 43.71 -9.34
N GLY B 306 -13.00 44.31 -8.49
CA GLY B 306 -13.20 45.74 -8.48
C GLY B 306 -12.13 46.54 -7.78
N ASP B 307 -11.07 45.89 -7.30
CA ASP B 307 -10.02 46.52 -6.52
C ASP B 307 -10.62 47.37 -5.40
N PRO B 308 -11.30 46.75 -4.43
CA PRO B 308 -12.08 47.50 -3.46
C PRO B 308 -11.22 48.06 -2.34
N SER B 309 -11.80 49.03 -1.62
CA SER B 309 -11.20 49.50 -0.38
C SER B 309 -11.55 48.54 0.75
N VAL B 310 -10.96 48.81 1.92
CA VAL B 310 -11.23 47.97 3.09
C VAL B 310 -12.71 48.04 3.46
N ALA B 311 -13.30 49.24 3.38
CA ALA B 311 -14.71 49.40 3.72
C ALA B 311 -15.60 48.69 2.71
N GLN B 312 -15.25 48.77 1.42
CA GLN B 312 -16.08 48.15 0.39
C GLN B 312 -15.98 46.64 0.41
N LEU B 313 -14.85 46.09 0.83
CA LEU B 313 -14.73 44.65 0.95
C LEU B 313 -15.50 44.12 2.16
N LEU B 314 -15.44 44.85 3.28
CA LEU B 314 -16.21 44.45 4.46
C LEU B 314 -17.71 44.51 4.19
N ALA B 315 -18.15 45.53 3.45
CA ALA B 315 -19.56 45.62 3.09
C ALA B 315 -20.00 44.49 2.17
N GLN B 316 -19.08 44.00 1.33
CA GLN B 316 -19.40 42.87 0.46
C GLN B 316 -19.51 41.57 1.25
N VAL B 317 -18.51 41.28 2.09
CA VAL B 317 -18.51 40.05 2.87
C VAL B 317 -19.68 40.03 3.84
N ARG B 318 -20.11 41.20 4.32
CA ARG B 318 -21.26 41.25 5.23
C ARG B 318 -22.51 40.72 4.54
N GLU B 319 -22.77 41.16 3.31
CA GLU B 319 -23.97 40.72 2.60
C GLU B 319 -23.86 39.25 2.18
N ARG B 320 -22.71 38.84 1.66
CA ARG B 320 -22.57 37.47 1.18
C ARG B 320 -22.64 36.46 2.32
N VAL B 321 -22.19 36.82 3.51
CA VAL B 321 -22.30 35.92 4.65
C VAL B 321 -23.73 35.87 5.16
N LEU B 322 -24.36 37.04 5.31
CA LEU B 322 -25.75 37.09 5.76
C LEU B 322 -26.68 36.41 4.77
N ALA B 323 -26.39 36.53 3.48
CA ALA B 323 -27.19 35.83 2.47
C ALA B 323 -26.96 34.33 2.54
N ALA B 324 -25.70 33.89 2.67
CA ALA B 324 -25.42 32.48 2.80
C ALA B 324 -26.02 31.91 4.07
N GLN B 325 -25.95 32.66 5.17
CA GLN B 325 -26.54 32.21 6.42
C GLN B 325 -28.07 32.23 6.39
N SER B 326 -28.65 32.89 5.40
CA SER B 326 -30.10 32.84 5.21
C SER B 326 -30.55 31.60 4.45
N HIS B 327 -29.62 30.79 3.98
CA HIS B 327 -29.91 29.57 3.22
C HIS B 327 -29.08 28.40 3.72
N GLN B 328 -28.97 28.27 5.05
CA GLN B 328 -28.22 27.17 5.65
C GLN B 328 -28.97 25.83 5.58
N ASP B 329 -30.29 25.86 5.46
CA ASP B 329 -31.09 24.64 5.60
C ASP B 329 -30.74 23.62 4.52
N LEU B 330 -30.41 24.07 3.32
CA LEU B 330 -30.05 23.15 2.25
C LEU B 330 -28.74 22.47 2.58
N PRO B 331 -28.68 21.14 2.57
CA PRO B 331 -27.41 20.45 2.85
C PRO B 331 -26.36 20.80 1.81
N PHE B 332 -25.11 20.88 2.28
CA PHE B 332 -24.01 21.25 1.38
C PHE B 332 -23.76 20.19 0.32
N GLU B 333 -24.06 18.93 0.62
CA GLU B 333 -23.90 17.88 -0.39
C GLU B 333 -24.81 18.12 -1.59
N GLN B 334 -26.07 18.48 -1.34
CA GLN B 334 -26.98 18.79 -2.44
C GLN B 334 -26.49 19.99 -3.23
N VAL B 335 -25.73 20.89 -2.61
CA VAL B 335 -25.18 22.05 -3.32
C VAL B 335 -24.14 21.61 -4.33
N VAL B 336 -23.21 20.74 -3.91
CA VAL B 336 -22.13 20.34 -4.81
C VAL B 336 -22.66 19.45 -5.93
N GLU B 337 -23.78 18.76 -5.69
CA GLU B 337 -24.39 17.98 -6.77
C GLU B 337 -25.13 18.90 -7.75
N ALA B 338 -25.75 19.96 -7.23
CA ALA B 338 -26.51 20.88 -8.07
C ALA B 338 -25.63 21.85 -8.86
N LEU B 339 -24.38 22.05 -8.43
CA LEU B 339 -23.47 22.91 -9.16
C LEU B 339 -22.84 22.16 -10.33
N LYS B 340 -22.44 22.92 -11.34
CA LYS B 340 -21.80 22.33 -12.52
C LYS B 340 -20.50 21.60 -12.22
N PRO B 341 -19.55 22.16 -11.45
CA PRO B 341 -18.23 21.55 -11.35
C PRO B 341 -18.27 20.07 -10.95
N GLU B 342 -17.42 19.29 -11.62
CA GLU B 342 -17.28 17.87 -11.34
C GLU B 342 -16.28 17.65 -10.21
N ARG B 343 -16.53 16.63 -9.40
CA ARG B 343 -15.67 16.33 -8.27
C ARG B 343 -14.39 15.66 -8.74
N SER B 344 -13.32 15.91 -8.00
CA SER B 344 -12.00 15.38 -8.33
C SER B 344 -11.41 14.67 -7.11
N LEU B 345 -10.63 13.62 -7.38
CA LEU B 345 -9.94 12.89 -6.33
C LEU B 345 -8.73 13.65 -5.79
N SER B 346 -8.35 14.77 -6.40
CA SER B 346 -7.17 15.50 -6.00
C SER B 346 -7.46 16.62 -5.01
N HIS B 347 -8.66 17.21 -5.05
CA HIS B 347 -9.00 18.32 -4.19
C HIS B 347 -10.45 18.20 -3.77
N SER B 348 -10.84 19.05 -2.81
CA SER B 348 -12.20 19.10 -2.30
C SER B 348 -13.09 19.87 -3.28
N PRO B 349 -14.38 19.56 -3.34
CA PRO B 349 -15.27 20.27 -4.26
C PRO B 349 -15.58 21.67 -3.79
N VAL B 350 -15.91 22.53 -4.75
CA VAL B 350 -16.36 23.91 -4.53
C VAL B 350 -15.24 24.76 -3.93
N PHE B 351 -14.79 24.42 -2.73
CA PHE B 351 -13.75 25.18 -2.05
C PHE B 351 -12.64 24.26 -1.59
N GLN B 352 -11.45 24.84 -1.43
CA GLN B 352 -10.29 24.15 -0.89
C GLN B 352 -9.74 24.82 0.36
N LEU B 353 -10.36 25.90 0.82
CA LEU B 353 -9.93 26.62 2.02
C LEU B 353 -11.13 26.77 2.96
N MET B 354 -10.91 26.53 4.24
CA MET B 354 -11.97 26.61 5.23
C MET B 354 -11.58 27.56 6.35
N LEU B 355 -12.51 28.43 6.73
CA LEU B 355 -12.36 29.31 7.88
C LEU B 355 -13.50 29.03 8.85
N SER B 356 -13.15 28.83 10.12
CA SER B 356 -14.13 28.54 11.17
C SER B 356 -13.85 29.39 12.39
N TRP B 357 -14.93 29.77 13.08
CA TRP B 357 -14.85 30.59 14.28
C TRP B 357 -15.52 29.87 15.44
N GLN B 358 -15.00 30.09 16.64
CA GLN B 358 -15.50 29.45 17.84
C GLN B 358 -15.56 30.46 18.98
N SER B 359 -16.48 30.23 19.91
CA SER B 359 -16.61 31.10 21.06
C SER B 359 -15.56 30.77 22.11
N GLY B 360 -15.48 31.61 23.14
CA GLY B 360 -14.49 31.46 24.18
C GLY B 360 -14.86 30.36 25.16
N PRO B 361 -13.87 29.95 25.97
CA PRO B 361 -14.10 28.91 26.96
C PRO B 361 -14.63 29.48 28.27
N GLN B 362 -14.95 28.61 29.23
CA GLN B 362 -15.43 29.05 30.53
C GLN B 362 -15.38 27.89 31.53
N PRO B 363 -14.49 27.97 32.53
CA PRO B 363 -14.42 26.92 33.53
C PRO B 363 -15.47 27.11 34.63
N GLY B 364 -15.66 26.06 35.41
CA GLY B 364 -16.61 26.08 36.50
C GLY B 364 -16.24 25.16 37.65
N LEU B 370 -15.14 22.22 42.65
CA LEU B 370 -14.38 21.51 41.62
C LEU B 370 -14.13 22.41 40.42
N GLY B 371 -12.89 22.39 39.91
CA GLY B 371 -12.53 23.22 38.79
C GLY B 371 -12.53 22.49 37.46
N LEU B 372 -13.67 22.49 36.77
CA LEU B 372 -13.75 21.86 35.46
C LEU B 372 -12.99 22.68 34.43
N ASP B 373 -12.11 22.03 33.68
CA ASP B 373 -11.31 22.68 32.67
C ASP B 373 -11.44 21.94 31.34
N ALA B 374 -11.33 22.69 30.25
CA ALA B 374 -11.32 22.09 28.92
C ALA B 374 -9.95 21.50 28.62
N LEU B 375 -9.95 20.35 27.94
CA LEU B 375 -8.67 19.71 27.67
C LEU B 375 -8.17 20.08 26.28
N PRO B 376 -6.88 20.40 26.13
CA PRO B 376 -6.34 20.68 24.79
C PRO B 376 -6.43 19.45 23.90
N ALA B 377 -6.74 19.68 22.63
CA ALA B 377 -6.95 18.60 21.69
C ALA B 377 -5.63 17.95 21.30
N GLY B 378 -5.71 16.98 20.40
CA GLY B 378 -4.53 16.26 19.95
C GLY B 378 -3.64 17.08 19.05
N SER B 379 -2.42 16.59 18.87
CA SER B 379 -1.42 17.28 18.05
C SER B 379 -1.72 17.14 16.57
N ARG B 380 -1.72 15.92 16.06
CA ARG B 380 -1.95 15.69 14.65
C ARG B 380 -3.41 15.97 14.27
N ARG B 381 -3.59 16.50 13.06
CA ARG B 381 -4.91 16.80 12.52
C ARG B 381 -5.01 16.26 11.11
N SER B 382 -6.23 15.94 10.68
CA SER B 382 -6.47 15.43 9.34
C SER B 382 -6.78 16.61 8.42
N ALA B 383 -5.92 16.83 7.43
CA ALA B 383 -6.07 17.94 6.50
C ALA B 383 -7.16 17.59 5.49
N GLN B 384 -8.40 17.92 5.84
CA GLN B 384 -9.51 17.68 4.93
C GLN B 384 -9.43 18.60 3.71
N PHE B 385 -8.79 19.76 3.85
CA PHE B 385 -8.62 20.72 2.77
C PHE B 385 -7.15 21.15 2.72
N ASP B 386 -6.84 22.03 1.78
CA ASP B 386 -5.48 22.53 1.66
C ASP B 386 -5.10 23.38 2.88
N LEU B 387 -5.95 24.34 3.22
CA LEU B 387 -5.74 25.19 4.39
C LEU B 387 -7.03 25.28 5.18
N SER B 388 -6.92 25.20 6.50
CA SER B 388 -8.08 25.27 7.40
C SER B 388 -7.72 26.20 8.55
N LEU B 389 -8.22 27.43 8.50
CA LEU B 389 -7.98 28.42 9.53
C LEU B 389 -9.11 28.35 10.56
N GLU B 390 -8.75 28.09 11.82
CA GLU B 390 -9.72 27.92 12.90
C GLU B 390 -9.34 28.86 14.03
N LEU B 391 -10.03 29.99 14.12
CA LEU B 391 -9.71 31.02 15.10
C LEU B 391 -10.76 31.04 16.22
N GLN B 392 -10.40 31.71 17.31
CA GLN B 392 -11.22 31.72 18.51
C GLN B 392 -10.94 32.98 19.31
N ASP B 393 -12.00 33.57 19.88
CA ASP B 393 -11.88 34.74 20.74
C ASP B 393 -11.63 34.24 22.16
N ARG B 394 -10.36 34.26 22.57
CA ARG B 394 -10.00 33.82 23.91
C ARG B 394 -10.31 34.90 24.94
N GLY B 395 -10.26 34.51 26.21
CA GLY B 395 -10.69 35.42 27.27
C GLY B 395 -9.71 36.54 27.56
N ASP B 396 -8.41 36.28 27.40
CA ASP B 396 -7.38 37.25 27.76
C ASP B 396 -7.34 38.47 26.83
N GLY B 397 -8.31 38.69 25.95
CA GLY B 397 -8.29 39.83 25.05
C GLY B 397 -7.57 39.61 23.74
N THR B 398 -7.10 38.41 23.47
CA THR B 398 -6.42 38.08 22.24
C THR B 398 -7.30 37.17 21.38
N ILE B 399 -6.85 36.98 20.15
CA ILE B 399 -7.50 36.07 19.19
C ILE B 399 -6.44 35.09 18.70
N ALA B 400 -6.63 33.81 19.00
CA ALA B 400 -5.65 32.78 18.67
C ALA B 400 -6.36 31.59 18.05
N GLY B 401 -5.59 30.80 17.31
CA GLY B 401 -6.10 29.61 16.66
C GLY B 401 -5.02 28.79 16.00
N SER B 402 -5.40 28.03 14.97
CA SER B 402 -4.46 27.14 14.29
C SER B 402 -4.74 27.15 12.79
N LEU B 403 -3.67 27.20 12.00
CA LEU B 403 -3.75 27.12 10.55
C LEU B 403 -3.26 25.74 10.13
N THR B 404 -4.21 24.83 9.86
CA THR B 404 -3.89 23.45 9.51
C THR B 404 -3.68 23.34 8.01
N TYR B 405 -2.48 22.94 7.59
CA TYR B 405 -2.12 22.85 6.19
C TYR B 405 -1.89 21.40 5.79
N ALA B 406 -2.10 21.13 4.51
CA ALA B 406 -1.86 19.80 3.96
C ALA B 406 -0.37 19.63 3.71
N SER B 407 0.22 18.59 4.30
CA SER B 407 1.67 18.45 4.27
C SER B 407 2.16 18.14 2.86
N ALA B 408 1.31 17.55 2.03
CA ALA B 408 1.73 17.18 0.69
C ALA B 408 1.92 18.40 -0.21
N LEU B 409 1.23 19.50 0.09
CA LEU B 409 1.29 20.68 -0.77
C LEU B 409 2.33 21.69 -0.27
N TYR B 410 2.29 22.03 1.01
CA TYR B 410 3.09 23.12 1.55
C TYR B 410 4.13 22.59 2.53
N GLU B 411 5.14 23.43 2.77
CA GLU B 411 6.11 23.22 3.83
C GLU B 411 5.84 24.22 4.94
N ARG B 412 6.26 23.87 6.16
CA ARG B 412 5.95 24.69 7.33
C ARG B 412 6.46 26.13 7.16
N GLU B 413 7.63 26.29 6.54
CA GLU B 413 8.16 27.63 6.30
C GLU B 413 7.25 28.46 5.40
N THR B 414 6.55 27.81 4.46
CA THR B 414 5.64 28.53 3.58
C THR B 414 4.38 28.97 4.30
N VAL B 415 3.84 28.10 5.16
CA VAL B 415 2.62 28.44 5.88
C VAL B 415 2.89 29.49 6.95
N GLN B 416 4.10 29.47 7.54
CA GLN B 416 4.45 30.49 8.52
C GLN B 416 4.44 31.88 7.90
N ARG B 417 4.90 31.99 6.65
CA ARG B 417 4.80 33.26 5.93
C ARG B 417 3.35 33.60 5.61
N HIS B 418 2.52 32.58 5.36
CA HIS B 418 1.11 32.83 5.03
C HIS B 418 0.40 33.49 6.20
N ALA B 419 0.59 32.97 7.40
CA ALA B 419 0.01 33.61 8.58
C ALA B 419 0.62 34.99 8.83
N GLY B 420 1.90 35.16 8.47
CA GLY B 420 2.52 36.47 8.60
C GLY B 420 1.91 37.49 7.65
N TYR B 421 1.58 37.07 6.42
CA TYR B 421 0.87 37.95 5.50
C TYR B 421 -0.49 38.33 6.04
N LEU B 422 -1.24 37.35 6.58
CA LEU B 422 -2.59 37.62 7.05
C LEU B 422 -2.58 38.55 8.26
N LYS B 423 -1.63 38.35 9.18
CA LYS B 423 -1.55 39.21 10.36
C LYS B 423 -1.21 40.64 9.94
N ALA B 424 -0.28 40.81 8.99
CA ALA B 424 0.07 42.14 8.53
C ALA B 424 -1.07 42.78 7.76
N LEU B 425 -1.81 41.97 7.00
CA LEU B 425 -2.95 42.51 6.25
C LEU B 425 -4.07 42.94 7.19
N LEU B 426 -4.33 42.17 8.24
CA LEU B 426 -5.35 42.54 9.21
C LEU B 426 -4.98 43.84 9.92
N ALA B 427 -3.70 44.06 10.18
CA ALA B 427 -3.26 45.29 10.83
C ALA B 427 -3.48 46.50 9.93
N GLY B 428 -3.27 46.34 8.63
CA GLY B 428 -3.50 47.44 7.71
C GLY B 428 -4.97 47.80 7.59
N MET B 429 -5.84 46.77 7.61
CA MET B 429 -7.28 47.03 7.54
C MET B 429 -7.77 47.76 8.79
N ALA B 430 -7.24 47.41 9.95
CA ALA B 430 -7.61 48.08 11.19
C ALA B 430 -7.05 49.49 11.28
N ALA B 431 -5.95 49.77 10.57
CA ALA B 431 -5.33 51.09 10.66
C ALA B 431 -6.02 52.10 9.74
N ASP B 432 -6.31 51.71 8.50
CA ASP B 432 -6.90 52.61 7.52
C ASP B 432 -7.92 51.83 6.70
N ASP B 433 -9.20 52.16 6.87
CA ASP B 433 -10.27 51.48 6.15
C ASP B 433 -10.62 52.14 4.83
N THR B 434 -9.93 53.21 4.44
CA THR B 434 -10.20 53.89 3.18
C THR B 434 -9.28 53.45 2.05
N GLN B 435 -8.11 52.89 2.38
CA GLN B 435 -7.16 52.48 1.37
C GLN B 435 -7.64 51.22 0.65
N PRO B 436 -7.17 50.99 -0.57
CA PRO B 436 -7.47 49.72 -1.24
C PRO B 436 -6.82 48.55 -0.51
N VAL B 437 -7.55 47.43 -0.42
CA VAL B 437 -7.11 46.32 0.40
C VAL B 437 -5.94 45.56 -0.22
N GLN B 438 -5.77 45.63 -1.54
CA GLN B 438 -4.67 44.95 -2.20
C GLN B 438 -3.41 45.82 -2.28
N ARG B 439 -3.49 47.07 -1.83
CA ARG B 439 -2.33 47.93 -1.69
C ARG B 439 -1.61 47.74 -0.35
N ILE B 440 -2.29 47.16 0.64
CA ILE B 440 -1.71 46.98 1.96
C ILE B 440 -0.50 46.08 1.88
N GLY B 441 0.59 46.51 2.51
CA GLY B 441 1.81 45.71 2.51
C GLY B 441 1.69 44.49 3.39
N ILE B 442 2.27 43.38 2.94
CA ILE B 442 2.22 42.12 3.67
C ILE B 442 3.58 41.48 3.88
N LEU B 443 4.61 41.88 3.15
CA LEU B 443 5.90 41.21 3.23
C LEU B 443 6.62 41.58 4.52
N GLY B 444 7.27 40.58 5.12
CA GLY B 444 8.12 40.85 6.27
C GLY B 444 9.37 41.60 5.88
N GLU B 445 10.03 42.17 6.90
CA GLU B 445 11.23 42.97 6.65
C GLU B 445 12.35 42.11 6.08
N ALA B 446 12.42 40.84 6.46
CA ALA B 446 13.46 39.96 5.95
C ALA B 446 13.17 39.52 4.52
N GLU B 447 11.90 39.17 4.23
CA GLU B 447 11.56 38.70 2.89
C GLU B 447 11.60 39.84 1.88
N ARG B 448 11.13 41.02 2.27
CA ARG B 448 11.16 42.17 1.36
C ARG B 448 12.60 42.56 1.02
N HIS B 449 13.48 42.56 2.02
CA HIS B 449 14.89 42.87 1.77
C HIS B 449 15.56 41.76 0.95
N ARG B 450 15.08 40.52 1.08
CA ARG B 450 15.63 39.43 0.29
C ARG B 450 15.19 39.52 -1.17
N LEU B 451 13.97 40.00 -1.42
CA LEU B 451 13.46 40.08 -2.78
C LEU B 451 13.97 41.31 -3.52
N LEU B 452 14.24 42.41 -2.81
CA LEU B 452 14.55 43.68 -3.45
C LEU B 452 16.04 44.00 -3.47
N VAL B 453 16.83 43.49 -2.53
CA VAL B 453 18.23 43.86 -2.38
C VAL B 453 19.16 42.66 -2.54
N GLU B 454 18.91 41.60 -1.76
CA GLU B 454 19.82 40.46 -1.76
C GLU B 454 19.90 39.80 -3.13
N TRP B 455 18.75 39.56 -3.75
CA TRP B 455 18.71 38.93 -5.06
C TRP B 455 18.94 39.91 -6.21
N ASN B 456 19.21 41.18 -5.89
CA ASN B 456 19.62 42.17 -6.87
C ASN B 456 21.02 42.71 -6.55
N ASP B 457 21.82 41.90 -5.85
CA ASP B 457 23.18 42.29 -5.48
C ASP B 457 24.12 42.00 -6.66
N THR B 458 24.00 42.85 -7.68
CA THR B 458 24.69 42.64 -8.95
C THR B 458 25.50 43.87 -9.35
N ALA B 459 25.94 44.67 -8.39
CA ALA B 459 26.74 45.85 -8.68
C ALA B 459 28.17 45.45 -9.01
N ARG B 460 28.71 46.02 -10.08
CA ARG B 460 30.08 45.74 -10.51
C ARG B 460 30.73 47.03 -10.98
N GLU B 461 32.03 47.15 -10.73
CA GLU B 461 32.78 48.37 -11.04
C GLU B 461 33.38 48.31 -12.44
N HIS B 462 32.48 48.20 -13.43
N HIS B 462 32.48 48.21 -13.43
CA HIS B 462 32.88 48.23 -14.82
CA HIS B 462 32.91 48.22 -14.81
C HIS B 462 33.13 49.67 -15.26
C HIS B 462 33.08 49.65 -15.31
N PRO B 463 33.99 49.88 -16.26
CA PRO B 463 34.18 51.23 -16.80
C PRO B 463 32.95 51.70 -17.55
N ARG B 464 32.41 52.86 -17.15
CA ARG B 464 31.24 53.44 -17.78
C ARG B 464 31.56 54.74 -18.52
N THR B 465 32.82 54.96 -18.87
CA THR B 465 33.22 56.07 -19.72
C THR B 465 33.74 55.57 -21.07
N VAL B 466 33.34 54.37 -21.48
CA VAL B 466 33.85 53.72 -22.67
C VAL B 466 32.66 53.31 -23.55
N CYS B 467 32.87 53.36 -24.86
CA CYS B 467 31.84 53.01 -25.82
C CYS B 467 32.08 51.62 -26.40
N VAL B 468 31.17 51.18 -27.26
CA VAL B 468 31.27 49.84 -27.83
C VAL B 468 32.47 49.74 -28.76
N HIS B 469 32.60 50.70 -29.68
CA HIS B 469 33.72 50.66 -30.63
C HIS B 469 35.05 50.80 -29.92
N GLU B 470 35.07 51.42 -28.74
CA GLU B 470 36.32 51.57 -28.00
C GLU B 470 36.76 50.25 -27.37
N LEU B 471 35.80 49.36 -27.07
CA LEU B 471 36.17 48.02 -26.62
C LEU B 471 36.93 47.28 -27.71
N PHE B 472 36.56 47.51 -28.97
CA PHE B 472 37.28 46.91 -30.09
C PHE B 472 38.60 47.60 -30.32
N GLU B 473 38.63 48.93 -30.23
CA GLU B 473 39.88 49.67 -30.43
C GLU B 473 40.92 49.30 -29.39
N GLN B 474 40.50 49.05 -28.15
CA GLN B 474 41.43 48.63 -27.11
C GLN B 474 41.97 47.23 -27.37
N GLN B 475 41.17 46.37 -28.01
CA GLN B 475 41.62 45.02 -28.30
C GLN B 475 42.55 44.98 -29.51
N VAL B 476 42.36 45.88 -30.47
CA VAL B 476 43.24 45.93 -31.63
C VAL B 476 44.67 46.25 -31.20
N GLU B 477 44.82 47.11 -30.18
CA GLU B 477 46.16 47.45 -29.70
C GLU B 477 46.79 46.28 -28.95
N ARG B 478 45.98 45.42 -28.33
CA ARG B 478 46.49 44.26 -27.61
C ARG B 478 46.75 43.06 -28.52
N SER B 479 45.99 42.91 -29.60
CA SER B 479 46.09 41.74 -30.47
C SER B 479 45.85 42.15 -31.91
N PRO B 480 46.81 42.88 -32.52
CA PRO B 480 46.58 43.39 -33.87
C PRO B 480 46.79 42.34 -34.95
N GLU B 481 47.72 41.42 -34.73
CA GLU B 481 48.07 40.43 -35.75
C GLU B 481 47.12 39.23 -35.78
N ALA B 482 46.21 39.12 -34.82
CA ALA B 482 45.31 37.97 -34.79
C ALA B 482 44.15 38.16 -35.75
N VAL B 483 43.53 37.04 -36.12
CA VAL B 483 42.41 37.06 -37.05
C VAL B 483 41.15 37.50 -36.31
N ALA B 484 40.38 38.40 -36.94
CA ALA B 484 39.16 38.94 -36.36
C ALA B 484 37.90 38.49 -37.09
N LEU B 485 37.88 38.61 -38.42
CA LEU B 485 36.72 38.24 -39.22
C LEU B 485 37.09 37.12 -40.19
N VAL B 486 36.15 36.20 -40.40
CA VAL B 486 36.31 35.09 -41.34
C VAL B 486 35.02 34.97 -42.13
N TYR B 487 35.07 35.29 -43.43
CA TYR B 487 33.93 35.14 -44.33
C TYR B 487 34.39 34.31 -45.52
N GLU B 488 33.83 33.11 -45.64
CA GLU B 488 34.22 32.13 -46.66
C GLU B 488 35.70 31.82 -46.45
N GLY B 489 36.58 32.06 -47.42
CA GLY B 489 37.99 31.81 -47.24
C GLY B 489 38.77 33.05 -46.90
N GLN B 490 38.14 34.21 -47.04
CA GLN B 490 38.81 35.48 -46.77
C GLN B 490 38.87 35.74 -45.27
N GLN B 491 39.92 36.44 -44.85
CA GLN B 491 40.14 36.80 -43.46
C GLN B 491 40.49 38.27 -43.35
N LEU B 492 40.41 38.79 -42.13
CA LEU B 492 40.81 40.16 -41.83
C LEU B 492 41.39 40.19 -40.42
N SER B 493 42.58 40.76 -40.28
CA SER B 493 43.18 40.89 -38.97
C SER B 493 42.47 41.98 -38.16
N TYR B 494 42.76 42.01 -36.86
CA TYR B 494 42.24 43.09 -36.02
C TYR B 494 42.71 44.45 -36.50
N ARG B 495 43.89 44.51 -37.11
CA ARG B 495 44.40 45.78 -37.62
C ARG B 495 43.72 46.17 -38.93
N GLU B 496 43.61 45.22 -39.86
CA GLU B 496 42.99 45.51 -41.15
C GLU B 496 41.51 45.85 -40.99
N LEU B 497 40.83 45.19 -40.04
CA LEU B 497 39.43 45.51 -39.78
C LEU B 497 39.29 46.92 -39.21
N ASP B 498 40.22 47.31 -38.33
CA ASP B 498 40.16 48.66 -37.75
C ASP B 498 40.46 49.73 -38.79
N ARG B 499 41.33 49.42 -39.77
CA ARG B 499 41.60 50.37 -40.84
C ARG B 499 40.37 50.54 -41.73
N GLN B 500 39.74 49.42 -42.13
CA GLN B 500 38.56 49.49 -42.97
C GLN B 500 37.44 50.25 -42.28
N ALA B 501 37.27 50.05 -40.98
CA ALA B 501 36.23 50.77 -40.24
C ALA B 501 36.57 52.26 -40.13
N ASN B 502 37.85 52.59 -39.96
CA ASN B 502 38.25 53.99 -39.87
C ASN B 502 38.09 54.71 -41.21
N ARG B 503 38.31 54.01 -42.32
CA ARG B 503 38.11 54.63 -43.63
C ARG B 503 36.65 54.96 -43.86
N LEU B 504 35.75 54.02 -43.54
CA LEU B 504 34.33 54.28 -43.72
C LEU B 504 33.80 55.29 -42.71
N ALA B 505 34.33 55.27 -41.48
CA ALA B 505 33.90 56.23 -40.48
C ALA B 505 34.22 57.66 -40.89
N ARG B 506 35.30 57.86 -41.66
CA ARG B 506 35.63 59.20 -42.12
C ARG B 506 34.66 59.67 -43.20
N GLN B 507 34.17 58.76 -44.05
CA GLN B 507 33.18 59.15 -45.04
C GLN B 507 31.84 59.45 -44.39
N LEU B 508 31.47 58.68 -43.35
CA LEU B 508 30.27 58.99 -42.59
C LEU B 508 30.42 60.32 -41.88
N LYS B 509 31.60 60.57 -41.30
CA LYS B 509 31.83 61.84 -40.60
C LYS B 509 31.91 63.01 -41.57
N ALA B 510 32.38 62.76 -42.80
CA ALA B 510 32.31 63.79 -43.83
C ALA B 510 30.87 64.16 -44.15
N LEU B 511 29.96 63.19 -44.04
CA LEU B 511 28.54 63.46 -44.13
C LEU B 511 28.03 63.88 -42.76
N GLY B 512 26.72 64.03 -42.61
CA GLY B 512 26.16 64.57 -41.38
C GLY B 512 26.02 63.58 -40.24
N VAL B 513 26.84 62.54 -40.22
CA VAL B 513 26.75 61.52 -39.17
C VAL B 513 27.46 62.03 -37.92
N GLY B 514 26.77 61.97 -36.79
CA GLY B 514 27.33 62.38 -35.52
C GLY B 514 26.62 61.72 -34.35
N PRO B 515 26.68 62.36 -33.18
CA PRO B 515 26.01 61.79 -32.00
C PRO B 515 24.51 61.70 -32.21
N ASP B 516 23.95 60.54 -31.85
CA ASP B 516 22.52 60.23 -31.92
C ASP B 516 21.96 60.26 -33.34
N GLU B 517 22.82 60.33 -34.35
CA GLU B 517 22.37 60.23 -35.73
C GLU B 517 22.30 58.76 -36.14
N ARG B 518 21.26 58.43 -36.90
CA ARG B 518 21.07 57.04 -37.33
C ARG B 518 21.73 56.81 -38.69
N VAL B 519 22.21 55.59 -38.89
CA VAL B 519 22.78 55.15 -40.16
C VAL B 519 22.21 53.78 -40.47
N ALA B 520 21.47 53.68 -41.57
CA ALA B 520 20.86 52.41 -41.96
C ALA B 520 21.86 51.54 -42.69
N VAL B 521 21.89 50.26 -42.32
CA VAL B 521 22.81 49.29 -42.90
C VAL B 521 21.98 48.16 -43.50
N CYS B 522 21.93 48.11 -44.83
CA CYS B 522 21.18 47.10 -45.56
C CYS B 522 22.16 46.21 -46.32
N THR B 523 22.38 45.00 -45.82
CA THR B 523 23.31 44.07 -46.43
C THR B 523 23.10 42.69 -45.84
N GLU B 524 23.47 41.66 -46.60
CA GLU B 524 23.54 40.31 -46.08
C GLU B 524 24.90 40.09 -45.45
N ARG B 525 25.11 38.89 -44.89
CA ARG B 525 26.34 38.62 -44.15
C ARG B 525 27.55 38.58 -45.09
N CYS B 526 28.58 39.32 -44.72
CA CYS B 526 29.85 39.37 -45.44
C CYS B 526 30.84 40.10 -44.53
N LEU B 527 32.04 40.37 -45.05
CA LEU B 527 33.02 41.11 -44.27
C LEU B 527 32.59 42.55 -44.04
N GLU B 528 31.88 43.15 -45.00
CA GLU B 528 31.52 44.55 -44.92
C GLU B 528 30.40 44.84 -43.93
N MET B 529 29.69 43.82 -43.46
CA MET B 529 28.65 44.05 -42.45
C MET B 529 29.27 44.51 -41.13
N VAL B 530 30.32 43.82 -40.68
CA VAL B 530 30.99 44.21 -39.45
C VAL B 530 31.75 45.51 -39.63
N VAL B 531 32.28 45.75 -40.84
CA VAL B 531 32.96 47.02 -41.11
C VAL B 531 31.98 48.18 -41.03
N ALA B 532 30.75 47.97 -41.52
CA ALA B 532 29.75 49.03 -41.48
C ALA B 532 29.34 49.34 -40.03
N LEU B 533 29.11 48.30 -39.24
CA LEU B 533 28.69 48.49 -37.85
C LEU B 533 29.76 49.23 -37.06
N LEU B 534 31.02 48.78 -37.17
CA LEU B 534 32.10 49.43 -36.43
C LEU B 534 32.33 50.85 -36.90
N ALA B 535 32.15 51.12 -38.19
CA ALA B 535 32.35 52.48 -38.70
C ALA B 535 31.26 53.42 -38.22
N VAL B 536 30.01 52.94 -38.15
CA VAL B 536 28.92 53.77 -37.65
C VAL B 536 29.17 54.12 -36.19
N LEU B 537 29.63 53.16 -35.39
CA LEU B 537 29.94 53.43 -34.00
C LEU B 537 31.15 54.35 -33.87
N LYS B 538 32.15 54.17 -34.72
CA LYS B 538 33.32 55.05 -34.70
C LYS B 538 32.93 56.47 -35.13
N ALA B 539 32.05 56.60 -36.12
CA ALA B 539 31.63 57.92 -36.57
C ALA B 539 30.82 58.67 -35.52
N GLY B 540 30.30 57.97 -34.51
CA GLY B 540 29.54 58.58 -33.45
C GLY B 540 28.04 58.35 -33.51
N GLY B 541 27.55 57.61 -34.50
CA GLY B 541 26.14 57.38 -34.66
C GLY B 541 25.71 55.99 -34.20
N ALA B 542 24.47 55.65 -34.53
CA ALA B 542 23.88 54.36 -34.18
C ALA B 542 23.44 53.65 -35.46
N TYR B 543 23.75 52.36 -35.55
CA TYR B 543 23.44 51.59 -36.75
C TYR B 543 22.04 51.00 -36.66
N VAL B 544 21.33 51.04 -37.79
CA VAL B 544 19.98 50.48 -37.89
C VAL B 544 20.02 49.32 -38.87
N PRO B 545 19.92 48.08 -38.40
CA PRO B 545 20.02 46.92 -39.31
C PRO B 545 18.77 46.77 -40.14
N LEU B 546 18.96 46.59 -41.45
CA LEU B 546 17.87 46.38 -42.40
C LEU B 546 18.14 45.06 -43.13
N ASP B 547 17.62 43.97 -42.59
CA ASP B 547 17.82 42.65 -43.18
C ASP B 547 17.14 42.59 -44.54
N PRO B 548 17.87 42.37 -45.63
CA PRO B 548 17.25 42.33 -46.96
C PRO B 548 16.30 41.16 -47.16
N GLY B 549 16.26 40.20 -46.23
CA GLY B 549 15.31 39.09 -46.36
C GLY B 549 13.87 39.49 -46.15
N TYR B 550 13.63 40.64 -45.54
CA TYR B 550 12.28 41.14 -45.30
C TYR B 550 11.72 41.82 -46.55
N PRO B 551 10.40 41.96 -46.65
CA PRO B 551 9.81 42.64 -47.80
C PRO B 551 10.31 44.08 -47.93
N ALA B 552 10.13 44.63 -49.14
CA ALA B 552 10.62 45.96 -49.42
C ALA B 552 9.83 47.02 -48.66
N GLU B 553 8.52 46.85 -48.53
CA GLU B 553 7.70 47.84 -47.83
C GLU B 553 8.05 47.89 -46.35
N ARG B 554 8.50 46.79 -45.77
CA ARG B 554 8.94 46.81 -44.37
C ARG B 554 10.25 47.59 -44.23
N LEU B 555 11.19 47.39 -45.15
CA LEU B 555 12.46 48.12 -45.08
C LEU B 555 12.24 49.60 -45.35
N GLU B 556 11.36 49.95 -46.30
CA GLU B 556 11.10 51.34 -46.59
C GLU B 556 10.42 52.05 -45.41
N TYR B 557 9.67 51.30 -44.59
CA TYR B 557 9.08 51.90 -43.40
C TYR B 557 10.15 52.16 -42.34
N MET B 558 10.99 51.17 -42.06
CA MET B 558 12.06 51.36 -41.08
C MET B 558 13.05 52.41 -41.54
N LEU B 559 13.25 52.53 -42.86
CA LEU B 559 14.16 53.54 -43.39
C LEU B 559 13.60 54.94 -43.23
N ALA B 560 12.28 55.09 -43.29
CA ALA B 560 11.63 56.40 -43.11
C ALA B 560 11.40 56.76 -41.65
N ASP B 561 11.12 55.77 -40.80
CA ASP B 561 10.88 56.04 -39.39
C ASP B 561 12.14 56.41 -38.64
N SER B 562 13.29 55.81 -39.02
CA SER B 562 14.54 56.09 -38.32
C SER B 562 15.12 57.45 -38.68
N ALA B 563 14.79 57.97 -39.88
CA ALA B 563 15.29 59.26 -40.37
C ALA B 563 16.81 59.34 -40.28
N PRO B 564 17.54 58.55 -41.05
CA PRO B 564 19.00 58.53 -40.94
C PRO B 564 19.65 59.61 -41.81
N LYS B 565 20.95 59.79 -41.57
CA LYS B 565 21.75 60.65 -42.44
C LYS B 565 22.31 59.91 -43.64
N VAL B 566 22.67 58.63 -43.47
CA VAL B 566 23.32 57.84 -44.50
C VAL B 566 22.69 56.46 -44.54
N LEU B 567 22.56 55.89 -45.74
CA LEU B 567 22.16 54.51 -45.93
C LEU B 567 23.35 53.74 -46.52
N LEU B 568 23.92 52.84 -45.72
CA LEU B 568 24.99 51.97 -46.19
C LEU B 568 24.35 50.78 -46.90
N ARG B 569 24.54 50.69 -48.21
CA ARG B 569 23.84 49.73 -49.04
C ARG B 569 24.81 48.79 -49.73
N GLN B 570 24.48 47.50 -49.73
CA GLN B 570 25.27 46.51 -50.44
C GLN B 570 25.12 46.70 -51.95
N SER B 571 25.92 45.94 -52.72
CA SER B 571 25.93 46.07 -54.17
C SER B 571 24.59 45.71 -54.78
N GLY B 572 24.24 44.44 -54.78
CA GLY B 572 23.02 43.97 -55.43
C GLY B 572 21.77 44.17 -54.61
N GLN B 573 21.53 45.39 -54.17
CA GLN B 573 20.34 45.74 -53.38
C GLN B 573 19.63 46.91 -54.04
N THR B 574 18.31 46.80 -54.17
CA THR B 574 17.51 47.80 -54.86
C THR B 574 16.86 48.80 -53.90
N LEU B 575 17.14 48.71 -52.61
CA LEU B 575 16.53 49.61 -51.64
C LEU B 575 16.99 51.04 -51.90
N GLU B 576 16.04 51.99 -51.79
CA GLU B 576 16.31 53.38 -52.07
C GLU B 576 15.65 54.25 -50.99
N PRO B 577 16.37 55.23 -50.44
CA PRO B 577 15.77 56.10 -49.42
C PRO B 577 15.09 57.32 -50.01
N GLY B 578 14.48 58.14 -49.16
CA GLY B 578 13.86 59.37 -49.58
C GLY B 578 14.89 60.48 -49.74
N ALA B 579 14.38 61.69 -49.98
CA ALA B 579 15.23 62.85 -50.14
C ALA B 579 15.93 63.20 -48.84
N GLY B 580 17.12 63.79 -48.96
CA GLY B 580 17.93 64.17 -47.82
C GLY B 580 18.87 63.10 -47.33
N VAL B 581 18.52 61.83 -47.50
CA VAL B 581 19.35 60.72 -47.06
C VAL B 581 20.37 60.41 -48.15
N ALA B 582 21.64 60.42 -47.79
CA ALA B 582 22.72 60.16 -48.74
C ALA B 582 23.00 58.67 -48.84
N VAL B 583 23.10 58.17 -50.05
CA VAL B 583 23.39 56.75 -50.30
C VAL B 583 24.89 56.57 -50.39
N LEU B 584 25.40 55.51 -49.77
CA LEU B 584 26.82 55.20 -49.76
C LEU B 584 26.98 53.70 -49.95
N ALA B 585 27.74 53.31 -50.97
CA ALA B 585 27.92 51.89 -51.27
C ALA B 585 28.82 51.22 -50.23
N LEU B 586 28.50 49.96 -49.91
CA LEU B 586 29.26 49.21 -48.93
C LEU B 586 30.39 48.41 -49.57
N ASP B 587 30.16 47.87 -50.76
CA ASP B 587 31.16 47.12 -51.50
C ASP B 587 31.02 47.46 -52.98
N GLY B 588 31.87 46.86 -53.80
CA GLY B 588 31.82 47.06 -55.23
C GLY B 588 32.55 48.30 -55.68
N GLU B 589 32.38 48.62 -56.97
CA GLU B 589 33.07 49.75 -57.57
C GLU B 589 32.56 51.08 -57.02
N ALA B 590 31.30 51.15 -56.62
CA ALA B 590 30.74 52.39 -56.11
C ALA B 590 31.23 52.73 -54.70
N SER B 591 32.06 51.89 -54.09
CA SER B 591 32.60 52.14 -52.76
C SER B 591 33.98 52.78 -52.79
N GLN B 592 34.49 53.11 -53.97
CA GLN B 592 35.81 53.75 -54.06
C GLN B 592 35.94 55.04 -53.25
N PRO B 593 34.93 55.92 -53.17
CA PRO B 593 35.11 57.15 -52.38
C PRO B 593 35.56 56.94 -50.94
N TRP B 594 34.96 56.00 -50.22
CA TRP B 594 35.34 55.80 -48.83
C TRP B 594 36.49 54.83 -48.65
N GLN B 595 36.75 53.96 -49.62
CA GLN B 595 37.89 53.05 -49.53
C GLN B 595 39.21 53.75 -49.83
N ALA B 596 39.18 54.97 -50.35
CA ALA B 596 40.38 55.75 -50.61
C ALA B 596 40.66 56.75 -49.48
N GLN B 597 39.96 56.63 -48.36
CA GLN B 597 40.16 57.53 -47.23
C GLN B 597 41.39 57.10 -46.42
N PRO B 598 41.99 58.03 -45.68
CA PRO B 598 43.09 57.65 -44.78
C PRO B 598 42.58 56.74 -43.66
N ALA B 599 43.30 55.65 -43.43
CA ALA B 599 42.91 54.67 -42.43
C ALA B 599 43.31 55.05 -41.02
N GLN B 600 43.75 56.30 -40.80
CA GLN B 600 44.06 56.75 -39.45
C GLN B 600 42.79 56.84 -38.61
N ARG B 601 42.94 56.62 -37.30
CA ARG B 601 41.81 56.59 -36.41
C ARG B 601 41.30 58.00 -36.13
N LEU B 602 39.97 58.14 -36.13
CA LEU B 602 39.35 59.42 -35.78
C LEU B 602 39.63 59.76 -34.33
N SER B 603 40.01 61.01 -34.08
CA SER B 603 40.20 61.47 -32.71
C SER B 603 38.88 61.44 -31.95
N ARG B 604 38.97 61.14 -30.65
CA ARG B 604 37.75 60.98 -29.86
C ARG B 604 36.97 62.28 -29.71
N ASP B 605 37.66 63.42 -29.71
CA ASP B 605 36.96 64.70 -29.65
C ASP B 605 36.35 65.09 -30.99
N ASP B 606 36.78 64.45 -32.08
CA ASP B 606 36.16 64.71 -33.38
C ASP B 606 34.78 64.10 -33.46
N SER B 607 34.61 62.87 -32.96
CA SER B 607 33.31 62.24 -32.97
C SER B 607 32.37 62.87 -31.95
N GLY B 608 32.90 63.19 -30.77
CA GLY B 608 32.04 63.69 -29.71
C GLY B 608 31.08 62.69 -29.13
N VAL B 609 31.30 61.40 -29.40
CA VAL B 609 30.40 60.35 -28.94
C VAL B 609 30.62 60.12 -27.45
N GLN B 610 29.56 59.71 -26.76
CA GLN B 610 29.57 59.48 -25.32
C GLN B 610 28.85 58.17 -25.04
N PRO B 611 29.07 57.59 -23.86
CA PRO B 611 28.34 56.36 -23.51
C PRO B 611 26.83 56.55 -23.47
N HIS B 612 26.35 57.75 -23.18
CA HIS B 612 24.91 57.99 -23.12
C HIS B 612 24.29 58.21 -24.49
N HIS B 613 25.08 58.21 -25.56
CA HIS B 613 24.56 58.35 -26.91
C HIS B 613 24.17 56.99 -27.48
N LEU B 614 23.38 57.02 -28.55
CA LEU B 614 22.82 55.79 -29.09
C LEU B 614 23.88 54.94 -29.77
N ALA B 615 23.78 53.62 -29.57
CA ALA B 615 24.64 52.65 -30.23
C ALA B 615 23.96 51.95 -31.39
N TYR B 616 22.69 51.61 -31.26
CA TYR B 616 21.92 51.03 -32.36
C TYR B 616 20.44 51.27 -32.10
N VAL B 617 19.66 51.13 -33.16
CA VAL B 617 18.20 51.24 -33.10
C VAL B 617 17.64 50.04 -33.84
N ILE B 618 17.26 49.01 -33.10
CA ILE B 618 16.73 47.77 -33.67
C ILE B 618 15.21 47.78 -33.53
N TYR B 619 14.51 47.50 -34.62
CA TYR B 619 13.05 47.53 -34.65
C TYR B 619 12.47 46.21 -34.16
N THR B 620 11.23 46.29 -33.67
CA THR B 620 10.57 45.13 -33.10
C THR B 620 9.96 44.26 -34.19
N SER B 621 9.31 43.17 -33.77
CA SER B 621 8.70 42.24 -34.70
C SER B 621 7.45 42.79 -35.35
N GLY B 622 6.77 43.74 -34.72
CA GLY B 622 5.51 44.23 -35.23
C GLY B 622 4.37 43.26 -35.03
N SER B 623 4.39 42.48 -33.95
CA SER B 623 3.35 41.49 -33.72
C SER B 623 2.05 42.12 -33.22
N THR B 624 2.15 43.24 -32.49
CA THR B 624 0.97 43.93 -31.96
C THR B 624 1.04 45.41 -32.35
N GLY B 625 0.98 45.66 -33.65
CA GLY B 625 1.09 46.98 -34.21
C GLY B 625 2.25 47.08 -35.18
N ARG B 626 2.57 48.31 -35.55
CA ARG B 626 3.68 48.58 -36.45
C ARG B 626 5.00 48.51 -35.70
N PRO B 627 6.10 48.19 -36.39
CA PRO B 627 7.38 48.03 -35.71
C PRO B 627 7.82 49.31 -35.00
N LYS B 628 8.46 49.13 -33.84
CA LYS B 628 8.91 50.22 -33.00
C LYS B 628 10.43 50.21 -32.92
N GLY B 629 11.04 51.39 -33.04
CA GLY B 629 12.49 51.51 -32.97
C GLY B 629 13.01 51.62 -31.56
N VAL B 630 13.66 50.56 -31.07
CA VAL B 630 14.20 50.53 -29.72
C VAL B 630 15.55 51.23 -29.73
N MET B 631 15.65 52.36 -29.03
CA MET B 631 16.88 53.15 -28.98
C MET B 631 17.74 52.65 -27.83
N VAL B 632 18.90 52.07 -28.15
CA VAL B 632 19.81 51.51 -27.15
C VAL B 632 21.08 52.34 -27.14
N GLU B 633 21.57 52.66 -25.95
CA GLU B 633 22.72 53.52 -25.77
C GLU B 633 24.01 52.69 -25.67
N HIS B 634 25.15 53.39 -25.72
CA HIS B 634 26.45 52.71 -25.68
C HIS B 634 26.69 52.05 -24.33
N ALA B 635 26.42 52.77 -23.24
CA ALA B 635 26.77 52.28 -21.91
C ALA B 635 26.04 50.98 -21.59
N GLY B 636 24.82 50.81 -22.09
CA GLY B 636 24.10 49.58 -21.85
C GLY B 636 24.72 48.38 -22.56
N VAL B 637 25.21 48.60 -23.78
CA VAL B 637 25.81 47.51 -24.54
C VAL B 637 27.16 47.12 -23.95
N VAL B 638 27.92 48.11 -23.46
CA VAL B 638 29.23 47.81 -22.87
C VAL B 638 29.06 46.94 -21.63
N ASN B 639 28.10 47.29 -20.77
CA ASN B 639 27.86 46.49 -19.57
C ASN B 639 27.39 45.09 -19.93
N ARG B 640 26.60 44.96 -21.00
CA ARG B 640 26.14 43.65 -21.43
C ARG B 640 27.31 42.81 -21.95
N LEU B 641 28.23 43.42 -22.69
CA LEU B 641 29.35 42.68 -23.26
C LEU B 641 30.38 42.31 -22.19
N LEU B 642 30.65 43.23 -21.26
CA LEU B 642 31.65 42.96 -20.24
C LEU B 642 31.19 41.89 -19.27
N TRP B 643 29.87 41.79 -19.02
CA TRP B 643 29.38 40.72 -18.15
C TRP B 643 29.55 39.36 -18.81
N MET B 644 29.28 39.26 -20.11
CA MET B 644 29.36 37.97 -20.79
C MET B 644 30.79 37.44 -20.79
N GLN B 645 31.77 38.33 -20.88
CA GLN B 645 33.16 37.91 -20.78
C GLN B 645 33.53 37.57 -19.34
N ARG B 646 33.01 38.34 -18.38
CA ARG B 646 33.29 38.06 -16.98
C ARG B 646 32.67 36.74 -16.52
N ALA B 647 31.54 36.35 -17.12
CA ALA B 647 30.83 35.15 -16.69
C ALA B 647 31.25 33.91 -17.45
N TYR B 648 31.64 34.04 -18.72
CA TYR B 648 31.97 32.90 -19.56
C TYR B 648 33.43 32.82 -19.99
N GLY B 649 34.14 33.95 -20.02
CA GLY B 649 35.57 33.93 -20.31
C GLY B 649 35.94 33.41 -21.68
N LEU B 650 35.70 34.22 -22.71
CA LEU B 650 36.07 33.84 -24.06
C LEU B 650 37.59 33.96 -24.24
N GLN B 651 38.18 32.99 -24.93
CA GLN B 651 39.62 33.00 -25.12
C GLN B 651 39.98 33.57 -26.48
N PRO B 652 41.16 34.18 -26.62
CA PRO B 652 41.53 34.78 -27.91
C PRO B 652 41.63 33.78 -29.04
N GLN B 653 41.90 32.50 -28.75
CA GLN B 653 42.01 31.50 -29.80
C GLN B 653 40.66 30.94 -30.23
N GLU B 654 39.62 31.15 -29.42
CA GLU B 654 38.30 30.60 -29.73
C GLU B 654 37.65 31.36 -30.90
N ALA B 655 36.56 30.81 -31.39
CA ALA B 655 35.81 31.38 -32.50
C ALA B 655 34.33 31.48 -32.13
N VAL B 656 33.66 32.46 -32.71
CA VAL B 656 32.23 32.67 -32.53
C VAL B 656 31.59 32.75 -33.91
N LEU B 657 30.48 32.05 -34.10
CA LEU B 657 29.80 31.98 -35.38
C LEU B 657 28.67 33.01 -35.42
N GLN B 658 28.82 34.03 -36.26
CA GLN B 658 27.74 34.97 -36.53
C GLN B 658 26.71 34.26 -37.41
N LYS B 659 25.68 33.72 -36.77
CA LYS B 659 24.62 33.00 -37.48
C LYS B 659 23.24 33.60 -37.28
N THR B 660 23.05 34.45 -36.28
CA THR B 660 21.77 35.09 -36.05
C THR B 660 21.61 36.30 -36.97
N PRO B 661 20.43 36.48 -37.57
CA PRO B 661 20.19 37.68 -38.37
C PRO B 661 20.48 38.95 -37.58
N PHE B 662 21.18 39.89 -38.21
CA PHE B 662 21.62 41.07 -37.48
C PHE B 662 20.48 42.05 -37.21
N GLY B 663 19.26 41.77 -37.68
CA GLY B 663 18.10 42.48 -37.20
C GLY B 663 17.59 41.99 -35.86
N PHE B 664 18.03 40.81 -35.45
CA PHE B 664 17.74 40.26 -34.13
C PHE B 664 18.82 40.73 -33.17
N ASP B 665 18.41 41.34 -32.05
CA ASP B 665 19.37 41.95 -31.14
C ASP B 665 20.27 40.94 -30.44
N VAL B 666 20.00 39.64 -30.59
CA VAL B 666 20.93 38.63 -30.10
C VAL B 666 22.25 38.73 -30.85
N SER B 667 22.21 39.13 -32.12
CA SER B 667 23.42 39.28 -32.92
C SER B 667 24.37 40.33 -32.35
N VAL B 668 23.90 41.19 -31.44
CA VAL B 668 24.74 42.25 -30.91
C VAL B 668 25.96 41.68 -30.20
N TRP B 669 25.74 40.71 -29.31
CA TRP B 669 26.88 40.10 -28.63
C TRP B 669 27.64 39.15 -29.55
N GLU B 670 26.99 38.59 -30.57
CA GLU B 670 27.73 37.81 -31.55
C GLU B 670 28.76 38.64 -32.29
N PHE B 671 28.47 39.93 -32.48
CA PHE B 671 29.41 40.80 -33.17
C PHE B 671 30.53 41.28 -32.25
N PHE B 672 30.17 41.88 -31.11
CA PHE B 672 31.10 42.69 -30.33
C PHE B 672 31.69 41.98 -29.12
N TRP B 673 31.18 40.81 -28.74
CA TRP B 673 31.82 40.07 -27.64
C TRP B 673 33.17 39.51 -28.06
N PRO B 674 33.32 38.78 -29.17
CA PRO B 674 34.65 38.31 -29.54
C PRO B 674 35.56 39.43 -30.01
N LEU B 675 35.00 40.51 -30.56
CA LEU B 675 35.82 41.63 -31.02
C LEU B 675 36.36 42.49 -29.88
N ALA B 676 35.77 42.38 -28.68
CA ALA B 676 36.24 43.10 -27.52
C ALA B 676 37.15 42.27 -26.62
N VAL B 677 37.37 41.00 -26.96
CA VAL B 677 38.14 40.08 -26.13
C VAL B 677 39.40 39.61 -26.82
N GLY B 678 39.33 39.31 -28.12
CA GLY B 678 40.48 38.87 -28.86
C GLY B 678 40.23 37.63 -29.71
N ALA B 679 38.98 37.17 -29.74
CA ALA B 679 38.61 36.01 -30.51
C ALA B 679 38.27 36.39 -31.95
N ARG B 680 38.03 35.38 -32.78
CA ARG B 680 37.71 35.56 -34.18
C ARG B 680 36.21 35.33 -34.41
N LEU B 681 35.62 36.16 -35.27
CA LEU B 681 34.20 36.08 -35.58
C LEU B 681 34.05 35.46 -36.97
N VAL B 682 33.46 34.28 -37.01
CA VAL B 682 33.24 33.55 -38.26
C VAL B 682 31.88 33.97 -38.82
N MET B 683 31.90 34.76 -39.89
CA MET B 683 30.67 35.18 -40.56
C MET B 683 30.10 34.03 -41.37
N ALA B 684 29.02 33.43 -40.89
CA ALA B 684 28.37 32.37 -41.63
C ALA B 684 27.81 32.91 -42.94
N ARG B 685 27.82 32.06 -43.97
CA ARG B 685 27.31 32.49 -45.26
C ARG B 685 25.80 32.73 -45.17
N PRO B 686 25.25 33.60 -46.04
CA PRO B 686 23.85 34.02 -45.91
C PRO B 686 22.84 32.88 -45.81
N GLN B 687 21.68 33.18 -45.22
CA GLN B 687 20.70 32.14 -44.90
C GLN B 687 20.20 31.43 -46.14
N GLY B 688 19.90 32.18 -47.20
CA GLY B 688 19.35 31.62 -48.42
C GLY B 688 20.28 30.75 -49.23
N GLN B 689 21.56 30.63 -48.85
CA GLN B 689 22.54 29.86 -49.59
C GLN B 689 23.12 28.73 -48.75
N GLN B 690 22.36 28.23 -47.78
CA GLN B 690 22.86 27.26 -46.82
C GLN B 690 22.28 25.88 -47.11
N ASP B 691 23.15 24.88 -47.08
CA ASP B 691 22.79 23.47 -47.14
C ASP B 691 22.33 23.00 -45.77
N PRO B 692 21.44 22.01 -45.71
CA PRO B 692 21.05 21.45 -44.39
C PRO B 692 22.23 20.98 -43.57
N ALA B 693 23.29 20.47 -44.20
CA ALA B 693 24.49 20.04 -43.50
C ALA B 693 25.56 21.12 -43.45
N TYR B 694 25.22 22.37 -43.78
CA TYR B 694 26.21 23.44 -43.73
C TYR B 694 26.60 23.78 -42.30
N LEU B 695 25.64 23.77 -41.38
CA LEU B 695 25.94 24.15 -40.00
C LEU B 695 26.90 23.16 -39.36
N VAL B 696 26.64 21.86 -39.52
CA VAL B 696 27.50 20.85 -38.91
C VAL B 696 28.91 20.93 -39.49
N GLU B 697 29.02 21.13 -40.81
CA GLU B 697 30.35 21.17 -41.41
C GLU B 697 31.07 22.49 -41.11
N THR B 698 30.33 23.56 -40.89
CA THR B 698 30.96 24.84 -40.55
C THR B 698 31.48 24.83 -39.12
N ILE B 699 30.81 24.11 -38.22
CA ILE B 699 31.24 24.06 -36.83
C ILE B 699 32.58 23.36 -36.72
N VAL B 700 32.71 22.18 -37.32
CA VAL B 700 33.96 21.43 -37.26
C VAL B 700 35.01 21.99 -38.22
N GLY B 701 34.60 22.67 -39.28
CA GLY B 701 35.58 23.21 -40.21
C GLY B 701 36.30 24.43 -39.68
N GLN B 702 35.58 25.29 -38.95
CA GLN B 702 36.15 26.51 -38.38
C GLN B 702 36.44 26.40 -36.89
N ASP B 703 36.12 25.25 -36.27
CA ASP B 703 36.37 25.02 -34.85
C ASP B 703 35.67 26.08 -34.01
N ILE B 704 34.34 26.14 -34.15
CA ILE B 704 33.55 27.15 -33.46
C ILE B 704 33.45 26.80 -31.98
N GLY B 705 33.71 27.78 -31.12
CA GLY B 705 33.65 27.57 -29.69
C GLY B 705 32.32 27.96 -29.07
N THR B 706 31.89 29.20 -29.31
CA THR B 706 30.63 29.70 -28.79
C THR B 706 29.58 29.74 -29.88
N LEU B 707 28.35 29.34 -29.54
CA LEU B 707 27.29 29.22 -30.53
C LEU B 707 25.96 29.56 -29.87
N HIS B 708 25.06 30.18 -30.64
CA HIS B 708 23.76 30.57 -30.15
C HIS B 708 22.65 29.83 -30.90
N PHE B 709 21.58 29.53 -30.17
CA PHE B 709 20.38 28.94 -30.73
C PHE B 709 19.17 29.53 -30.04
N VAL B 710 18.05 29.57 -30.75
CA VAL B 710 16.75 29.71 -30.11
C VAL B 710 16.26 28.29 -29.86
N PRO B 711 15.44 28.04 -28.84
CA PRO B 711 15.10 26.65 -28.50
C PRO B 711 14.57 25.82 -29.66
N SER B 712 13.77 26.41 -30.54
CA SER B 712 13.29 25.67 -31.71
C SER B 712 14.42 25.38 -32.69
N MET B 713 15.39 26.29 -32.80
CA MET B 713 16.54 26.05 -33.66
C MET B 713 17.52 25.06 -33.04
N LEU B 714 17.62 25.04 -31.71
CA LEU B 714 18.45 24.06 -31.04
C LEU B 714 17.90 22.64 -31.24
N GLN B 715 16.58 22.51 -31.29
CA GLN B 715 15.97 21.20 -31.53
C GLN B 715 16.35 20.66 -32.91
N ALA B 716 16.29 21.52 -33.93
CA ALA B 716 16.69 21.09 -35.27
C ALA B 716 18.18 20.77 -35.33
N PHE B 717 18.99 21.45 -34.53
CA PHE B 717 20.42 21.15 -34.48
C PHE B 717 20.69 19.83 -33.77
N VAL B 718 19.85 19.46 -32.80
CA VAL B 718 20.07 18.23 -32.05
C VAL B 718 19.85 17.01 -32.94
N ASP B 719 18.72 16.94 -33.63
CA ASP B 719 18.40 15.81 -34.48
C ASP B 719 18.83 16.00 -35.93
N SER B 720 19.86 16.80 -36.17
CA SER B 720 20.44 16.93 -37.50
C SER B 720 21.51 15.87 -37.72
N GLU B 721 21.93 15.73 -38.98
CA GLU B 721 22.89 14.69 -39.33
C GLU B 721 24.28 15.08 -38.84
N GLY B 722 24.90 14.19 -38.06
CA GLY B 722 26.26 14.41 -37.61
C GLY B 722 26.43 15.42 -36.49
N VAL B 723 25.44 15.55 -35.61
CA VAL B 723 25.55 16.52 -34.52
C VAL B 723 26.65 16.13 -33.55
N GLN B 724 26.90 14.84 -33.36
CA GLN B 724 27.91 14.39 -32.43
C GLN B 724 29.34 14.64 -32.92
N ARG B 725 29.50 15.09 -34.17
CA ARG B 725 30.82 15.49 -34.66
C ARG B 725 31.27 16.82 -34.07
N CYS B 726 30.34 17.62 -33.56
CA CYS B 726 30.66 18.95 -33.03
C CYS B 726 31.19 18.84 -31.60
N ARG B 727 32.32 18.15 -31.47
CA ARG B 727 32.96 17.96 -30.17
C ARG B 727 33.81 19.15 -29.75
N GLY B 728 34.01 20.13 -30.64
CA GLY B 728 34.82 21.28 -30.33
C GLY B 728 34.09 22.44 -29.69
N VAL B 729 32.77 22.41 -29.63
CA VAL B 729 32.01 23.50 -29.04
C VAL B 729 32.16 23.48 -27.53
N ARG B 730 32.24 24.67 -26.93
CA ARG B 730 32.38 24.80 -25.49
C ARG B 730 31.18 25.45 -24.82
N ARG B 731 30.44 26.30 -25.54
CA ARG B 731 29.29 27.00 -24.97
C ARG B 731 28.16 27.04 -25.99
N ILE B 732 26.93 26.94 -25.49
CA ILE B 732 25.72 27.11 -26.29
C ILE B 732 24.76 27.99 -25.51
N VAL B 733 24.36 29.12 -26.10
CA VAL B 733 23.49 30.09 -25.45
C VAL B 733 22.11 30.00 -26.07
N CYS B 734 21.08 30.04 -25.23
CA CYS B 734 19.69 29.98 -25.67
C CYS B 734 18.97 31.25 -25.26
N SER B 735 18.25 31.85 -26.21
CA SER B 735 17.45 33.05 -25.94
C SER B 735 16.19 32.98 -26.80
N GLY B 736 15.27 33.91 -26.54
CA GLY B 736 14.03 33.96 -27.28
C GLY B 736 12.91 33.14 -26.65
N GLU B 737 12.63 31.97 -27.23
CA GLU B 737 11.57 31.11 -26.72
C GLU B 737 11.96 30.54 -25.35
N ALA B 738 11.01 29.85 -24.74
CA ALA B 738 11.28 29.10 -23.53
C ALA B 738 12.02 27.81 -23.87
N LEU B 739 12.91 27.40 -22.96
CA LEU B 739 13.74 26.22 -23.19
C LEU B 739 13.09 25.01 -22.54
N PRO B 740 12.63 24.03 -23.30
CA PRO B 740 12.07 22.82 -22.68
C PRO B 740 13.15 21.98 -22.04
N GLY B 741 12.84 21.42 -20.87
CA GLY B 741 13.81 20.60 -20.17
C GLY B 741 14.22 19.37 -20.94
N ALA B 742 13.30 18.78 -21.72
CA ALA B 742 13.61 17.59 -22.49
C ALA B 742 14.66 17.89 -23.55
N LEU B 743 14.61 19.08 -24.14
CA LEU B 743 15.61 19.45 -25.15
C LEU B 743 16.98 19.64 -24.51
N ALA B 744 17.03 20.23 -23.33
CA ALA B 744 18.31 20.43 -22.65
C ALA B 744 18.94 19.11 -22.26
N ARG B 745 18.13 18.16 -21.79
CA ARG B 745 18.66 16.84 -21.44
C ARG B 745 19.18 16.10 -22.67
N ARG B 746 18.54 16.30 -23.82
CA ARG B 746 19.02 15.65 -25.03
C ARG B 746 20.34 16.26 -25.50
N LEU B 747 20.49 17.58 -25.37
CA LEU B 747 21.77 18.21 -25.65
C LEU B 747 22.85 17.71 -24.70
N ARG B 748 22.46 17.30 -23.49
CA ARG B 748 23.43 16.81 -22.52
C ARG B 748 24.03 15.48 -22.94
N GLN B 749 23.25 14.62 -23.62
CA GLN B 749 23.75 13.31 -24.02
C GLN B 749 24.40 13.34 -25.40
N GLN B 750 23.96 14.23 -26.29
CA GLN B 750 24.56 14.30 -27.63
C GLN B 750 25.91 15.00 -27.60
N LEU B 751 26.07 16.01 -26.76
CA LEU B 751 27.34 16.73 -26.63
C LEU B 751 27.60 16.96 -25.14
N PRO B 752 28.21 15.98 -24.47
CA PRO B 752 28.40 16.10 -23.02
C PRO B 752 29.39 17.18 -22.60
N GLN B 753 30.28 17.62 -23.49
CA GLN B 753 31.32 18.56 -23.10
C GLN B 753 30.88 20.02 -23.18
N VAL B 754 29.75 20.31 -23.80
CA VAL B 754 29.31 21.69 -23.97
C VAL B 754 28.58 22.14 -22.71
N GLU B 755 28.69 23.43 -22.42
CA GLU B 755 28.02 24.04 -21.28
C GLU B 755 26.84 24.87 -21.79
N LEU B 756 25.63 24.47 -21.41
CA LEU B 756 24.42 25.13 -21.87
C LEU B 756 24.00 26.22 -20.91
N HIS B 757 23.62 27.37 -21.45
CA HIS B 757 23.17 28.51 -20.66
C HIS B 757 21.89 29.06 -21.26
N ASN B 758 20.94 29.39 -20.39
CA ASN B 758 19.64 29.93 -20.79
C ASN B 758 19.58 31.40 -20.40
N LEU B 759 19.33 32.27 -21.36
CA LEU B 759 19.31 33.72 -21.15
C LEU B 759 17.96 34.30 -21.56
N TYR B 760 17.49 35.28 -20.80
CA TYR B 760 16.24 35.96 -21.07
C TYR B 760 16.47 37.47 -21.06
N GLY B 761 15.74 38.17 -21.92
CA GLY B 761 15.84 39.61 -22.01
C GLY B 761 15.19 40.16 -23.26
N PRO B 762 14.39 41.20 -23.10
CA PRO B 762 13.77 41.86 -24.26
C PRO B 762 14.72 42.86 -24.90
N THR B 763 14.35 43.29 -26.11
CA THR B 763 15.14 44.28 -26.82
C THR B 763 15.18 45.61 -26.06
N GLU B 764 14.09 45.97 -25.38
CA GLU B 764 14.05 47.21 -24.62
C GLU B 764 14.97 47.20 -23.41
N ALA B 765 15.59 46.07 -23.08
CA ALA B 765 16.52 45.96 -21.97
C ALA B 765 17.84 45.35 -22.42
N THR B 766 18.37 45.89 -23.53
CA THR B 766 19.67 45.54 -24.11
C THR B 766 19.96 44.04 -24.10
N VAL B 767 19.50 43.35 -25.14
CA VAL B 767 19.80 41.94 -25.38
C VAL B 767 19.28 41.06 -24.24
N ASP B 768 20.05 40.94 -23.16
CA ASP B 768 19.73 40.01 -22.09
C ASP B 768 19.97 40.66 -20.74
N VAL B 769 19.18 40.27 -19.74
CA VAL B 769 19.27 40.81 -18.39
C VAL B 769 19.34 39.73 -17.32
N THR B 770 19.23 38.46 -17.69
CA THR B 770 19.31 37.37 -16.72
C THR B 770 19.82 36.12 -17.40
N ALA B 771 20.44 35.24 -16.63
CA ALA B 771 21.03 34.02 -17.16
C ALA B 771 20.96 32.92 -16.13
N TRP B 772 20.86 31.68 -16.63
CA TRP B 772 20.85 30.50 -15.77
C TRP B 772 21.67 29.40 -16.43
N ALA B 773 22.63 28.86 -15.68
CA ALA B 773 23.47 27.80 -16.18
C ALA B 773 22.82 26.44 -15.93
N CYS B 774 22.82 25.58 -16.94
CA CYS B 774 22.25 24.25 -16.82
C CYS B 774 23.27 23.28 -16.20
N ASP B 775 23.62 23.58 -14.95
CA ASP B 775 24.64 22.82 -14.24
C ASP B 775 24.08 21.60 -13.53
N ALA B 776 22.83 21.67 -13.06
CA ALA B 776 22.30 20.65 -12.16
C ALA B 776 22.32 19.27 -12.79
N ALA B 777 22.54 18.26 -11.95
CA ALA B 777 22.52 16.88 -12.43
C ALA B 777 21.13 16.49 -12.91
N GLU B 778 20.08 17.00 -12.27
CA GLU B 778 18.72 16.81 -12.70
C GLU B 778 18.14 18.14 -13.18
N LEU B 779 17.63 18.15 -14.40
CA LEU B 779 17.07 19.38 -14.96
C LEU B 779 15.55 19.37 -14.87
N PRO B 780 14.94 20.51 -14.59
CA PRO B 780 13.48 20.59 -14.56
C PRO B 780 12.90 20.74 -15.96
N ASP B 781 11.61 20.41 -16.07
CA ASP B 781 10.91 20.61 -17.33
C ASP B 781 10.79 22.08 -17.67
N ASN B 782 10.65 22.94 -16.67
CA ASN B 782 10.63 24.39 -16.85
C ASN B 782 12.01 24.92 -16.48
N ILE B 783 12.80 25.26 -17.50
CA ILE B 783 14.14 25.81 -17.29
C ILE B 783 13.99 27.25 -16.80
N PRO B 784 14.51 27.59 -15.63
CA PRO B 784 14.39 28.97 -15.15
C PRO B 784 15.20 29.94 -16.00
N ILE B 785 14.76 31.20 -16.02
CA ILE B 785 15.51 32.24 -16.71
C ILE B 785 16.68 32.74 -15.89
N GLY B 786 16.74 32.40 -14.60
CA GLY B 786 17.92 32.64 -13.79
C GLY B 786 17.88 33.92 -12.99
N ARG B 787 19.08 34.32 -12.52
CA ARG B 787 19.47 35.47 -11.72
C ARG B 787 19.90 36.62 -12.63
N PRO B 788 19.68 37.86 -12.20
CA PRO B 788 20.01 39.01 -13.05
C PRO B 788 21.51 39.15 -13.26
N VAL B 789 21.85 39.86 -14.33
CA VAL B 789 23.25 40.07 -14.72
C VAL B 789 23.77 41.32 -14.02
N ASP B 790 24.98 41.74 -14.39
CA ASP B 790 25.65 42.84 -13.69
C ASP B 790 24.91 44.15 -13.85
N ASN B 791 24.79 44.91 -12.75
CA ASN B 791 24.27 46.27 -12.74
C ASN B 791 22.83 46.35 -13.25
N THR B 792 22.08 45.26 -13.11
CA THR B 792 20.66 45.24 -13.50
C THR B 792 19.86 44.60 -12.38
N THR B 793 18.69 45.17 -12.11
CA THR B 793 17.79 44.69 -11.07
C THR B 793 16.50 44.16 -11.70
N MET B 794 15.94 43.13 -11.07
CA MET B 794 14.71 42.51 -11.52
C MET B 794 13.66 42.60 -10.41
N TYR B 795 12.42 42.88 -10.80
CA TYR B 795 11.33 42.99 -9.85
C TYR B 795 10.09 42.32 -10.41
N VAL B 796 9.31 41.69 -9.54
CA VAL B 796 8.04 41.07 -9.89
C VAL B 796 6.96 41.80 -9.11
N LEU B 797 6.19 42.64 -9.81
CA LEU B 797 5.23 43.53 -9.17
C LEU B 797 3.81 43.14 -9.53
N ASP B 798 2.88 43.56 -8.67
CA ASP B 798 1.46 43.33 -8.89
C ASP B 798 0.87 44.51 -9.67
N ALA B 799 -0.46 44.67 -9.63
CA ALA B 799 -1.09 45.74 -10.40
C ALA B 799 -0.81 47.11 -9.79
N HIS B 800 -0.60 47.17 -8.48
CA HIS B 800 -0.29 48.42 -7.80
C HIS B 800 1.19 48.77 -7.84
N GLY B 801 2.02 47.97 -8.52
CA GLY B 801 3.43 48.24 -8.58
C GLY B 801 4.22 47.87 -7.36
N GLN B 802 3.73 46.93 -6.55
CA GLN B 802 4.39 46.51 -5.33
C GLN B 802 4.92 45.08 -5.46
N PRO B 803 6.04 44.77 -4.82
CA PRO B 803 6.62 43.43 -4.95
C PRO B 803 5.71 42.37 -4.35
N VAL B 804 5.44 41.33 -5.13
CA VAL B 804 4.62 40.20 -4.68
C VAL B 804 5.50 39.25 -3.88
N PRO B 805 4.92 38.40 -3.02
CA PRO B 805 5.74 37.45 -2.26
C PRO B 805 6.40 36.43 -3.16
N THR B 806 7.25 35.61 -2.55
CA THR B 806 7.96 34.56 -3.27
C THR B 806 6.98 33.49 -3.74
N GLY B 807 7.09 33.12 -5.02
CA GLY B 807 6.21 32.13 -5.61
C GLY B 807 4.95 32.68 -6.23
N VAL B 808 4.66 33.96 -6.03
CA VAL B 808 3.47 34.59 -6.58
C VAL B 808 3.82 35.20 -7.94
N ALA B 809 2.92 35.04 -8.90
CA ALA B 809 3.14 35.56 -10.25
C ALA B 809 2.85 37.04 -10.31
N GLY B 810 3.62 37.75 -11.14
CA GLY B 810 3.44 39.17 -11.35
C GLY B 810 4.17 39.61 -12.60
N GLU B 811 4.08 40.90 -12.90
CA GLU B 811 4.70 41.44 -14.10
C GLU B 811 6.18 41.69 -13.86
N ILE B 812 7.02 41.20 -14.75
CA ILE B 812 8.47 41.34 -14.63
C ILE B 812 8.85 42.77 -14.99
N HIS B 813 9.56 43.43 -14.08
CA HIS B 813 10.08 44.78 -14.30
C HIS B 813 11.60 44.74 -14.26
N ILE B 814 12.23 45.41 -15.22
CA ILE B 814 13.67 45.45 -15.35
C ILE B 814 14.17 46.85 -15.03
N GLY B 815 15.26 46.93 -14.26
CA GLY B 815 15.88 48.20 -13.97
C GLY B 815 17.39 48.10 -14.12
N GLY B 816 18.04 49.26 -14.10
CA GLY B 816 19.49 49.31 -14.18
C GLY B 816 20.00 50.09 -15.37
N VAL B 817 21.24 49.80 -15.78
CA VAL B 817 21.88 50.54 -16.86
C VAL B 817 21.53 50.03 -18.25
N GLN B 818 21.03 48.79 -18.35
CA GLN B 818 20.69 48.22 -19.66
C GLN B 818 19.29 48.58 -20.13
N VAL B 819 18.54 49.38 -19.37
CA VAL B 819 17.24 49.85 -19.82
C VAL B 819 17.43 50.83 -20.95
N ALA B 820 16.78 50.57 -22.08
CA ALA B 820 16.95 51.39 -23.27
C ALA B 820 16.40 52.80 -23.03
N ARG B 821 16.76 53.72 -23.93
CA ARG B 821 16.29 55.10 -23.81
C ARG B 821 14.79 55.20 -24.05
N GLY B 822 14.24 54.33 -24.88
CA GLY B 822 12.81 54.33 -25.18
C GLY B 822 12.59 53.97 -26.63
N TYR B 823 11.38 54.27 -27.11
CA TYR B 823 11.01 54.02 -28.49
C TYR B 823 11.19 55.28 -29.32
N LEU B 824 11.76 55.12 -30.51
CA LEU B 824 12.07 56.26 -31.36
C LEU B 824 10.79 56.85 -31.95
N GLY B 825 10.60 58.15 -31.75
CA GLY B 825 9.48 58.85 -32.32
C GLY B 825 8.14 58.59 -31.67
N ARG B 826 8.11 57.85 -30.56
CA ARG B 826 6.87 57.52 -29.86
C ARG B 826 7.09 57.76 -28.37
N PRO B 827 6.99 59.02 -27.92
CA PRO B 827 7.28 59.31 -26.50
C PRO B 827 6.20 58.85 -25.54
N GLU B 828 4.94 58.81 -25.97
CA GLU B 828 3.86 58.45 -25.05
C GLU B 828 3.92 56.97 -24.69
N LEU B 829 4.18 56.10 -25.67
CA LEU B 829 4.38 54.70 -25.37
C LEU B 829 5.61 54.48 -24.50
N THR B 830 6.60 55.36 -24.62
CA THR B 830 7.79 55.27 -23.77
C THR B 830 7.44 55.58 -22.32
N ARG B 831 6.64 56.63 -22.09
CA ARG B 831 6.24 56.96 -20.72
C ARG B 831 5.43 55.85 -20.08
N GLU B 832 4.72 55.07 -20.87
CA GLU B 832 3.86 54.02 -20.32
C GLU B 832 4.66 52.79 -19.92
N ARG B 833 5.69 52.43 -20.70
CA ARG B 833 6.45 51.22 -20.44
C ARG B 833 7.80 51.47 -19.79
N PHE B 834 8.30 52.70 -19.82
CA PHE B 834 9.56 53.07 -19.17
C PHE B 834 9.22 54.02 -18.02
N VAL B 835 8.88 53.44 -16.88
CA VAL B 835 8.36 54.18 -15.74
C VAL B 835 9.50 54.50 -14.78
N PRO B 836 9.34 55.47 -13.87
CA PRO B 836 10.40 55.75 -12.89
C PRO B 836 10.65 54.56 -11.98
N ASP B 837 11.91 54.42 -11.55
CA ASP B 837 12.31 53.31 -10.70
C ASP B 837 12.41 53.77 -9.26
N PRO B 838 11.46 53.41 -8.39
CA PRO B 838 11.54 53.86 -6.99
C PRO B 838 12.48 53.03 -6.12
N TYR B 839 12.92 51.86 -6.58
CA TYR B 839 13.75 50.97 -5.79
C TYR B 839 15.24 51.19 -6.00
N ALA B 840 15.63 52.17 -6.82
CA ALA B 840 17.04 52.36 -7.14
C ALA B 840 17.75 53.33 -6.21
N GLY B 841 17.06 54.35 -5.73
CA GLY B 841 17.74 55.36 -4.94
C GLY B 841 18.67 56.24 -5.72
N ARG B 842 18.54 56.26 -7.04
CA ARG B 842 19.33 57.06 -7.96
C ARG B 842 18.56 58.31 -8.35
N PRO B 843 19.20 59.25 -9.08
CA PRO B 843 18.47 60.45 -9.51
C PRO B 843 17.24 60.15 -10.35
N GLY B 844 17.46 59.74 -11.61
CA GLY B 844 16.35 59.48 -12.50
C GLY B 844 16.39 58.12 -13.16
N ALA B 845 16.68 57.08 -12.37
CA ALA B 845 16.67 55.72 -12.90
C ALA B 845 15.27 55.32 -13.31
N ARG B 846 15.17 54.49 -14.36
CA ARG B 846 13.90 54.09 -14.91
C ARG B 846 13.73 52.57 -14.82
N LEU B 847 12.50 52.13 -15.06
CA LEU B 847 12.11 50.73 -14.93
C LEU B 847 11.27 50.37 -16.14
N TYR B 848 11.62 49.28 -16.81
CA TYR B 848 10.91 48.84 -18.02
C TYR B 848 9.86 47.80 -17.68
N LYS B 849 8.63 48.05 -18.11
CA LYS B 849 7.55 47.08 -17.97
C LYS B 849 7.60 46.11 -19.14
N THR B 850 7.92 44.85 -18.85
CA THR B 850 8.09 43.86 -19.91
C THR B 850 6.77 43.28 -20.40
N GLY B 851 5.71 43.36 -19.60
CA GLY B 851 4.48 42.67 -19.95
C GLY B 851 4.56 41.16 -19.83
N ASP B 852 5.66 40.64 -19.29
CA ASP B 852 5.85 39.21 -19.13
C ASP B 852 5.50 38.80 -17.70
N LEU B 853 4.98 37.59 -17.56
CA LEU B 853 4.57 37.04 -16.27
C LEU B 853 5.69 36.17 -15.71
N GLY B 854 6.00 36.36 -14.44
CA GLY B 854 7.06 35.58 -13.81
C GLY B 854 6.88 35.57 -12.30
N ARG B 855 7.75 34.79 -11.65
CA ARG B 855 7.71 34.68 -10.20
C ARG B 855 9.09 34.30 -9.69
N TRP B 856 9.38 34.70 -8.46
CA TRP B 856 10.64 34.33 -7.81
C TRP B 856 10.53 32.93 -7.22
N LEU B 857 11.58 32.15 -7.40
CA LEU B 857 11.68 30.83 -6.81
C LEU B 857 12.39 30.90 -5.46
N PRO B 858 12.17 29.90 -4.59
CA PRO B 858 12.84 29.95 -3.28
C PRO B 858 14.35 29.99 -3.35
N ASP B 859 14.95 29.49 -4.44
CA ASP B 859 16.41 29.49 -4.58
C ASP B 859 16.94 30.80 -5.14
N GLY B 860 16.12 31.84 -5.21
CA GLY B 860 16.58 33.13 -5.72
C GLY B 860 16.68 33.22 -7.22
N THR B 861 15.87 32.46 -7.95
CA THR B 861 15.86 32.48 -9.40
C THR B 861 14.47 32.84 -9.91
N LEU B 862 14.42 33.34 -11.14
CA LEU B 862 13.18 33.73 -11.78
C LEU B 862 12.68 32.62 -12.70
N GLU B 863 11.36 32.53 -12.82
CA GLU B 863 10.71 31.53 -13.67
C GLU B 863 9.79 32.25 -14.66
N TYR B 864 9.95 31.94 -15.94
CA TYR B 864 9.14 32.56 -16.98
C TYR B 864 7.78 31.89 -17.05
N LEU B 865 6.72 32.69 -17.11
CA LEU B 865 5.35 32.19 -17.11
C LEU B 865 4.55 32.69 -18.31
N GLY B 866 5.22 33.17 -19.35
CA GLY B 866 4.55 33.65 -20.53
C GLY B 866 4.13 35.10 -20.44
N ARG B 867 3.47 35.55 -21.51
CA ARG B 867 3.00 36.92 -21.59
C ARG B 867 1.72 37.11 -20.77
N ASN B 868 1.30 38.37 -20.65
CA ASN B 868 0.04 38.65 -19.97
C ASN B 868 -1.15 38.44 -20.91
N ASP B 869 -0.98 38.73 -22.19
CA ASP B 869 -2.05 38.57 -23.17
C ASP B 869 -2.16 37.15 -23.69
N HIS B 870 -1.20 36.28 -23.40
CA HIS B 870 -1.21 34.90 -23.86
C HIS B 870 -1.53 33.91 -22.72
N GLN B 871 -2.23 34.38 -21.69
CA GLN B 871 -2.56 33.53 -20.56
C GLN B 871 -3.81 32.72 -20.86
N VAL B 872 -3.75 31.42 -20.58
CA VAL B 872 -4.84 30.49 -20.81
C VAL B 872 -5.45 30.14 -19.46
N LYS B 873 -6.78 30.18 -19.38
CA LYS B 873 -7.49 29.87 -18.14
C LYS B 873 -8.67 28.96 -18.44
N ILE B 874 -8.69 27.80 -17.80
CA ILE B 874 -9.81 26.87 -17.88
C ILE B 874 -10.46 26.82 -16.49
N ARG B 875 -11.76 27.11 -16.44
CA ARG B 875 -12.52 27.11 -15.19
C ARG B 875 -11.94 28.10 -14.18
N GLY B 876 -11.51 29.26 -14.67
CA GLY B 876 -10.92 30.26 -13.81
C GLY B 876 -9.59 29.87 -13.20
N LEU B 877 -8.87 28.98 -13.87
CA LEU B 877 -7.61 28.42 -13.35
C LEU B 877 -6.54 28.56 -14.43
N ARG B 878 -5.44 29.22 -14.09
CA ARG B 878 -4.35 29.39 -15.03
C ARG B 878 -3.75 28.05 -15.41
N ILE B 879 -3.45 27.88 -16.70
CA ILE B 879 -2.97 26.61 -17.24
C ILE B 879 -1.60 26.85 -17.86
N GLU B 880 -0.62 26.03 -17.47
CA GLU B 880 0.70 26.04 -18.07
C GLU B 880 0.70 25.05 -19.23
N LEU B 881 0.63 25.58 -20.45
CA LEU B 881 0.56 24.73 -21.63
C LEU B 881 1.80 23.88 -21.82
N GLY B 882 2.94 24.31 -21.27
CA GLY B 882 4.16 23.53 -21.39
C GLY B 882 4.08 22.19 -20.68
N GLU B 883 3.26 22.11 -19.63
CA GLU B 883 3.09 20.83 -18.93
C GLU B 883 2.31 19.84 -19.76
N ILE B 884 1.45 20.32 -20.66
CA ILE B 884 0.72 19.43 -21.55
C ILE B 884 1.61 19.00 -22.71
N GLU B 885 2.45 19.90 -23.22
CA GLU B 885 3.32 19.58 -24.34
C GLU B 885 4.39 18.57 -23.93
N ALA B 886 4.94 18.71 -22.72
CA ALA B 886 5.96 17.78 -22.26
C ALA B 886 5.39 16.39 -22.02
N GLN B 887 4.13 16.30 -21.56
CA GLN B 887 3.54 15.00 -21.32
C GLN B 887 3.19 14.29 -22.63
N LEU B 888 2.92 15.06 -23.69
CA LEU B 888 2.68 14.44 -24.99
C LEU B 888 3.98 13.92 -25.60
N ALA B 889 5.09 14.63 -25.37
CA ALA B 889 6.37 14.20 -25.92
C ALA B 889 6.86 12.90 -25.28
N ARG B 890 6.48 12.65 -24.03
CA ARG B 890 6.85 11.40 -23.38
C ARG B 890 6.05 10.22 -23.92
N GLN B 891 4.97 10.47 -24.64
CA GLN B 891 4.14 9.39 -25.15
C GLN B 891 4.87 8.65 -26.26
N PRO B 892 4.73 7.33 -26.35
CA PRO B 892 5.40 6.58 -27.41
C PRO B 892 4.81 6.93 -28.78
N GLY B 893 5.69 7.23 -29.73
CA GLY B 893 5.30 7.60 -31.07
C GLY B 893 5.24 9.08 -31.34
N VAL B 894 5.54 9.93 -30.36
CA VAL B 894 5.49 11.37 -30.50
C VAL B 894 6.90 11.93 -30.36
N ARG B 895 7.32 12.72 -31.34
CA ARG B 895 8.63 13.37 -31.31
C ARG B 895 8.58 14.67 -30.53
N GLU B 896 7.80 15.64 -31.01
CA GLU B 896 7.61 16.93 -30.36
C GLU B 896 6.12 17.24 -30.32
N ALA B 897 5.76 18.22 -29.49
CA ALA B 897 4.35 18.54 -29.30
C ALA B 897 4.18 20.02 -28.97
N VAL B 898 3.10 20.60 -29.48
CA VAL B 898 2.72 21.98 -29.19
C VAL B 898 1.21 22.02 -28.96
N VAL B 899 0.78 22.68 -27.90
CA VAL B 899 -0.63 22.76 -27.53
C VAL B 899 -1.04 24.23 -27.55
N LEU B 900 -2.17 24.52 -28.18
CA LEU B 900 -2.69 25.88 -28.29
C LEU B 900 -4.12 25.92 -27.76
N ALA B 901 -4.55 27.13 -27.41
CA ALA B 901 -5.88 27.38 -26.85
C ALA B 901 -6.69 28.16 -27.88
N ARG B 902 -7.44 27.44 -28.71
CA ARG B 902 -8.23 28.06 -29.78
C ARG B 902 -9.47 28.72 -29.18
N GLN B 903 -9.52 30.05 -29.22
CA GLN B 903 -10.70 30.78 -28.79
C GLN B 903 -11.87 30.54 -29.75
N ASP B 904 -12.72 29.56 -29.45
CA ASP B 904 -13.87 29.28 -30.30
C ASP B 904 -15.03 30.22 -29.99
N ARG B 905 -16.23 29.68 -29.92
CA ARG B 905 -17.40 30.50 -29.61
C ARG B 905 -17.45 30.92 -28.14
N PRO B 906 -17.36 30.01 -27.15
CA PRO B 906 -17.67 30.40 -25.76
C PRO B 906 -16.52 31.11 -25.06
N GLY B 907 -16.54 31.06 -23.73
CA GLY B 907 -15.49 31.63 -22.91
C GLY B 907 -14.50 30.58 -22.45
N ASP B 908 -14.87 29.30 -22.62
CA ASP B 908 -13.89 28.25 -22.36
C ASP B 908 -13.27 27.81 -23.68
N PRO B 909 -11.94 27.79 -23.79
CA PRO B 909 -11.31 27.48 -25.06
C PRO B 909 -11.19 25.98 -25.32
N ARG B 910 -10.93 25.66 -26.57
CA ARG B 910 -10.77 24.27 -27.01
C ARG B 910 -9.29 23.97 -27.19
N LEU B 911 -8.79 23.01 -26.44
CA LEU B 911 -7.38 22.64 -26.49
C LEU B 911 -7.13 21.73 -27.68
N VAL B 912 -6.24 22.16 -28.58
CA VAL B 912 -5.85 21.39 -29.74
C VAL B 912 -4.34 21.17 -29.68
N ALA B 913 -3.91 19.94 -29.92
CA ALA B 913 -2.50 19.57 -29.85
C ALA B 913 -1.93 19.37 -31.25
N TYR B 914 -0.70 19.84 -31.44
CA TYR B 914 0.01 19.70 -32.70
C TYR B 914 1.26 18.85 -32.47
N LEU B 915 1.45 17.84 -33.31
CA LEU B 915 2.43 16.80 -33.05
C LEU B 915 3.38 16.61 -34.22
N LEU B 916 4.65 16.38 -33.90
CA LEU B 916 5.63 15.86 -34.85
C LEU B 916 5.80 14.38 -34.57
N ALA B 917 5.63 13.56 -35.59
CA ALA B 917 5.58 12.11 -35.41
C ALA B 917 6.97 11.49 -35.56
N GLU B 918 7.17 10.38 -34.86
CA GLU B 918 8.40 9.62 -35.00
C GLU B 918 8.44 8.94 -36.38
N PRO B 919 9.64 8.69 -36.91
CA PRO B 919 9.74 8.01 -38.21
C PRO B 919 9.15 6.61 -38.22
N ALA B 920 8.96 6.00 -37.06
CA ALA B 920 8.42 4.65 -36.99
C ALA B 920 6.97 4.60 -37.42
N ALA B 921 6.07 5.13 -36.58
CA ALA B 921 4.65 5.09 -36.87
C ALA B 921 4.01 6.43 -36.51
N ALA B 922 2.76 6.59 -36.93
CA ALA B 922 1.93 7.77 -36.68
C ALA B 922 1.09 7.57 -35.42
N PRO B 923 0.91 8.63 -34.63
CA PRO B 923 0.17 8.48 -33.37
C PRO B 923 -1.32 8.37 -33.57
N ASP B 924 -1.96 7.63 -32.67
CA ASP B 924 -3.41 7.45 -32.67
C ASP B 924 -4.04 8.37 -31.63
N ALA B 925 -5.23 8.88 -31.95
CA ALA B 925 -5.89 9.84 -31.06
C ALA B 925 -6.39 9.18 -29.79
N GLN B 926 -7.01 7.99 -29.91
CA GLN B 926 -7.51 7.30 -28.72
C GLN B 926 -6.36 6.85 -27.82
N VAL B 927 -5.27 6.37 -28.41
CA VAL B 927 -4.11 5.98 -27.62
C VAL B 927 -3.54 7.18 -26.87
N LEU B 928 -3.54 8.35 -27.53
CA LEU B 928 -3.00 9.54 -26.90
C LEU B 928 -3.93 10.07 -25.81
N ARG B 929 -5.24 10.07 -26.06
CA ARG B 929 -6.15 10.67 -25.09
C ARG B 929 -6.36 9.79 -23.87
N ALA B 930 -6.40 8.47 -24.06
CA ALA B 930 -6.67 7.57 -22.94
C ALA B 930 -5.52 7.60 -21.93
N ALA B 931 -4.28 7.43 -22.40
CA ALA B 931 -3.14 7.40 -21.51
C ALA B 931 -2.75 8.78 -21.00
N LEU B 932 -3.16 9.85 -21.69
CA LEU B 932 -2.95 11.19 -21.18
C LEU B 932 -4.03 11.61 -20.18
N MET B 933 -5.18 10.94 -20.20
CA MET B 933 -6.23 11.22 -19.23
C MET B 933 -5.84 10.77 -17.83
N GLN B 934 -4.98 9.77 -17.73
CA GLN B 934 -4.55 9.26 -16.43
C GLN B 934 -3.49 10.12 -15.78
N VAL B 935 -2.64 10.76 -16.58
CA VAL B 935 -1.54 11.56 -16.05
C VAL B 935 -1.98 12.99 -15.77
N LEU B 936 -2.85 13.56 -16.62
CA LEU B 936 -3.29 14.93 -16.50
C LEU B 936 -4.78 15.00 -16.19
N PRO B 937 -5.25 16.07 -15.57
CA PRO B 937 -6.69 16.20 -15.30
C PRO B 937 -7.49 16.31 -16.59
N GLU B 938 -8.81 16.24 -16.44
CA GLU B 938 -9.69 16.22 -17.61
C GLU B 938 -9.63 17.53 -18.38
N TYR B 939 -9.51 18.66 -17.68
CA TYR B 939 -9.53 19.96 -18.34
C TYR B 939 -8.20 20.30 -19.00
N MET B 940 -7.18 19.46 -18.87
CA MET B 940 -5.89 19.67 -19.50
C MET B 940 -5.66 18.75 -20.70
N VAL B 941 -6.57 17.82 -20.96
CA VAL B 941 -6.40 16.91 -22.09
C VAL B 941 -6.91 17.59 -23.36
N PRO B 942 -6.12 17.61 -24.43
CA PRO B 942 -6.60 18.24 -25.67
C PRO B 942 -7.78 17.50 -26.26
N ALA B 943 -8.57 18.24 -27.04
CA ALA B 943 -9.75 17.68 -27.69
C ALA B 943 -9.42 17.05 -29.04
N ALA B 944 -8.50 17.64 -29.79
CA ALA B 944 -8.10 17.13 -31.09
C ALA B 944 -6.57 17.09 -31.16
N TYR B 945 -6.07 16.12 -31.94
CA TYR B 945 -4.63 15.92 -32.10
C TYR B 945 -4.31 15.93 -33.59
N VAL B 946 -3.28 16.71 -33.95
CA VAL B 946 -2.91 16.94 -35.35
C VAL B 946 -1.44 16.64 -35.54
N ALA B 947 -1.12 15.86 -36.56
CA ALA B 947 0.26 15.52 -36.89
C ALA B 947 0.76 16.40 -38.03
N MET B 948 2.01 16.84 -37.90
CA MET B 948 2.64 17.71 -38.89
C MET B 948 4.03 17.19 -39.22
N PRO B 949 4.54 17.47 -40.42
CA PRO B 949 5.91 17.04 -40.74
C PRO B 949 6.97 17.83 -40.02
N ALA B 950 6.80 19.14 -39.91
CA ALA B 950 7.79 19.99 -39.24
C ALA B 950 7.09 21.26 -38.76
N TRP B 951 7.78 21.98 -37.87
CA TRP B 951 7.21 23.21 -37.32
C TRP B 951 7.44 24.38 -38.30
N PRO B 952 6.47 25.27 -38.43
CA PRO B 952 6.72 26.53 -39.15
C PRO B 952 7.47 27.51 -38.27
N LEU B 953 8.41 28.23 -38.86
CA LEU B 953 9.34 29.05 -38.11
C LEU B 953 9.27 30.50 -38.54
N THR B 954 9.64 31.39 -37.61
CA THR B 954 9.74 32.81 -37.87
C THR B 954 11.09 33.12 -38.52
N PRO B 955 11.27 34.33 -39.05
CA PRO B 955 12.59 34.69 -39.61
C PRO B 955 13.73 34.54 -38.62
N ASN B 956 13.50 34.77 -37.32
CA ASN B 956 14.53 34.61 -36.31
C ASN B 956 14.67 33.17 -35.83
N GLY B 957 13.95 32.22 -36.45
CA GLY B 957 14.06 30.83 -36.10
C GLY B 957 13.13 30.35 -35.00
N LYS B 958 12.33 31.24 -34.42
CA LYS B 958 11.43 30.83 -33.35
C LYS B 958 10.24 30.07 -33.92
N LEU B 959 9.46 29.47 -33.01
CA LEU B 959 8.27 28.72 -33.40
C LEU B 959 7.13 29.69 -33.71
N ASP B 960 6.57 29.57 -34.91
CA ASP B 960 5.48 30.45 -35.35
C ASP B 960 4.16 29.76 -35.06
N ARG B 961 3.64 29.99 -33.86
CA ARG B 961 2.35 29.41 -33.48
C ARG B 961 1.19 30.04 -34.23
N LYS B 962 1.36 31.26 -34.75
CA LYS B 962 0.33 31.86 -35.57
C LYS B 962 0.10 31.08 -36.86
N ALA B 963 1.13 30.38 -37.34
CA ALA B 963 1.03 29.59 -38.57
C ALA B 963 0.43 28.21 -38.35
N LEU B 964 0.21 27.80 -37.10
CA LEU B 964 -0.38 26.51 -36.81
C LEU B 964 -1.89 26.55 -37.01
#